data_9HQU
#
_entry.id   9HQU
#
_cell.length_a   1.00
_cell.length_b   1.00
_cell.length_c   1.00
_cell.angle_alpha   90.00
_cell.angle_beta   90.00
_cell.angle_gamma   90.00
#
_symmetry.space_group_name_H-M   'P 1'
#
loop_
_entity.id
_entity.type
_entity.pdbx_description
1 polymer 'DUF3732 domain-containing protein'
2 polymer 'ABC-three component systems C-terminal domain-containing protein'
3 polymer LmuC
#
loop_
_entity_poly.entity_id
_entity_poly.type
_entity_poly.pdbx_seq_one_letter_code
_entity_poly.pdbx_strand_id
1 'polypeptide(L)'
;MYFQIRGIILWPRNKNFKPHTIRFELGKVNVISGASRTGKSAVIPIIDYCLGANTCSIPVKTIRKYCEWFGIVVATEQGE
KLLARKEPGNQRSTTDMFVLEAENITSIPIRLEKNTNVIAVKRMLDDLANLSNLDFSGGDENSGFDGRPAFRDLAAFTFQ
PQNVVANPDVLFFKTNTYEHREKLRKIFPYVLGAITSELMAKQFELNRIRLFLRRKERELKDAQDVSAQWLADLKSKYSE
AQELGLVPKPQEQLSRKQMISQLEEVISRTDLTLKVTVSTISDALSELNTLESEERLVSRELTTMRHRLEEMNRLRVGMH
QYENALLMQRDRLKISGWLLSNTNDESDCPMCGSHTDSAKQKLQALVQRLSDVEAAVGADAHKEVPAAFDRELQRVTTEV
ANATERLRAIQSRKRTLTSRSKEAREQQFSTRRAERFIGNVESALELHRKLGSDSELVEEVRKLKEMVQTLEKELREKDV
ELRKNQALRVINAQAGNILQGLDVEDPSAPISLEINDLTIKVLGDERDDYLSEIGSGSNWLSYHLAILLSLHQFYLSQKN
NPVPSFLILDQPSQVYFPKTTQLPNIANEDEPKLRDEDVEAVRRAFKAMGNVVIKEKGKLQLIVLDHAPREVWGEIDGVV
GLPEWRDGIKLVPMEWLTGV
;
A,B
2 'polypeptide(L)'
;MAISKTNGQSKPKRKTEVPGQALGYSLQFTLLTHLLLQAPEGSLCSLEVLDDVAQENNSGDIKFIQSKSALTANPAADRA
KSLWKTLSNWIDLATSPDFEVEKAIFELYVSRPVEGSIVKKFNEAKTPEDAQEAITHARTELWGDSPHFTLKDGISKEIS
KYVEKVFTADQNLLQRLICNFQLTLGSGSPQADLEACVRSHPVSPSKVSDITNYLCGKVKRHIDMLLEAEKPAVIARDDF
YTWYKAYVQKIDRQMVLSSRAQAPVKEKAQEYLPDKFVQQLEIIGLPYEEILGAISDYLMASFDRTDWAARGEVDETSFD
DLDTALQRTWKNKQRICGLTHSEKSEQDQGKLLYFECMQFNIPLQAMSPPSHFIPGCYHILADSLAVGWHPNYTTQLKNK
KVA
;
C
3 'polypeptide(L)'
;MLAREAQNIQNPALGAALVWRFCCGYVKTNRVSAPPPLPFLFLVLPIILHQETSEFVKRTYKSSGLRAFAAKFGDSSVSK
QDLLFQIHERSIRWRQLSLRSIELAVASDLLKLQDGSDVIPLSKTKARGLSDEVKTLMDLAEKLGSWFGELSIHEVVTTL
KVKL
;
D
#
# COMPACT_ATOMS: atom_id res chain seq x y z
N MET A 1 -19.71 6.36 -10.81
CA MET A 1 -19.45 7.48 -9.88
C MET A 1 -20.21 8.70 -10.34
N TYR A 2 -21.04 9.26 -9.46
CA TYR A 2 -21.81 10.44 -9.78
C TYR A 2 -20.94 11.68 -9.59
N PHE A 3 -20.66 12.39 -10.68
CA PHE A 3 -19.79 13.56 -10.63
C PHE A 3 -20.07 14.38 -11.87
N GLN A 4 -20.67 15.56 -11.70
CA GLN A 4 -21.12 16.36 -12.83
C GLN A 4 -20.73 17.82 -12.61
N ILE A 5 -20.77 18.60 -13.68
CA ILE A 5 -20.42 20.01 -13.66
C ILE A 5 -21.70 20.82 -13.71
N ARG A 6 -21.82 21.81 -12.81
CA ARG A 6 -22.99 22.67 -12.75
C ARG A 6 -22.77 23.99 -13.44
N GLY A 7 -21.60 24.61 -13.27
CA GLY A 7 -21.37 25.91 -13.87
C GLY A 7 -19.92 26.32 -13.73
N ILE A 8 -19.59 27.41 -14.41
CA ILE A 8 -18.28 28.03 -14.39
C ILE A 8 -18.43 29.45 -13.88
N ILE A 9 -17.37 29.98 -13.28
CA ILE A 9 -17.41 31.30 -12.64
C ILE A 9 -16.12 32.04 -12.92
N LEU A 10 -16.23 33.36 -13.06
CA LEU A 10 -15.08 34.23 -13.26
C LEU A 10 -15.16 35.42 -12.32
N TRP A 11 -14.01 35.78 -11.75
CA TRP A 11 -13.90 36.96 -10.88
C TRP A 11 -13.16 38.05 -11.62
N PRO A 12 -13.77 39.20 -11.89
CA PRO A 12 -13.06 40.24 -12.65
C PRO A 12 -11.82 40.72 -11.90
N ARG A 13 -10.76 40.96 -12.66
CA ARG A 13 -9.54 41.52 -12.06
C ARG A 13 -9.80 42.89 -11.47
N ASN A 14 -10.47 43.75 -12.23
CA ASN A 14 -10.86 45.07 -11.74
C ASN A 14 -11.97 44.87 -10.72
N LYS A 15 -11.84 45.50 -9.55
CA LYS A 15 -12.71 45.22 -8.42
C LYS A 15 -13.89 46.21 -8.44
N ASN A 16 -14.68 46.13 -9.51
CA ASN A 16 -15.83 47.00 -9.66
C ASN A 16 -17.06 46.29 -10.23
N PHE A 17 -17.03 44.97 -10.39
CA PHE A 17 -18.14 44.25 -11.00
C PHE A 17 -18.34 42.93 -10.28
N LYS A 18 -19.51 42.35 -10.47
CA LYS A 18 -19.83 41.05 -9.89
C LYS A 18 -19.17 39.94 -10.70
N PRO A 19 -18.94 38.78 -10.09
CA PRO A 19 -18.43 37.65 -10.86
C PRO A 19 -19.45 37.17 -11.86
N HIS A 20 -18.96 36.63 -12.98
CA HIS A 20 -19.81 36.17 -14.06
C HIS A 20 -19.94 34.65 -14.00
N THR A 21 -21.17 34.16 -14.07
CA THR A 21 -21.46 32.75 -13.90
C THR A 21 -22.15 32.21 -15.14
N ILE A 22 -21.72 31.03 -15.59
CA ILE A 22 -22.36 30.31 -16.67
C ILE A 22 -22.86 28.99 -16.10
N ARG A 23 -24.18 28.79 -16.10
CA ARG A 23 -24.80 27.67 -15.41
C ARG A 23 -25.25 26.62 -16.41
N PHE A 24 -24.68 25.43 -16.34
CA PHE A 24 -25.16 24.30 -17.12
C PHE A 24 -26.33 23.65 -16.40
N GLU A 25 -26.83 22.56 -17.00
CA GLU A 25 -27.92 21.79 -16.43
C GLU A 25 -27.47 20.35 -16.25
N LEU A 26 -27.87 19.74 -15.14
CA LEU A 26 -27.45 18.37 -14.86
C LEU A 26 -28.31 17.37 -15.61
N GLY A 27 -27.66 16.30 -16.08
CA GLY A 27 -28.39 15.21 -16.70
C GLY A 27 -29.04 15.53 -18.02
N LYS A 28 -28.38 16.30 -18.88
CA LYS A 28 -28.89 16.57 -20.22
C LYS A 28 -27.74 16.98 -21.13
N VAL A 29 -28.01 17.00 -22.42
CA VAL A 29 -27.02 17.39 -23.41
C VAL A 29 -26.97 18.92 -23.48
N ASN A 30 -25.85 19.49 -23.08
CA ASN A 30 -25.71 20.95 -22.94
C ASN A 30 -25.02 21.48 -24.19
N VAL A 31 -25.81 21.95 -25.16
CA VAL A 31 -25.29 22.32 -26.48
C VAL A 31 -24.92 23.80 -26.43
N ILE A 32 -23.63 24.08 -26.33
CA ILE A 32 -23.13 25.46 -26.26
C ILE A 32 -22.82 25.89 -27.69
N SER A 33 -23.73 26.61 -28.33
CA SER A 33 -23.51 27.09 -29.68
C SER A 33 -22.43 28.17 -29.64
N GLY A 34 -21.19 27.78 -29.93
CA GLY A 34 -20.09 28.70 -29.80
C GLY A 34 -18.88 28.20 -30.54
N ALA A 35 -17.74 28.80 -30.23
CA ALA A 35 -16.47 28.55 -30.92
C ALA A 35 -16.47 29.10 -32.34
N SER A 36 -17.43 29.96 -32.67
CA SER A 36 -17.57 30.48 -34.01
C SER A 36 -16.50 31.53 -34.31
N ARG A 37 -15.25 31.10 -34.37
CA ARG A 37 -14.13 32.01 -34.64
C ARG A 37 -12.85 31.18 -34.68
N THR A 38 -11.79 31.80 -35.20
CA THR A 38 -10.49 31.16 -35.17
C THR A 38 -9.94 31.17 -33.74
N GLY A 39 -9.03 30.24 -33.48
CA GLY A 39 -8.51 30.05 -32.14
C GLY A 39 -9.20 28.89 -31.45
N LYS A 40 -9.05 28.80 -30.12
CA LYS A 40 -9.56 27.68 -29.36
C LYS A 40 -10.64 28.16 -28.40
N SER A 41 -11.40 27.21 -27.88
CA SER A 41 -12.46 27.53 -26.93
C SER A 41 -11.88 27.91 -25.58
N ALA A 42 -12.63 28.71 -24.83
CA ALA A 42 -12.21 29.15 -23.51
C ALA A 42 -12.78 28.31 -22.38
N VAL A 43 -13.62 27.32 -22.70
CA VAL A 43 -14.24 26.50 -21.66
C VAL A 43 -13.31 25.38 -21.23
N ILE A 44 -12.85 24.59 -22.21
CA ILE A 44 -12.03 23.42 -21.93
C ILE A 44 -10.77 23.84 -21.19
N PRO A 45 -10.09 24.90 -21.59
CA PRO A 45 -8.92 25.34 -20.81
C PRO A 45 -9.25 25.59 -19.35
N ILE A 46 -10.40 26.21 -19.08
CA ILE A 46 -10.75 26.54 -17.70
C ILE A 46 -11.04 25.28 -16.92
N ILE A 47 -11.80 24.35 -17.49
CA ILE A 47 -12.11 23.11 -16.77
C ILE A 47 -10.82 22.35 -16.48
N ASP A 48 -9.92 22.29 -17.45
CA ASP A 48 -8.67 21.56 -17.22
C ASP A 48 -7.82 22.26 -16.17
N TYR A 49 -7.77 23.60 -16.19
CA TYR A 49 -6.96 24.32 -15.23
C TYR A 49 -7.49 24.15 -13.82
N CYS A 50 -8.82 24.17 -13.64
CA CYS A 50 -9.38 24.11 -12.29
C CYS A 50 -9.17 22.75 -11.64
N LEU A 51 -9.05 21.68 -12.44
CA LEU A 51 -8.92 20.34 -11.88
C LEU A 51 -7.46 19.97 -11.67
N GLY A 52 -6.61 20.96 -11.44
CA GLY A 52 -5.25 20.69 -11.03
C GLY A 52 -4.27 20.47 -12.15
N ALA A 53 -4.43 21.17 -13.27
CA ALA A 53 -3.44 21.08 -14.34
C ALA A 53 -2.16 21.77 -13.89
N ASN A 54 -1.04 21.39 -14.48
CA ASN A 54 0.26 21.94 -14.13
C ASN A 54 0.59 23.21 -14.92
N THR A 55 -0.20 23.57 -15.92
CA THR A 55 0.06 24.73 -16.75
C THR A 55 -1.25 25.41 -17.09
N CYS A 56 -1.16 26.69 -17.44
CA CYS A 56 -2.32 27.50 -17.81
C CYS A 56 -2.34 27.64 -19.34
N SER A 57 -3.38 27.10 -19.96
CA SER A 57 -3.58 27.22 -21.39
C SER A 57 -4.64 28.27 -21.74
N ILE A 58 -5.03 29.09 -20.78
CA ILE A 58 -6.09 30.08 -21.02
C ILE A 58 -5.58 31.14 -21.99
N PRO A 59 -6.41 31.66 -22.89
CA PRO A 59 -5.96 32.74 -23.77
C PRO A 59 -5.51 33.95 -22.98
N VAL A 60 -4.21 34.26 -23.05
CA VAL A 60 -3.68 35.39 -22.31
C VAL A 60 -4.05 36.72 -22.92
N LYS A 61 -4.46 36.74 -24.18
CA LYS A 61 -4.72 38.02 -24.85
C LYS A 61 -6.00 38.67 -24.34
N THR A 62 -7.07 37.89 -24.20
CA THR A 62 -8.40 38.46 -24.01
C THR A 62 -9.15 37.97 -22.78
N ILE A 63 -8.55 37.09 -21.96
CA ILE A 63 -9.21 36.60 -20.76
C ILE A 63 -8.35 36.84 -19.54
N ARG A 64 -7.11 36.37 -19.58
CA ARG A 64 -6.24 36.48 -18.41
C ARG A 64 -6.01 37.93 -17.99
N LYS A 65 -6.26 38.88 -18.88
CA LYS A 65 -6.10 40.29 -18.56
C LYS A 65 -7.23 40.83 -17.70
N TYR A 66 -8.42 40.23 -17.79
CA TYR A 66 -9.61 40.84 -17.20
C TYR A 66 -10.07 40.18 -15.90
N CYS A 67 -9.68 38.94 -15.64
CA CYS A 67 -10.15 38.22 -14.47
C CYS A 67 -8.98 37.83 -13.58
N GLU A 68 -9.27 37.66 -12.30
CA GLU A 68 -8.26 37.32 -11.31
C GLU A 68 -8.37 35.89 -10.79
N TRP A 69 -9.57 35.34 -10.68
CA TRP A 69 -9.77 34.00 -10.18
C TRP A 69 -10.73 33.26 -11.10
N PHE A 70 -10.52 31.96 -11.24
CA PHE A 70 -11.39 31.09 -12.02
C PHE A 70 -11.95 30.01 -11.10
N GLY A 71 -13.08 29.44 -11.48
CA GLY A 71 -13.67 28.41 -10.65
C GLY A 71 -14.78 27.65 -11.34
N ILE A 72 -15.04 26.46 -10.80
CA ILE A 72 -16.11 25.60 -11.28
C ILE A 72 -16.88 25.05 -10.08
N VAL A 73 -18.10 24.58 -10.35
CA VAL A 73 -18.97 23.99 -9.35
C VAL A 73 -19.28 22.57 -9.79
N VAL A 74 -19.08 21.61 -8.89
CA VAL A 74 -19.24 20.19 -9.22
C VAL A 74 -20.22 19.57 -8.23
N ALA A 75 -21.19 18.83 -8.77
CA ALA A 75 -22.13 18.07 -7.98
C ALA A 75 -21.63 16.63 -7.84
N THR A 76 -21.49 16.17 -6.61
CA THR A 76 -20.92 14.87 -6.32
C THR A 76 -21.77 14.17 -5.28
N GLU A 77 -21.41 12.92 -4.97
CA GLU A 77 -22.16 12.13 -4.01
C GLU A 77 -22.13 12.73 -2.62
N GLN A 78 -21.23 13.67 -2.35
CA GLN A 78 -21.14 14.33 -1.05
C GLN A 78 -21.75 15.73 -1.05
N GLY A 79 -22.47 16.11 -2.10
CA GLY A 79 -23.01 17.45 -2.19
C GLY A 79 -22.34 18.27 -3.26
N GLU A 80 -22.46 19.58 -3.15
CA GLU A 80 -21.87 20.45 -4.14
C GLU A 80 -20.57 21.04 -3.62
N LYS A 81 -19.60 21.17 -4.51
CA LYS A 81 -18.30 21.71 -4.17
C LYS A 81 -17.88 22.76 -5.18
N LEU A 82 -17.45 23.92 -4.67
CA LEU A 82 -16.88 24.99 -5.46
C LEU A 82 -15.36 24.92 -5.38
N LEU A 83 -14.72 24.79 -6.54
CA LEU A 83 -13.27 24.80 -6.64
C LEU A 83 -12.86 26.05 -7.38
N ALA A 84 -11.75 26.66 -6.97
CA ALA A 84 -11.27 27.87 -7.62
C ALA A 84 -9.75 27.89 -7.60
N ARG A 85 -9.19 28.52 -8.63
CA ARG A 85 -7.76 28.67 -8.79
C ARG A 85 -7.44 30.12 -9.14
N LYS A 86 -6.34 30.62 -8.61
CA LYS A 86 -5.94 32.00 -8.88
C LYS A 86 -5.31 32.11 -10.26
N GLU A 87 -5.55 33.25 -10.91
CA GLU A 87 -4.99 33.48 -12.24
C GLU A 87 -3.46 33.52 -12.15
N PRO A 88 -2.75 32.73 -12.97
CA PRO A 88 -1.29 32.66 -12.79
C PRO A 88 -0.60 34.01 -12.86
N GLY A 89 -1.03 34.90 -13.75
CA GLY A 89 -0.46 36.22 -13.82
C GLY A 89 0.86 36.28 -14.57
N ASN A 90 1.94 36.54 -13.84
CA ASN A 90 3.26 36.70 -14.43
C ASN A 90 4.04 35.39 -14.51
N GLN A 91 3.45 34.28 -14.08
CA GLN A 91 4.10 32.98 -14.15
C GLN A 91 3.19 32.00 -14.88
N ARG A 92 3.82 31.02 -15.53
CA ARG A 92 3.06 30.06 -16.32
C ARG A 92 2.12 29.21 -15.48
N SER A 93 2.36 29.11 -14.17
CA SER A 93 1.54 28.27 -13.32
C SER A 93 1.56 28.80 -11.89
N THR A 94 0.58 28.37 -11.11
CA THR A 94 0.50 28.73 -9.70
C THR A 94 -0.32 27.67 -8.98
N THR A 95 -0.22 27.64 -7.65
CA THR A 95 -0.79 26.56 -6.86
C THR A 95 -1.85 27.02 -5.87
N ASP A 96 -2.09 28.32 -5.73
CA ASP A 96 -3.13 28.79 -4.81
C ASP A 96 -4.48 28.30 -5.28
N MET A 97 -5.31 27.84 -4.34
CA MET A 97 -6.64 27.34 -4.66
C MET A 97 -7.57 27.66 -3.50
N PHE A 98 -8.86 27.62 -3.79
CA PHE A 98 -9.90 27.87 -2.81
C PHE A 98 -10.99 26.83 -2.97
N VAL A 99 -11.50 26.33 -1.83
CA VAL A 99 -12.42 25.20 -1.82
C VAL A 99 -13.59 25.54 -0.91
N LEU A 100 -14.80 25.16 -1.35
CA LEU A 100 -15.99 25.33 -0.53
C LEU A 100 -16.93 24.16 -0.78
N GLU A 101 -17.74 23.82 0.21
CA GLU A 101 -18.68 22.72 0.11
C GLU A 101 -20.02 23.13 0.67
N ALA A 102 -21.08 22.41 0.26
CA ALA A 102 -22.40 22.66 0.82
C ALA A 102 -23.35 21.61 0.29
N GLU A 103 -24.59 21.67 0.80
CA GLU A 103 -25.66 20.86 0.22
C GLU A 103 -26.08 21.41 -1.14
N ASN A 104 -26.21 22.72 -1.25
CA ASN A 104 -26.57 23.36 -2.51
C ASN A 104 -26.04 24.79 -2.48
N ILE A 105 -24.92 25.03 -3.16
CA ILE A 105 -24.31 26.35 -3.16
C ILE A 105 -25.30 27.36 -3.70
N THR A 106 -25.42 28.50 -3.02
CA THR A 106 -26.30 29.57 -3.44
C THR A 106 -25.68 30.95 -3.40
N SER A 107 -24.62 31.15 -2.61
CA SER A 107 -23.96 32.44 -2.51
C SER A 107 -22.50 32.28 -2.91
N ILE A 108 -22.03 33.19 -3.76
CA ILE A 108 -20.64 33.19 -4.24
C ILE A 108 -19.92 34.32 -3.52
N PRO A 109 -18.83 34.04 -2.81
CA PRO A 109 -18.10 35.13 -2.16
C PRO A 109 -17.62 36.16 -3.17
N ILE A 110 -17.71 37.44 -2.78
CA ILE A 110 -17.24 38.49 -3.66
C ILE A 110 -15.71 38.49 -3.72
N ARG A 111 -15.06 38.32 -2.57
CA ARG A 111 -13.60 38.28 -2.47
C ARG A 111 -13.17 36.85 -2.16
N LEU A 112 -12.17 36.37 -2.88
CA LEU A 112 -11.61 35.05 -2.66
C LEU A 112 -10.22 35.16 -2.05
N GLU A 113 -9.89 34.19 -1.21
CA GLU A 113 -8.57 34.09 -0.61
C GLU A 113 -8.11 32.65 -0.63
N LYS A 114 -6.79 32.46 -0.59
CA LYS A 114 -6.24 31.12 -0.64
C LYS A 114 -6.80 30.26 0.47
N ASN A 115 -7.14 29.02 0.13
CA ASN A 115 -7.64 28.05 1.10
C ASN A 115 -6.77 26.81 1.20
N THR A 116 -6.27 26.31 0.08
CA THR A 116 -5.47 25.08 0.05
C THR A 116 -4.46 25.21 -1.07
N ASN A 117 -3.89 24.08 -1.47
CA ASN A 117 -2.99 23.98 -2.61
C ASN A 117 -3.46 22.86 -3.53
N VAL A 118 -2.81 22.75 -4.69
CA VAL A 118 -3.28 21.84 -5.73
C VAL A 118 -3.15 20.39 -5.28
N ILE A 119 -2.05 20.06 -4.60
CA ILE A 119 -1.82 18.67 -4.20
C ILE A 119 -2.95 18.20 -3.27
N ALA A 120 -3.41 19.09 -2.40
CA ALA A 120 -4.52 18.74 -1.51
C ALA A 120 -5.77 18.40 -2.32
N VAL A 121 -6.06 19.19 -3.36
CA VAL A 121 -7.24 18.92 -4.17
C VAL A 121 -7.08 17.62 -4.93
N LYS A 122 -5.87 17.31 -5.40
CA LYS A 122 -5.65 16.02 -6.05
C LYS A 122 -5.91 14.88 -5.07
N ARG A 123 -5.44 15.01 -3.84
CA ARG A 123 -5.71 13.98 -2.84
C ARG A 123 -7.21 13.85 -2.59
N MET A 124 -7.90 14.98 -2.50
CA MET A 124 -9.34 14.95 -2.27
C MET A 124 -10.05 14.21 -3.40
N LEU A 125 -9.71 14.52 -4.64
CA LEU A 125 -10.34 13.85 -5.78
C LEU A 125 -10.02 12.37 -5.79
N ASP A 126 -8.77 12.01 -5.53
CA ASP A 126 -8.41 10.60 -5.47
C ASP A 126 -9.26 9.87 -4.44
N ASP A 127 -9.39 10.45 -3.25
CA ASP A 127 -10.21 9.84 -2.21
C ASP A 127 -11.66 9.72 -2.68
N LEU A 128 -12.19 10.76 -3.30
CA LEU A 128 -13.56 10.70 -3.79
C LEU A 128 -13.74 9.60 -4.81
N ALA A 129 -12.69 9.25 -5.54
CA ALA A 129 -12.79 8.22 -6.57
C ALA A 129 -12.44 6.83 -6.06
N ASN A 130 -12.03 6.68 -4.80
CA ASN A 130 -11.59 5.41 -4.22
C ASN A 130 -10.25 4.96 -4.76
N LEU A 131 -9.43 5.88 -5.28
CA LEU A 131 -8.15 5.52 -5.87
C LEU A 131 -6.98 5.81 -4.94
N SER A 132 -7.18 5.73 -3.62
CA SER A 132 -6.10 5.88 -2.66
C SER A 132 -5.75 4.57 -1.97
N ASN A 133 -6.31 3.45 -2.43
CA ASN A 133 -6.08 2.17 -1.82
C ASN A 133 -4.70 1.64 -2.24
N LEU A 134 -4.45 0.37 -1.93
CA LEU A 134 -3.18 -0.29 -2.23
C LEU A 134 -2.66 0.09 -3.62
N ASP A 146 -0.13 -2.95 -13.75
CA ASP A 146 -0.33 -2.58 -12.36
C ASP A 146 -1.82 -2.56 -12.03
N GLY A 147 -2.18 -1.85 -10.95
CA GLY A 147 -3.54 -1.82 -10.47
C GLY A 147 -4.27 -0.53 -10.79
N ARG A 148 -4.33 0.36 -9.81
CA ARG A 148 -5.20 1.52 -9.86
C ARG A 148 -4.50 2.73 -10.46
N PRO A 149 -5.24 3.54 -11.23
CA PRO A 149 -4.67 4.78 -11.76
C PRO A 149 -4.79 5.94 -10.79
N ALA A 150 -4.43 7.14 -11.25
CA ALA A 150 -4.78 8.39 -10.58
C ALA A 150 -5.99 8.99 -11.27
N PHE A 151 -6.53 10.07 -10.69
CA PHE A 151 -7.70 10.71 -11.27
C PHE A 151 -7.42 11.22 -12.67
N ARG A 152 -6.31 11.92 -12.86
CA ARG A 152 -6.04 12.56 -14.14
C ARG A 152 -6.01 11.55 -15.27
N ASP A 153 -5.52 10.34 -15.00
CA ASP A 153 -5.44 9.31 -16.03
C ASP A 153 -6.80 8.94 -16.58
N LEU A 154 -7.88 9.23 -15.86
CA LEU A 154 -9.21 8.94 -16.36
C LEU A 154 -9.66 9.91 -17.44
N ALA A 155 -8.92 11.00 -17.65
CA ALA A 155 -9.32 11.98 -18.65
C ALA A 155 -9.55 11.34 -20.01
N ALA A 156 -8.82 10.28 -20.32
CA ALA A 156 -8.94 9.66 -21.64
C ALA A 156 -10.35 9.19 -21.93
N PHE A 157 -11.17 9.00 -20.90
CA PHE A 157 -12.53 8.52 -21.11
C PHE A 157 -13.57 9.63 -21.16
N THR A 158 -13.22 10.87 -20.81
CA THR A 158 -14.20 11.92 -20.66
C THR A 158 -13.95 13.12 -21.56
N PHE A 159 -12.97 13.07 -22.45
CA PHE A 159 -12.63 14.21 -23.29
C PHE A 159 -12.33 13.73 -24.70
N GLN A 160 -12.90 14.41 -25.69
CA GLN A 160 -12.67 14.13 -27.11
C GLN A 160 -12.26 15.44 -27.79
N PRO A 161 -10.97 15.76 -27.81
CA PRO A 161 -10.54 17.02 -28.44
C PRO A 161 -11.00 17.10 -29.88
N GLN A 162 -10.78 18.28 -30.47
CA GLN A 162 -11.26 18.53 -31.83
C GLN A 162 -10.64 17.58 -32.83
N ASN A 163 -9.34 17.33 -32.73
CA ASN A 163 -8.63 16.48 -33.68
C ASN A 163 -8.62 15.02 -33.25
N VAL A 164 -9.58 14.60 -32.44
CA VAL A 164 -9.67 13.21 -32.01
C VAL A 164 -11.11 12.71 -32.18
N VAL A 165 -12.04 13.63 -32.38
CA VAL A 165 -13.45 13.25 -32.36
C VAL A 165 -13.88 12.62 -33.67
N ALA A 166 -13.11 12.79 -34.74
CA ALA A 166 -13.43 12.14 -36.01
C ALA A 166 -12.16 11.63 -36.67
N ASN A 167 -11.16 11.32 -35.88
CA ASN A 167 -9.87 10.84 -36.36
C ASN A 167 -9.84 9.32 -36.33
N PRO A 168 -9.63 8.64 -37.45
CA PRO A 168 -9.73 7.18 -37.46
C PRO A 168 -8.51 6.45 -36.95
N ASP A 169 -7.37 7.12 -36.79
CA ASP A 169 -6.16 6.50 -36.31
C ASP A 169 -5.89 6.77 -34.83
N VAL A 170 -6.81 7.41 -34.13
CA VAL A 170 -6.68 7.68 -32.71
C VAL A 170 -8.07 7.60 -32.09
N LEU A 171 -8.19 6.92 -30.97
CA LEU A 171 -9.48 6.71 -30.34
C LEU A 171 -9.61 7.36 -28.98
N PHE A 172 -8.52 7.55 -28.26
CA PHE A 172 -8.57 8.08 -26.90
C PHE A 172 -7.61 9.26 -26.78
N PHE A 173 -8.01 10.24 -25.98
CA PHE A 173 -7.16 11.39 -25.71
C PHE A 173 -5.90 10.94 -25.00
N LYS A 174 -4.78 11.61 -25.29
CA LYS A 174 -3.49 11.31 -24.68
C LYS A 174 -3.07 9.86 -24.93
N THR A 175 -2.86 9.56 -26.21
CA THR A 175 -2.23 8.31 -26.61
C THR A 175 -1.22 8.53 -27.73
N ASN A 176 -0.40 9.57 -27.62
CA ASN A 176 0.57 9.89 -28.66
C ASN A 176 1.99 9.50 -28.31
N THR A 177 2.23 9.07 -27.07
CA THR A 177 3.57 8.72 -26.62
C THR A 177 3.56 7.29 -26.08
N TYR A 178 4.75 6.68 -26.03
CA TYR A 178 4.86 5.32 -25.54
C TYR A 178 4.39 5.21 -24.10
N GLU A 179 4.83 6.13 -23.25
CA GLU A 179 4.49 6.06 -21.83
C GLU A 179 2.98 6.13 -21.62
N HIS A 180 2.32 7.08 -22.29
CA HIS A 180 0.89 7.24 -22.10
C HIS A 180 0.13 6.02 -22.60
N ARG A 181 0.54 5.48 -23.74
CA ARG A 181 -0.13 4.28 -24.25
C ARG A 181 0.00 3.14 -23.27
N GLU A 182 1.19 2.92 -22.72
CA GLU A 182 1.36 1.84 -21.76
C GLU A 182 0.54 2.09 -20.50
N LYS A 183 0.49 3.33 -20.03
CA LYS A 183 -0.33 3.64 -18.86
C LYS A 183 -1.78 3.25 -19.10
N LEU A 184 -2.35 3.72 -20.21
CA LEU A 184 -3.76 3.44 -20.46
C LEU A 184 -4.01 1.95 -20.62
N ARG A 185 -3.09 1.26 -21.28
CA ARG A 185 -3.24 -0.18 -21.49
C ARG A 185 -3.22 -0.93 -20.17
N LYS A 186 -2.36 -0.49 -19.23
CA LYS A 186 -2.37 -1.09 -17.90
C LYS A 186 -3.62 -0.72 -17.13
N ILE A 187 -4.22 0.43 -17.43
CA ILE A 187 -5.34 0.91 -16.63
C ILE A 187 -6.63 0.19 -16.98
N PHE A 188 -6.93 -0.03 -18.26
CA PHE A 188 -8.22 -0.61 -18.61
C PHE A 188 -8.65 -1.76 -17.71
N PRO A 189 -7.79 -2.70 -17.32
CA PRO A 189 -8.26 -3.81 -16.48
C PRO A 189 -8.93 -3.36 -15.19
N TYR A 190 -8.45 -2.29 -14.57
CA TYR A 190 -9.05 -1.83 -13.33
C TYR A 190 -10.42 -1.21 -13.56
N VAL A 191 -10.55 -0.37 -14.60
CA VAL A 191 -11.80 0.32 -14.86
C VAL A 191 -12.88 -0.67 -15.27
N LEU A 192 -12.51 -1.74 -15.96
CA LEU A 192 -13.49 -2.74 -16.37
C LEU A 192 -14.06 -3.52 -15.19
N GLY A 193 -13.49 -3.37 -14.01
CA GLY A 193 -14.00 -4.09 -12.86
C GLY A 193 -13.47 -5.49 -12.72
N ALA A 194 -12.41 -5.84 -13.44
CA ALA A 194 -11.79 -7.15 -13.27
C ALA A 194 -10.96 -7.20 -11.99
N ILE A 195 -10.06 -6.23 -11.81
CA ILE A 195 -9.28 -6.13 -10.59
C ILE A 195 -10.07 -5.33 -9.56
N THR A 196 -9.89 -5.68 -8.29
CA THR A 196 -10.53 -4.99 -7.19
C THR A 196 -9.57 -4.97 -6.00
N SER A 197 -9.85 -4.08 -5.05
CA SER A 197 -8.97 -3.96 -3.89
C SER A 197 -8.90 -5.24 -3.09
N GLU A 198 -10.05 -5.89 -2.88
CA GLU A 198 -10.07 -7.10 -2.06
C GLU A 198 -9.21 -8.20 -2.67
N LEU A 199 -9.20 -8.34 -4.00
CA LEU A 199 -8.34 -9.34 -4.61
C LEU A 199 -6.88 -9.01 -4.38
N MET A 200 -6.51 -7.74 -4.46
CA MET A 200 -5.13 -7.38 -4.17
C MET A 200 -4.75 -7.76 -2.75
N ALA A 201 -5.62 -7.46 -1.79
CA ALA A 201 -5.33 -7.81 -0.41
C ALA A 201 -5.21 -9.32 -0.24
N LYS A 202 -6.11 -10.09 -0.86
CA LYS A 202 -6.04 -11.53 -0.74
C LYS A 202 -4.75 -12.09 -1.33
N GLN A 203 -4.34 -11.56 -2.48
CA GLN A 203 -3.07 -11.99 -3.07
C GLN A 203 -1.91 -11.71 -2.12
N PHE A 204 -1.89 -10.52 -1.54
CA PHE A 204 -0.81 -10.16 -0.62
C PHE A 204 -0.78 -11.13 0.56
N GLU A 205 -1.95 -11.40 1.15
CA GLU A 205 -2.01 -12.28 2.30
C GLU A 205 -1.57 -13.69 1.94
N LEU A 206 -2.00 -14.19 0.80
CA LEU A 206 -1.61 -15.54 0.39
C LEU A 206 -0.11 -15.64 0.23
N ASN A 207 0.51 -14.62 -0.36
CA ASN A 207 1.96 -14.64 -0.48
C ASN A 207 2.62 -14.71 0.89
N ARG A 208 2.16 -13.89 1.83
CA ARG A 208 2.76 -13.91 3.16
C ARG A 208 2.61 -15.29 3.82
N ILE A 209 1.44 -15.89 3.72
CA ILE A 209 1.21 -17.19 4.36
C ILE A 209 2.14 -18.24 3.75
N ARG A 210 2.28 -18.24 2.43
CA ARG A 210 3.18 -19.21 1.80
C ARG A 210 4.61 -19.03 2.32
N LEU A 211 5.06 -17.78 2.39
CA LEU A 211 6.41 -17.53 2.86
C LEU A 211 6.61 -18.05 4.27
N PHE A 212 5.59 -17.91 5.12
CA PHE A 212 5.67 -18.42 6.48
C PHE A 212 5.76 -19.95 6.50
N LEU A 213 4.86 -20.59 5.75
CA LEU A 213 4.77 -22.05 5.78
C LEU A 213 6.07 -22.69 5.32
N ARG A 214 6.73 -22.08 4.32
CA ARG A 214 8.01 -22.62 3.88
C ARG A 214 8.97 -22.83 5.05
N ARG A 215 9.26 -21.75 5.78
CA ARG A 215 10.21 -21.83 6.87
C ARG A 215 9.75 -22.79 7.95
N LYS A 216 8.45 -22.77 8.27
CA LYS A 216 7.98 -23.69 9.30
C LYS A 216 8.27 -25.14 8.92
N GLU A 217 7.92 -25.52 7.68
CA GLU A 217 8.17 -26.90 7.26
C GLU A 217 9.66 -27.23 7.29
N ARG A 218 10.50 -26.29 6.84
CA ARG A 218 11.94 -26.55 6.82
C ARG A 218 12.45 -26.89 8.21
N GLU A 219 12.15 -26.05 9.19
CA GLU A 219 12.68 -26.28 10.54
C GLU A 219 12.10 -27.56 11.14
N LEU A 220 10.80 -27.80 10.94
CA LEU A 220 10.23 -29.02 11.49
C LEU A 220 10.91 -30.25 10.91
N LYS A 221 11.20 -30.24 9.60
CA LYS A 221 11.86 -31.39 8.99
C LYS A 221 13.24 -31.61 9.58
N ASP A 222 14.01 -30.52 9.74
CA ASP A 222 15.35 -30.69 10.32
C ASP A 222 15.26 -31.31 11.71
N ALA A 223 14.37 -30.80 12.54
CA ALA A 223 14.25 -31.33 13.90
C ALA A 223 13.80 -32.79 13.88
N GLN A 224 12.88 -33.16 12.99
CA GLN A 224 12.46 -34.55 12.92
C GLN A 224 13.62 -35.46 12.54
N ASP A 225 14.44 -35.06 11.58
CA ASP A 225 15.62 -35.84 11.22
C ASP A 225 16.50 -36.06 12.45
N VAL A 226 16.81 -34.97 13.16
CA VAL A 226 17.75 -35.06 14.27
C VAL A 226 17.20 -35.98 15.35
N SER A 227 15.90 -35.86 15.65
CA SER A 227 15.33 -36.71 16.70
C SER A 227 15.30 -38.17 16.27
N ALA A 228 14.94 -38.43 15.01
CA ALA A 228 14.78 -39.81 14.56
C ALA A 228 16.12 -40.55 14.56
N GLN A 229 17.19 -39.89 14.11
CA GLN A 229 18.46 -40.61 14.05
C GLN A 229 18.93 -41.04 15.44
N TRP A 230 18.61 -40.27 16.48
CA TRP A 230 18.98 -40.63 17.84
C TRP A 230 18.06 -41.70 18.40
N LEU A 231 16.76 -41.58 18.13
CA LEU A 231 15.85 -42.63 18.57
C LEU A 231 16.22 -43.96 17.93
N ALA A 232 16.90 -43.92 16.78
CA ALA A 232 17.41 -45.16 16.20
C ALA A 232 18.54 -45.77 17.01
N ASP A 233 19.45 -44.95 17.55
CA ASP A 233 20.58 -45.42 18.34
C ASP A 233 20.20 -45.68 19.79
N LEU A 234 18.95 -45.40 20.16
CA LEU A 234 18.48 -45.63 21.52
C LEU A 234 19.03 -46.93 22.11
N LYS A 235 19.05 -48.01 21.33
CA LYS A 235 19.41 -49.31 21.90
C LYS A 235 20.86 -49.35 22.33
N SER A 236 21.78 -48.93 21.47
CA SER A 236 23.18 -48.87 21.87
C SER A 236 23.38 -47.91 23.02
N LYS A 237 22.62 -46.81 23.03
CA LYS A 237 22.69 -45.90 24.16
C LYS A 237 22.32 -46.61 25.46
N TYR A 238 21.26 -47.42 25.43
CA TYR A 238 20.81 -48.13 26.63
C TYR A 238 21.85 -49.15 27.07
N SER A 239 22.45 -49.87 26.12
CA SER A 239 23.50 -50.82 26.48
C SER A 239 24.68 -50.10 27.11
N GLU A 240 25.08 -48.96 26.54
CA GLU A 240 26.14 -48.16 27.14
C GLU A 240 25.76 -47.74 28.55
N ALA A 241 24.50 -47.37 28.75
CA ALA A 241 24.05 -46.99 30.09
C ALA A 241 24.19 -48.14 31.07
N GLN A 242 23.79 -49.35 30.66
CA GLN A 242 23.97 -50.51 31.54
C GLN A 242 25.43 -50.74 31.86
N GLU A 243 26.30 -50.61 30.85
CA GLU A 243 27.72 -50.74 31.10
C GLU A 243 28.20 -49.76 32.17
N LEU A 244 27.81 -48.49 32.05
CA LEU A 244 28.25 -47.49 33.01
C LEU A 244 27.71 -47.77 34.42
N GLY A 245 26.71 -48.61 34.55
CA GLY A 245 26.14 -48.92 35.84
C GLY A 245 25.09 -47.95 36.32
N LEU A 246 24.87 -46.85 35.59
CA LEU A 246 23.81 -45.93 35.95
C LEU A 246 22.46 -46.62 35.92
N VAL A 247 22.23 -47.44 34.90
CA VAL A 247 21.01 -48.23 34.77
C VAL A 247 21.31 -49.61 35.36
N PRO A 248 20.64 -50.03 36.43
CA PRO A 248 20.77 -51.42 36.88
C PRO A 248 20.39 -52.36 35.75
N LYS A 249 21.37 -53.10 35.25
CA LYS A 249 21.18 -53.86 34.03
C LYS A 249 20.05 -54.88 34.21
N PRO A 250 19.00 -54.83 33.40
CA PRO A 250 18.02 -55.92 33.39
C PRO A 250 18.48 -57.06 32.50
N GLN A 251 17.71 -58.14 32.52
CA GLN A 251 17.97 -59.31 31.69
C GLN A 251 16.79 -59.71 30.83
N GLU A 252 15.61 -59.16 31.08
CA GLU A 252 14.44 -59.47 30.27
C GLU A 252 14.41 -58.57 29.04
N GLN A 253 13.58 -58.94 28.08
CA GLN A 253 13.41 -58.14 26.87
C GLN A 253 12.68 -56.85 27.20
N LEU A 254 13.12 -55.76 26.57
CA LEU A 254 12.54 -54.44 26.80
C LEU A 254 12.23 -53.78 25.48
N SER A 255 11.13 -53.03 25.44
CA SER A 255 10.78 -52.25 24.27
C SER A 255 11.26 -50.81 24.45
N ARG A 256 11.05 -50.00 23.41
CA ARG A 256 11.45 -48.60 23.48
C ARG A 256 10.90 -47.93 24.72
N LYS A 257 9.65 -48.24 25.07
CA LYS A 257 9.02 -47.59 26.21
C LYS A 257 9.78 -47.88 27.50
N GLN A 258 10.17 -49.13 27.71
CA GLN A 258 10.84 -49.49 28.95
C GLN A 258 12.19 -48.81 29.07
N MET A 259 13.00 -48.86 28.00
CA MET A 259 14.31 -48.23 28.04
C MET A 259 14.19 -46.72 28.24
N ILE A 260 13.27 -46.09 27.49
CA ILE A 260 13.05 -44.66 27.65
C ILE A 260 12.69 -44.35 29.09
N SER A 261 11.70 -45.06 29.63
CA SER A 261 11.24 -44.80 30.99
C SER A 261 12.40 -44.90 31.96
N GLN A 262 13.11 -46.03 31.91
CA GLN A 262 14.28 -46.22 32.77
C GLN A 262 15.20 -45.01 32.68
N LEU A 263 15.38 -44.48 31.48
CA LEU A 263 16.25 -43.32 31.33
C LEU A 263 15.69 -42.12 32.08
N GLU A 264 14.37 -41.89 32.02
CA GLU A 264 13.84 -40.76 32.79
C GLU A 264 14.02 -40.98 34.29
N GLU A 265 13.77 -42.19 34.79
CA GLU A 265 13.97 -42.38 36.24
C GLU A 265 15.42 -42.14 36.60
N VAL A 266 16.35 -42.62 35.78
CA VAL A 266 17.76 -42.36 36.05
C VAL A 266 18.02 -40.85 36.10
N ILE A 267 17.45 -40.11 35.14
CA ILE A 267 17.66 -38.67 35.09
C ILE A 267 17.10 -38.02 36.34
N SER A 268 15.95 -38.48 36.82
CA SER A 268 15.21 -37.81 37.87
C SER A 268 15.88 -37.94 39.23
N ARG A 269 16.64 -39.01 39.44
CA ARG A 269 17.26 -39.24 40.74
C ARG A 269 18.00 -37.99 41.21
N THR A 270 18.02 -37.79 42.53
CA THR A 270 18.84 -36.73 43.09
C THR A 270 20.33 -37.06 42.98
N ASP A 271 20.66 -38.35 42.84
CA ASP A 271 22.03 -38.76 42.63
C ASP A 271 22.04 -40.06 41.84
N LEU A 272 23.17 -40.31 41.19
CA LEU A 272 23.32 -41.51 40.38
C LEU A 272 23.76 -42.69 41.23
N THR A 273 23.55 -43.90 40.69
CA THR A 273 23.94 -45.14 41.36
C THR A 273 25.42 -45.39 41.05
N LEU A 274 26.28 -44.86 41.92
CA LEU A 274 27.72 -45.07 41.75
C LEU A 274 28.05 -46.54 41.91
N LYS A 275 28.55 -47.17 40.85
CA LYS A 275 28.86 -48.59 40.89
C LYS A 275 30.24 -48.81 41.51
N VAL A 276 30.45 -48.28 42.70
CA VAL A 276 31.70 -48.44 43.44
C VAL A 276 31.37 -48.83 44.86
N THR A 277 32.08 -49.83 45.38
CA THR A 277 31.84 -50.31 46.73
C THR A 277 32.22 -49.25 47.76
N VAL A 278 31.55 -49.30 48.92
CA VAL A 278 31.81 -48.37 50.01
C VAL A 278 32.45 -49.04 51.21
N SER A 279 32.44 -50.37 51.29
CA SER A 279 33.04 -51.06 52.42
C SER A 279 34.54 -50.79 52.53
N THR A 280 35.23 -50.65 51.40
CA THR A 280 36.66 -50.38 51.37
C THR A 280 36.86 -48.91 51.05
N ILE A 281 37.57 -48.20 51.93
CA ILE A 281 37.79 -46.77 51.80
C ILE A 281 39.28 -46.51 51.85
N SER A 282 39.78 -45.75 50.87
CA SER A 282 41.17 -45.34 50.85
C SER A 282 41.32 -44.04 51.64
N ASP A 283 42.54 -43.51 51.68
CA ASP A 283 42.78 -42.25 52.40
C ASP A 283 42.05 -41.09 51.73
N ALA A 284 42.01 -41.07 50.41
CA ALA A 284 41.49 -39.92 49.68
C ALA A 284 40.00 -40.00 49.41
N LEU A 285 39.39 -41.19 49.48
CA LEU A 285 37.97 -41.31 49.17
C LEU A 285 37.11 -40.50 50.13
N SER A 286 37.38 -40.63 51.43
CA SER A 286 36.60 -39.90 52.42
C SER A 286 36.77 -38.40 52.26
N GLU A 287 38.01 -37.95 52.03
CA GLU A 287 38.24 -36.53 51.83
C GLU A 287 37.49 -36.01 50.60
N LEU A 288 37.53 -36.77 49.51
CA LEU A 288 36.82 -36.36 48.31
C LEU A 288 35.32 -36.27 48.56
N ASN A 289 34.76 -37.26 49.26
CA ASN A 289 33.33 -37.23 49.54
C ASN A 289 32.97 -36.04 50.41
N THR A 290 33.79 -35.75 51.42
CA THR A 290 33.52 -34.60 52.28
C THR A 290 33.55 -33.31 51.49
N LEU A 291 34.54 -33.15 50.61
CA LEU A 291 34.60 -31.93 49.80
C LEU A 291 33.38 -31.83 48.89
N GLU A 292 32.96 -32.94 48.29
CA GLU A 292 31.79 -32.93 47.44
C GLU A 292 30.56 -32.48 48.22
N SER A 293 30.37 -33.03 49.42
CA SER A 293 29.22 -32.64 50.21
C SER A 293 29.28 -31.17 50.60
N GLU A 294 30.47 -30.67 50.94
CA GLU A 294 30.59 -29.26 51.30
C GLU A 294 30.22 -28.36 50.14
N GLU A 295 30.66 -28.70 48.93
CA GLU A 295 30.26 -27.91 47.77
C GLU A 295 28.75 -27.97 47.56
N ARG A 296 28.17 -29.16 47.69
CA ARG A 296 26.72 -29.27 47.61
C ARG A 296 26.05 -28.34 48.60
N LEU A 297 26.63 -28.19 49.80
CA LEU A 297 26.05 -27.30 50.78
C LEU A 297 26.16 -25.84 50.35
N VAL A 298 27.35 -25.42 49.93
CA VAL A 298 27.55 -24.01 49.60
C VAL A 298 26.66 -23.59 48.45
N SER A 299 26.37 -24.52 47.53
CA SER A 299 25.47 -24.20 46.42
C SER A 299 24.15 -23.65 46.93
N ARG A 300 23.62 -24.23 48.01
CA ARG A 300 22.32 -23.83 48.54
C ARG A 300 22.35 -22.36 48.96
N GLU A 301 23.34 -21.98 49.78
CA GLU A 301 23.42 -20.60 50.23
C GLU A 301 23.57 -19.67 49.06
N LEU A 302 24.40 -20.04 48.07
CA LEU A 302 24.61 -19.14 46.95
C LEU A 302 23.32 -18.93 46.18
N THR A 303 22.55 -20.00 45.97
CA THR A 303 21.26 -19.85 45.29
C THR A 303 20.33 -18.93 46.07
N THR A 304 20.25 -19.10 47.39
CA THR A 304 19.36 -18.28 48.18
C THR A 304 19.74 -16.81 48.08
N MET A 305 21.03 -16.51 48.16
CA MET A 305 21.47 -15.12 48.02
C MET A 305 21.08 -14.57 46.66
N ARG A 306 21.23 -15.38 45.61
CA ARG A 306 20.83 -14.93 44.29
C ARG A 306 19.35 -14.57 44.24
N HIS A 307 18.50 -15.42 44.81
CA HIS A 307 17.07 -15.14 44.80
C HIS A 307 16.76 -13.83 45.52
N ARG A 308 17.37 -13.64 46.70
CA ARG A 308 17.12 -12.42 47.45
C ARG A 308 17.54 -11.19 46.65
N LEU A 309 18.73 -11.23 46.04
CA LEU A 309 19.18 -10.08 45.28
C LEU A 309 18.27 -9.76 44.11
N GLU A 310 17.83 -10.78 43.38
CA GLU A 310 16.91 -10.54 42.27
C GLU A 310 15.65 -9.83 42.75
N GLU A 311 15.02 -10.38 43.79
CA GLU A 311 13.77 -9.76 44.26
C GLU A 311 14.01 -8.35 44.75
N MET A 312 15.15 -8.09 45.40
CA MET A 312 15.43 -6.75 45.89
C MET A 312 15.50 -5.76 44.73
N ASN A 313 16.19 -6.13 43.65
CA ASN A 313 16.25 -5.23 42.49
C ASN A 313 14.86 -4.97 41.91
N ARG A 314 14.05 -6.03 41.79
CA ARG A 314 12.72 -5.85 41.21
C ARG A 314 11.90 -4.88 42.05
N LEU A 315 11.98 -5.01 43.37
CA LEU A 315 11.29 -4.05 44.24
C LEU A 315 11.79 -2.64 44.03
N ARG A 316 13.12 -2.48 43.90
CA ARG A 316 13.65 -1.14 43.66
C ARG A 316 13.01 -0.51 42.43
N VAL A 317 12.83 -1.28 41.37
CA VAL A 317 12.20 -0.73 40.16
C VAL A 317 10.75 -0.36 40.42
N GLY A 318 10.00 -1.28 41.04
CA GLY A 318 8.59 -1.02 41.26
C GLY A 318 8.34 0.23 42.07
N MET A 319 9.19 0.48 43.08
CA MET A 319 9.01 1.63 43.94
C MET A 319 9.09 2.93 43.13
N HIS A 320 10.10 3.03 42.26
CA HIS A 320 10.25 4.24 41.45
C HIS A 320 9.07 4.42 40.49
N GLN A 321 8.60 3.32 39.88
CA GLN A 321 7.47 3.46 38.98
C GLN A 321 6.24 4.00 39.72
N TYR A 322 5.97 3.46 40.91
CA TYR A 322 4.84 3.97 41.69
C TYR A 322 5.03 5.43 42.06
N GLU A 323 6.26 5.81 42.43
CA GLU A 323 6.54 7.22 42.70
C GLU A 323 6.12 8.10 41.53
N ASN A 324 6.53 7.72 40.31
CA ASN A 324 6.15 8.52 39.15
C ASN A 324 4.64 8.57 38.98
N ALA A 325 3.97 7.43 39.18
CA ALA A 325 2.53 7.39 38.99
C ALA A 325 1.84 8.39 39.90
N LEU A 326 2.32 8.53 41.14
CA LEU A 326 1.66 9.46 42.06
C LEU A 326 1.62 10.88 41.50
N LEU A 327 2.77 11.39 41.05
CA LEU A 327 2.81 12.75 40.53
C LEU A 327 1.97 12.88 39.27
N MET A 328 2.05 11.88 38.38
CA MET A 328 1.23 11.93 37.17
C MET A 328 -0.24 11.94 37.53
N GLN A 329 -0.60 11.44 38.72
CA GLN A 329 -1.99 11.46 39.15
C GLN A 329 -2.36 12.76 39.83
N ARG A 330 -1.40 13.41 40.48
CA ARG A 330 -1.69 14.67 41.17
C ARG A 330 -1.85 15.82 40.18
N ASP A 331 -1.01 15.85 39.14
CA ASP A 331 -1.01 16.98 38.22
C ASP A 331 -2.29 17.08 37.40
N ARG A 332 -3.10 16.02 37.36
CA ARG A 332 -4.38 16.09 36.65
C ARG A 332 -5.51 16.51 37.58
N LEU A 333 -5.31 16.41 38.89
CA LEU A 333 -6.34 16.82 39.83
C LEU A 333 -6.12 18.22 40.37
N LYS A 334 -4.92 18.77 40.19
CA LYS A 334 -4.63 20.06 40.82
C LYS A 334 -5.67 21.13 40.50
N ILE A 335 -6.21 21.12 39.27
CA ILE A 335 -7.06 22.24 38.82
C ILE A 335 -8.33 22.38 39.63
N SER A 336 -8.76 21.31 40.32
CA SER A 336 -9.95 21.42 41.15
C SER A 336 -9.75 22.45 42.25
N GLY A 337 -8.50 22.73 42.62
CA GLY A 337 -8.23 23.81 43.56
C GLY A 337 -8.56 25.18 43.04
N TRP A 338 -8.25 25.45 41.77
CA TRP A 338 -8.60 26.74 41.18
C TRP A 338 -10.10 26.85 40.94
N LEU A 339 -10.74 25.75 40.53
CA LEU A 339 -12.17 25.83 40.31
C LEU A 339 -12.92 26.14 41.60
N LEU A 340 -12.27 26.00 42.75
CA LEU A 340 -12.92 26.31 44.01
C LEU A 340 -13.03 27.82 44.23
N SER A 341 -12.07 28.59 43.74
CA SER A 341 -12.03 30.03 44.03
C SER A 341 -12.99 30.84 43.17
N ASN A 342 -13.48 30.30 42.06
CA ASN A 342 -14.39 31.01 41.17
C ASN A 342 -15.84 30.69 41.42
N THR A 343 -16.14 29.54 42.03
CA THR A 343 -17.52 29.22 42.37
C THR A 343 -18.08 30.28 43.30
N ASN A 344 -19.36 30.60 43.11
CA ASN A 344 -20.00 31.67 43.86
C ASN A 344 -20.51 31.17 45.21
N ASP A 345 -20.85 32.12 46.08
CA ASP A 345 -21.39 31.76 47.39
C ASP A 345 -22.70 31.00 47.24
N GLU A 346 -23.58 31.45 46.35
CA GLU A 346 -24.84 30.76 46.13
C GLU A 346 -24.59 29.45 45.39
N SER A 347 -25.61 28.59 45.40
CA SER A 347 -25.57 27.31 44.71
C SER A 347 -26.90 27.12 43.97
N ASP A 348 -26.82 27.02 42.65
CA ASP A 348 -28.02 27.06 41.81
C ASP A 348 -27.90 25.99 40.73
N CYS A 349 -29.05 25.62 40.15
CA CYS A 349 -29.12 24.58 39.14
C CYS A 349 -28.57 25.09 37.81
N PRO A 350 -27.75 24.28 37.11
CA PRO A 350 -27.25 24.72 35.80
C PRO A 350 -28.33 25.01 34.77
N MET A 351 -29.42 24.25 34.78
CA MET A 351 -30.45 24.38 33.75
C MET A 351 -31.46 25.47 34.10
N CYS A 352 -32.04 25.40 35.30
CA CYS A 352 -33.10 26.30 35.71
C CYS A 352 -32.69 27.24 36.84
N GLY A 353 -31.50 27.09 37.41
CA GLY A 353 -31.06 27.96 38.48
C GLY A 353 -31.61 27.62 39.84
N SER A 354 -32.37 26.53 39.97
CA SER A 354 -32.88 26.12 41.28
C SER A 354 -31.73 25.82 42.22
N HIS A 355 -31.94 26.13 43.50
CA HIS A 355 -30.92 25.89 44.53
C HIS A 355 -30.39 24.47 44.43
N THR A 356 -29.08 24.34 44.26
CA THR A 356 -28.45 23.03 44.13
C THR A 356 -26.97 23.18 44.43
N ASP A 357 -26.47 22.38 45.38
CA ASP A 357 -25.08 22.46 45.82
C ASP A 357 -24.22 21.31 45.29
N SER A 358 -24.72 20.54 44.32
CA SER A 358 -24.00 19.36 43.87
C SER A 358 -22.58 19.71 43.43
N ALA A 359 -22.43 20.77 42.62
CA ALA A 359 -21.11 21.15 42.15
C ALA A 359 -20.16 21.44 43.31
N LYS A 360 -20.67 22.06 44.37
CA LYS A 360 -19.83 22.30 45.54
C LYS A 360 -19.34 21.00 46.14
N GLN A 361 -20.21 20.00 46.25
CA GLN A 361 -19.79 18.71 46.78
C GLN A 361 -18.75 18.06 45.89
N LYS A 362 -18.94 18.16 44.56
CA LYS A 362 -17.97 17.57 43.65
C LYS A 362 -16.59 18.21 43.83
N LEU A 363 -16.55 19.54 43.87
CA LEU A 363 -15.27 20.21 44.04
C LEU A 363 -14.66 19.91 45.41
N GLN A 364 -15.48 19.78 46.45
CA GLN A 364 -14.95 19.42 47.75
C GLN A 364 -14.33 18.03 47.74
N ALA A 365 -15.02 17.06 47.11
CA ALA A 365 -14.45 15.72 47.02
C ALA A 365 -13.13 15.74 46.27
N LEU A 366 -13.08 16.46 45.15
CA LEU A 366 -11.84 16.51 44.38
C LEU A 366 -10.72 17.17 45.16
N VAL A 367 -11.00 18.26 45.88
CA VAL A 367 -9.94 18.91 46.63
C VAL A 367 -9.47 18.02 47.77
N GLN A 368 -10.39 17.25 48.38
CA GLN A 368 -9.96 16.30 49.40
C GLN A 368 -9.04 15.24 48.83
N ARG A 369 -9.37 14.72 47.65
CA ARG A 369 -8.49 13.73 47.02
C ARG A 369 -7.13 14.35 46.70
N LEU A 370 -7.12 15.59 46.21
CA LEU A 370 -5.86 16.26 45.96
C LEU A 370 -5.04 16.37 47.24
N SER A 371 -5.70 16.72 48.35
CA SER A 371 -4.97 16.82 49.61
C SER A 371 -4.39 15.48 50.03
N ASP A 372 -5.18 14.41 49.89
CA ASP A 372 -4.66 13.09 50.25
C ASP A 372 -3.44 12.72 49.41
N VAL A 373 -3.53 12.92 48.10
CA VAL A 373 -2.41 12.58 47.23
C VAL A 373 -1.20 13.41 47.58
N GLU A 374 -1.38 14.72 47.81
CA GLU A 374 -0.25 15.56 48.16
C GLU A 374 0.39 15.11 49.47
N ALA A 375 -0.43 14.70 50.45
CA ALA A 375 0.13 14.17 51.69
C ALA A 375 0.94 12.91 51.43
N ALA A 376 0.44 12.03 50.56
CA ALA A 376 1.16 10.79 50.28
C ALA A 376 2.54 11.07 49.67
N VAL A 377 2.71 12.21 49.00
CA VAL A 377 3.98 12.52 48.33
C VAL A 377 5.04 13.02 49.30
N GLY A 378 4.78 13.01 50.60
CA GLY A 378 5.77 13.42 51.57
C GLY A 378 7.16 12.89 51.28
N ALA A 379 8.16 13.76 51.32
CA ALA A 379 9.50 13.41 50.82
C ALA A 379 10.32 12.66 51.87
N ASP A 380 10.58 13.30 53.00
CA ASP A 380 11.51 12.72 53.97
C ASP A 380 11.00 11.37 54.48
N ALA A 381 9.72 11.27 54.77
CA ALA A 381 9.16 10.00 55.22
C ALA A 381 9.52 8.87 54.27
N HIS A 382 9.38 9.10 52.96
CA HIS A 382 9.81 8.11 51.99
C HIS A 382 11.32 8.08 51.82
N LYS A 383 11.97 9.26 51.87
CA LYS A 383 13.41 9.30 51.62
C LYS A 383 14.19 8.51 52.67
N GLU A 384 13.57 8.22 53.82
CA GLU A 384 14.22 7.34 54.79
C GLU A 384 14.39 5.92 54.25
N VAL A 385 13.39 5.41 53.53
CA VAL A 385 13.38 4.02 53.10
C VAL A 385 14.60 3.71 52.23
N PRO A 386 14.94 4.55 51.26
CA PRO A 386 16.14 4.26 50.44
C PRO A 386 17.39 4.03 51.27
N ALA A 387 17.56 4.75 52.39
CA ALA A 387 18.73 4.50 53.22
C ALA A 387 18.78 3.05 53.69
N ALA A 388 17.68 2.57 54.27
CA ALA A 388 17.64 1.19 54.71
C ALA A 388 17.83 0.22 53.56
N PHE A 389 17.20 0.50 52.41
CA PHE A 389 17.33 -0.38 51.26
C PHE A 389 18.80 -0.53 50.85
N ASP A 390 19.50 0.60 50.77
CA ASP A 390 20.93 0.56 50.45
C ASP A 390 21.71 -0.20 51.52
N ARG A 391 21.37 0.01 52.79
CA ARG A 391 22.08 -0.70 53.86
C ARG A 391 22.01 -2.21 53.69
N GLU A 392 20.91 -2.72 53.15
CA GLU A 392 20.74 -4.18 53.03
C GLU A 392 21.34 -4.69 51.72
N LEU A 393 21.30 -3.89 50.66
CA LEU A 393 21.91 -4.32 49.41
C LEU A 393 23.38 -4.66 49.58
N GLN A 394 24.13 -3.79 50.27
CA GLN A 394 25.56 -4.03 50.45
C GLN A 394 25.81 -5.31 51.25
N ARG A 395 24.99 -5.56 52.27
CA ARG A 395 25.14 -6.78 53.05
C ARG A 395 24.96 -8.01 52.18
N VAL A 396 23.90 -8.01 51.36
CA VAL A 396 23.68 -9.17 50.50
C VAL A 396 24.85 -9.37 49.55
N THR A 397 25.35 -8.28 48.98
CA THR A 397 26.47 -8.39 48.04
C THR A 397 27.70 -8.98 48.73
N THR A 398 28.04 -8.48 49.92
CA THR A 398 29.21 -8.98 50.63
C THR A 398 29.06 -10.46 50.97
N GLU A 399 27.86 -10.86 51.39
CA GLU A 399 27.64 -12.27 51.69
C GLU A 399 27.84 -13.13 50.46
N VAL A 400 27.34 -12.68 49.31
CA VAL A 400 27.56 -13.42 48.08
C VAL A 400 29.06 -13.54 47.79
N ALA A 401 29.80 -12.45 47.99
CA ALA A 401 31.23 -12.49 47.74
C ALA A 401 31.92 -13.53 48.61
N ASN A 402 31.56 -13.58 49.90
CA ASN A 402 32.16 -14.56 50.79
C ASN A 402 31.84 -15.99 50.36
N ALA A 403 30.59 -16.23 49.95
CA ALA A 403 30.23 -17.56 49.48
C ALA A 403 31.08 -17.95 48.27
N THR A 404 31.25 -17.04 47.32
CA THR A 404 32.08 -17.34 46.16
C THR A 404 33.52 -17.62 46.56
N GLU A 405 34.06 -16.87 47.52
CA GLU A 405 35.42 -17.11 47.97
C GLU A 405 35.57 -18.52 48.55
N ARG A 406 34.60 -18.93 49.38
CA ARG A 406 34.65 -20.29 49.92
C ARG A 406 34.61 -21.32 48.80
N LEU A 407 33.77 -21.08 47.79
CA LEU A 407 33.69 -22.02 46.67
C LEU A 407 35.03 -22.13 45.97
N ARG A 408 35.69 -20.99 45.74
CA ARG A 408 37.02 -21.03 45.13
C ARG A 408 37.98 -21.86 45.95
N ALA A 409 37.99 -21.65 47.26
CA ALA A 409 38.93 -22.39 48.11
C ALA A 409 38.68 -23.88 48.04
N ILE A 410 37.42 -24.30 48.11
CA ILE A 410 37.10 -25.71 48.06
C ILE A 410 37.52 -26.30 46.71
N GLN A 411 37.27 -25.57 45.63
CA GLN A 411 37.66 -26.06 44.31
C GLN A 411 39.17 -26.25 44.23
N SER A 412 39.94 -25.29 44.78
CA SER A 412 41.39 -25.42 44.76
C SER A 412 41.84 -26.65 45.54
N ARG A 413 41.26 -26.88 46.72
CA ARG A 413 41.62 -28.05 47.49
C ARG A 413 41.31 -29.32 46.72
N LYS A 414 40.14 -29.39 46.07
CA LYS A 414 39.80 -30.57 45.30
C LYS A 414 40.78 -30.80 44.17
N ARG A 415 41.16 -29.73 43.47
CA ARG A 415 42.13 -29.88 42.38
C ARG A 415 43.44 -30.43 42.88
N THR A 416 43.96 -29.87 43.98
CA THR A 416 45.23 -30.36 44.50
C THR A 416 45.13 -31.82 44.93
N LEU A 417 44.06 -32.18 45.63
CA LEU A 417 43.91 -33.56 46.10
C LEU A 417 43.85 -34.52 44.93
N THR A 418 43.02 -34.22 43.93
CA THR A 418 42.93 -35.13 42.78
C THR A 418 44.24 -35.16 41.99
N SER A 419 45.04 -34.10 42.06
CA SER A 419 46.34 -34.13 41.41
C SER A 419 47.33 -35.03 42.16
N ARG A 420 47.24 -35.07 43.49
CA ARG A 420 48.23 -35.85 44.25
C ARG A 420 48.07 -37.35 44.00
N SER A 421 46.94 -37.91 44.40
CA SER A 421 46.75 -39.35 44.31
C SER A 421 46.48 -39.77 42.86
N LYS A 422 46.18 -41.05 42.68
CA LYS A 422 45.83 -41.61 41.38
C LYS A 422 44.40 -42.11 41.31
N GLU A 423 43.93 -42.84 42.32
CA GLU A 423 42.55 -43.31 42.32
C GLU A 423 41.58 -42.14 42.23
N ALA A 424 41.95 -41.00 42.80
CA ALA A 424 41.09 -39.82 42.71
C ALA A 424 40.88 -39.43 41.26
N ARG A 425 41.93 -39.46 40.45
CA ARG A 425 41.79 -39.10 39.04
C ARG A 425 40.85 -40.07 38.32
N GLU A 426 40.97 -41.36 38.61
CA GLU A 426 40.07 -42.33 37.98
C GLU A 426 38.62 -42.08 38.39
N GLN A 427 38.39 -41.80 39.68
CA GLN A 427 37.04 -41.54 40.13
C GLN A 427 36.48 -40.30 39.46
N GLN A 428 37.30 -39.24 39.35
CA GLN A 428 36.85 -38.04 38.66
C GLN A 428 36.50 -38.34 37.22
N PHE A 429 37.32 -39.14 36.54
CA PHE A 429 37.04 -39.48 35.16
C PHE A 429 35.70 -40.21 35.04
N SER A 430 35.46 -41.18 35.92
CA SER A 430 34.20 -41.92 35.86
C SER A 430 33.02 -40.99 36.07
N THR A 431 33.10 -40.11 37.07
CA THR A 431 31.99 -39.19 37.33
C THR A 431 31.77 -38.26 36.15
N ARG A 432 32.84 -37.72 35.57
CA ARG A 432 32.68 -36.83 34.43
C ARG A 432 32.00 -37.54 33.27
N ARG A 433 32.43 -38.76 32.98
CA ARG A 433 31.83 -39.49 31.88
C ARG A 433 30.36 -39.74 32.13
N ALA A 434 30.01 -40.19 33.34
CA ALA A 434 28.61 -40.49 33.64
C ALA A 434 27.76 -39.23 33.54
N GLU A 435 28.26 -38.12 34.09
CA GLU A 435 27.48 -36.88 34.06
C GLU A 435 27.22 -36.44 32.63
N ARG A 436 28.25 -36.42 31.78
CA ARG A 436 28.05 -35.96 30.42
C ARG A 436 27.13 -36.89 29.65
N PHE A 437 27.23 -38.20 29.88
CA PHE A 437 26.28 -39.11 29.25
C PHE A 437 24.85 -38.79 29.65
N ILE A 438 24.64 -38.55 30.95
CA ILE A 438 23.29 -38.25 31.42
C ILE A 438 22.78 -36.96 30.78
N GLY A 439 23.64 -35.96 30.67
CA GLY A 439 23.23 -34.70 30.07
C GLY A 439 22.82 -34.87 28.62
N ASN A 440 23.60 -35.64 27.86
CA ASN A 440 23.24 -35.89 26.47
C ASN A 440 21.88 -36.57 26.39
N VAL A 441 21.66 -37.58 27.23
CA VAL A 441 20.37 -38.26 27.20
C VAL A 441 19.25 -37.30 27.56
N GLU A 442 19.49 -36.42 28.52
CA GLU A 442 18.48 -35.45 28.93
C GLU A 442 18.06 -34.58 27.75
N SER A 443 19.04 -33.98 27.07
CA SER A 443 18.71 -33.13 25.93
C SER A 443 17.97 -33.91 24.86
N ALA A 444 18.42 -35.13 24.57
CA ALA A 444 17.76 -35.92 23.54
C ALA A 444 16.30 -36.19 23.90
N LEU A 445 16.04 -36.57 25.14
CA LEU A 445 14.65 -36.85 25.54
C LEU A 445 13.81 -35.59 25.48
N GLU A 446 14.35 -34.45 25.91
CA GLU A 446 13.60 -33.20 25.82
C GLU A 446 13.19 -32.92 24.37
N LEU A 447 14.17 -32.97 23.46
CA LEU A 447 13.88 -32.67 22.07
C LEU A 447 12.90 -33.67 21.49
N HIS A 448 12.94 -34.93 21.94
CA HIS A 448 11.95 -35.89 21.49
C HIS A 448 10.56 -35.59 22.03
N ARG A 449 10.49 -35.05 23.25
CA ARG A 449 9.19 -34.62 23.77
C ARG A 449 8.61 -33.51 22.91
N LYS A 450 9.43 -32.52 22.53
CA LYS A 450 8.88 -31.40 21.78
C LYS A 450 8.20 -31.82 20.48
N LEU A 451 8.63 -32.94 19.87
CA LEU A 451 8.17 -33.31 18.55
C LEU A 451 7.14 -34.44 18.58
N GLY A 452 6.33 -34.49 19.62
CA GLY A 452 5.28 -35.48 19.69
C GLY A 452 4.16 -35.21 18.71
N SER A 453 3.24 -36.17 18.61
CA SER A 453 2.12 -36.01 17.68
C SER A 453 1.28 -34.79 18.02
N ASP A 454 1.02 -34.54 19.30
CA ASP A 454 0.21 -33.41 19.72
C ASP A 454 1.00 -32.12 19.81
N SER A 455 2.30 -32.15 19.54
CA SER A 455 3.12 -30.95 19.69
C SER A 455 2.59 -29.83 18.81
N GLU A 456 2.62 -28.61 19.36
CA GLU A 456 2.17 -27.45 18.59
C GLU A 456 2.96 -27.30 17.30
N LEU A 457 4.20 -27.78 17.28
CA LEU A 457 5.04 -27.62 16.10
C LEU A 457 4.45 -28.34 14.89
N VAL A 458 3.53 -29.27 15.10
CA VAL A 458 2.87 -29.95 13.99
C VAL A 458 1.56 -29.26 13.63
N GLU A 459 0.77 -28.90 14.64
CA GLU A 459 -0.51 -28.24 14.36
C GLU A 459 -0.30 -26.89 13.69
N GLU A 460 0.77 -26.19 14.01
CA GLU A 460 1.05 -24.93 13.33
C GLU A 460 1.16 -25.14 11.83
N VAL A 461 1.96 -26.12 11.41
CA VAL A 461 2.12 -26.40 9.99
C VAL A 461 0.80 -26.86 9.40
N ARG A 462 0.06 -27.71 10.11
CA ARG A 462 -1.20 -28.20 9.55
C ARG A 462 -2.17 -27.05 9.29
N LYS A 463 -2.31 -26.14 10.26
CA LYS A 463 -3.24 -25.04 10.09
C LYS A 463 -2.77 -24.08 9.01
N LEU A 464 -1.46 -23.85 8.90
CA LEU A 464 -0.98 -22.98 7.84
C LEU A 464 -1.27 -23.60 6.48
N LYS A 465 -1.12 -24.91 6.34
CA LYS A 465 -1.49 -25.58 5.09
C LYS A 465 -2.97 -25.39 4.81
N GLU A 466 -3.82 -25.55 5.82
CA GLU A 466 -5.25 -25.38 5.61
C GLU A 466 -5.56 -23.96 5.13
N MET A 467 -4.94 -22.96 5.74
CA MET A 467 -5.16 -21.58 5.33
C MET A 467 -4.73 -21.35 3.89
N VAL A 468 -3.57 -21.91 3.52
CA VAL A 468 -3.13 -21.77 2.13
C VAL A 468 -4.15 -22.38 1.20
N GLN A 469 -4.68 -23.56 1.55
CA GLN A 469 -5.69 -24.20 0.72
C GLN A 469 -6.89 -23.29 0.52
N THR A 470 -7.42 -22.74 1.61
CA THR A 470 -8.62 -21.91 1.50
C THR A 470 -8.36 -20.66 0.68
N LEU A 471 -7.23 -19.99 0.91
CA LEU A 471 -6.94 -18.77 0.16
C LEU A 471 -6.75 -19.08 -1.32
N GLU A 472 -6.08 -20.18 -1.65
CA GLU A 472 -5.96 -20.56 -3.05
C GLU A 472 -7.33 -20.77 -3.67
N LYS A 473 -8.21 -21.48 -2.97
CA LYS A 473 -9.55 -21.71 -3.52
C LYS A 473 -10.26 -20.39 -3.77
N GLU A 474 -10.19 -19.47 -2.81
CA GLU A 474 -10.88 -18.20 -2.98
C GLU A 474 -10.33 -17.43 -4.17
N LEU A 475 -9.01 -17.23 -4.22
CA LEU A 475 -8.43 -16.45 -5.30
C LEU A 475 -8.66 -17.10 -6.66
N ARG A 476 -8.78 -18.43 -6.71
CA ARG A 476 -9.04 -19.10 -7.97
C ARG A 476 -10.53 -19.12 -8.32
N GLU A 477 -11.40 -18.85 -7.34
CA GLU A 477 -12.83 -18.89 -7.62
C GLU A 477 -13.30 -17.75 -8.51
N LYS A 478 -12.55 -16.66 -8.58
CA LYS A 478 -12.91 -15.51 -9.40
C LYS A 478 -11.66 -14.99 -10.09
N ASP A 479 -11.54 -15.26 -11.38
CA ASP A 479 -10.32 -14.95 -12.13
C ASP A 479 -10.46 -13.60 -12.82
N VAL A 480 -9.32 -12.97 -13.10
CA VAL A 480 -9.28 -11.64 -13.70
C VAL A 480 -9.38 -11.70 -15.22
N GLU A 481 -9.39 -12.88 -15.83
CA GLU A 481 -9.52 -12.95 -17.28
C GLU A 481 -10.97 -13.14 -17.71
N LEU A 482 -11.68 -14.06 -17.05
CA LEU A 482 -13.08 -14.27 -17.39
C LEU A 482 -13.92 -13.05 -17.10
N ARG A 483 -13.62 -12.32 -16.03
CA ARG A 483 -14.32 -11.07 -15.78
C ARG A 483 -14.18 -10.12 -16.96
N LYS A 484 -12.96 -9.93 -17.44
CA LYS A 484 -12.73 -9.03 -18.56
C LYS A 484 -13.47 -9.48 -19.81
N ASN A 485 -13.39 -10.78 -20.10
CA ASN A 485 -14.02 -11.28 -21.31
C ASN A 485 -15.54 -11.18 -21.24
N GLN A 486 -16.10 -11.34 -20.04
CA GLN A 486 -17.54 -11.19 -19.88
C GLN A 486 -17.96 -9.73 -19.92
N ALA A 487 -17.09 -8.83 -19.46
CA ALA A 487 -17.40 -7.40 -19.51
C ALA A 487 -17.43 -6.90 -20.95
N LEU A 488 -16.48 -7.34 -21.78
CA LEU A 488 -16.42 -6.79 -23.13
C LEU A 488 -17.63 -7.15 -23.97
N ARG A 489 -18.25 -8.29 -23.71
CA ARG A 489 -19.37 -8.73 -24.55
C ARG A 489 -20.53 -7.74 -24.49
N VAL A 490 -20.91 -7.32 -23.28
CA VAL A 490 -22.04 -6.42 -23.16
C VAL A 490 -21.72 -5.05 -23.74
N ILE A 491 -20.47 -4.59 -23.58
CA ILE A 491 -20.08 -3.33 -24.20
C ILE A 491 -20.25 -3.41 -25.71
N ASN A 492 -19.79 -4.51 -26.31
CA ASN A 492 -19.94 -4.65 -27.76
C ASN A 492 -21.41 -4.67 -28.16
N ALA A 493 -22.24 -5.38 -27.41
CA ALA A 493 -23.66 -5.45 -27.77
C ALA A 493 -24.33 -4.08 -27.66
N GLN A 494 -24.06 -3.34 -26.59
CA GLN A 494 -24.63 -2.01 -26.45
C GLN A 494 -24.16 -1.10 -27.57
N ALA A 495 -22.87 -1.17 -27.91
CA ALA A 495 -22.37 -0.36 -29.01
C ALA A 495 -23.11 -0.67 -30.29
N GLY A 496 -23.35 -1.95 -30.56
CA GLY A 496 -24.12 -2.31 -31.73
C GLY A 496 -25.52 -1.71 -31.70
N ASN A 497 -26.20 -1.84 -30.56
CA ASN A 497 -27.55 -1.30 -30.46
C ASN A 497 -27.58 0.20 -30.72
N ILE A 498 -26.61 0.93 -30.17
CA ILE A 498 -26.53 2.37 -30.45
C ILE A 498 -26.28 2.60 -31.93
N LEU A 499 -25.38 1.82 -32.52
CA LEU A 499 -25.00 2.02 -33.91
C LEU A 499 -26.14 1.73 -34.87
N GLN A 500 -27.13 0.95 -34.44
CA GLN A 500 -28.27 0.71 -35.32
C GLN A 500 -28.99 1.99 -35.70
N GLY A 501 -28.83 3.07 -34.93
CA GLY A 501 -29.56 4.30 -35.19
C GLY A 501 -28.77 5.33 -35.96
N LEU A 502 -27.46 5.33 -35.81
CA LEU A 502 -26.62 6.34 -36.45
C LEU A 502 -26.44 6.00 -37.94
N ASP A 503 -25.55 6.76 -38.58
CA ASP A 503 -25.30 6.62 -40.01
C ASP A 503 -23.94 5.95 -40.22
N VAL A 504 -23.95 4.81 -40.91
CA VAL A 504 -22.74 4.07 -41.22
C VAL A 504 -22.98 3.26 -42.49
N GLU A 505 -21.89 2.80 -43.11
CA GLU A 505 -22.03 2.06 -44.37
C GLU A 505 -22.76 0.75 -44.18
N ASP A 506 -22.41 -0.02 -43.15
CA ASP A 506 -23.00 -1.34 -42.91
C ASP A 506 -23.44 -1.43 -41.46
N PRO A 507 -24.68 -1.04 -41.15
CA PRO A 507 -25.12 -1.04 -39.75
C PRO A 507 -25.18 -2.42 -39.11
N SER A 508 -25.22 -3.49 -39.91
CA SER A 508 -25.45 -4.83 -39.39
C SER A 508 -24.16 -5.58 -39.07
N ALA A 509 -23.00 -4.95 -39.21
CA ALA A 509 -21.74 -5.62 -38.93
C ALA A 509 -21.32 -5.31 -37.50
N PRO A 510 -21.24 -6.30 -36.61
CA PRO A 510 -20.82 -6.01 -35.24
C PRO A 510 -19.37 -5.59 -35.17
N ILE A 511 -19.00 -4.99 -34.04
CA ILE A 511 -17.66 -4.46 -33.86
C ILE A 511 -17.05 -5.11 -32.62
N SER A 512 -15.75 -4.88 -32.44
CA SER A 512 -15.04 -5.32 -31.26
C SER A 512 -14.10 -4.22 -30.80
N LEU A 513 -13.87 -4.15 -29.50
CA LEU A 513 -12.90 -3.21 -28.93
C LEU A 513 -11.65 -3.99 -28.54
N GLU A 514 -10.49 -3.51 -28.97
CA GLU A 514 -9.23 -4.21 -28.74
C GLU A 514 -8.49 -3.51 -27.61
N ILE A 515 -8.40 -4.19 -26.46
CA ILE A 515 -7.77 -3.58 -25.29
C ILE A 515 -6.32 -3.28 -25.55
N ASN A 516 -5.57 -4.24 -26.10
CA ASN A 516 -4.14 -4.04 -26.31
C ASN A 516 -3.88 -3.06 -27.45
N ASP A 517 -4.67 -3.13 -28.52
CA ASP A 517 -4.46 -2.27 -29.67
C ASP A 517 -4.93 -0.85 -29.43
N LEU A 518 -5.93 -0.65 -28.57
CA LEU A 518 -6.53 0.66 -28.33
C LEU A 518 -7.27 1.17 -29.57
N THR A 519 -8.17 0.36 -30.10
CA THR A 519 -8.93 0.76 -31.28
C THR A 519 -10.11 -0.18 -31.46
N ILE A 520 -10.83 0.02 -32.55
CA ILE A 520 -12.01 -0.77 -32.90
C ILE A 520 -11.62 -1.72 -34.02
N LYS A 521 -12.37 -2.81 -34.14
CA LYS A 521 -12.15 -3.81 -35.16
C LYS A 521 -13.51 -4.24 -35.70
N VAL A 522 -13.81 -3.87 -36.94
CA VAL A 522 -15.10 -4.12 -37.55
C VAL A 522 -15.09 -5.54 -38.11
N LEU A 523 -16.01 -6.37 -37.63
CA LEU A 523 -16.05 -7.78 -38.00
C LEU A 523 -16.88 -7.95 -39.27
N GLY A 524 -16.26 -7.59 -40.40
CA GLY A 524 -16.89 -7.82 -41.68
C GLY A 524 -17.06 -9.30 -41.98
N ASP A 525 -18.05 -9.60 -42.80
CA ASP A 525 -18.40 -10.99 -43.08
C ASP A 525 -17.22 -11.73 -43.70
N GLU A 526 -16.66 -11.18 -44.79
CA GLU A 526 -15.53 -11.82 -45.45
C GLU A 526 -14.23 -11.60 -44.68
N ARG A 527 -14.07 -10.43 -44.07
CA ARG A 527 -12.82 -10.06 -43.44
C ARG A 527 -13.11 -9.12 -42.29
N ASP A 528 -12.13 -9.02 -41.39
CA ASP A 528 -12.19 -8.08 -40.27
C ASP A 528 -11.26 -6.92 -40.54
N ASP A 529 -11.80 -5.71 -40.48
CA ASP A 529 -11.08 -4.51 -40.86
C ASP A 529 -10.92 -3.59 -39.65
N TYR A 530 -9.71 -3.08 -39.46
CA TYR A 530 -9.50 -2.07 -38.45
C TYR A 530 -10.14 -0.75 -38.88
N LEU A 531 -10.43 0.10 -37.90
CA LEU A 531 -11.13 1.34 -38.22
C LEU A 531 -10.34 2.21 -39.17
N SER A 532 -9.02 2.01 -39.25
CA SER A 532 -8.19 2.85 -40.12
C SER A 532 -8.59 2.75 -41.58
N GLU A 533 -9.28 1.67 -41.97
CA GLU A 533 -9.54 1.38 -43.37
C GLU A 533 -11.02 1.50 -43.73
N ILE A 534 -11.73 2.44 -43.12
CA ILE A 534 -13.13 2.72 -43.45
C ILE A 534 -13.23 4.19 -43.85
N GLY A 535 -13.87 4.44 -44.98
CA GLY A 535 -13.82 5.76 -45.59
C GLY A 535 -14.80 6.76 -45.00
N SER A 536 -14.52 8.04 -45.27
CA SER A 536 -15.40 9.15 -44.93
C SER A 536 -15.44 9.39 -43.42
N GLY A 537 -15.65 10.65 -43.03
CA GLY A 537 -15.75 10.97 -41.62
C GLY A 537 -17.10 10.62 -41.03
N SER A 538 -18.13 10.56 -41.86
CA SER A 538 -19.46 10.25 -41.34
C SER A 538 -19.48 8.89 -40.66
N ASN A 539 -18.52 8.02 -40.97
CA ASN A 539 -18.44 6.74 -40.31
C ASN A 539 -17.56 6.82 -39.07
N TRP A 540 -16.46 7.56 -39.14
CA TRP A 540 -15.57 7.67 -38.00
C TRP A 540 -16.27 8.33 -36.82
N LEU A 541 -17.03 9.39 -37.06
CA LEU A 541 -17.77 10.02 -35.99
C LEU A 541 -18.77 9.04 -35.38
N SER A 542 -19.49 8.29 -36.21
CA SER A 542 -20.47 7.35 -35.70
C SER A 542 -19.83 6.31 -34.81
N TYR A 543 -18.70 5.75 -35.24
CA TYR A 543 -18.04 4.73 -34.43
C TYR A 543 -17.56 5.31 -33.11
N HIS A 544 -16.97 6.51 -33.14
CA HIS A 544 -16.52 7.13 -31.90
C HIS A 544 -17.68 7.32 -30.93
N LEU A 545 -18.80 7.87 -31.43
CA LEU A 545 -19.94 8.10 -30.56
C LEU A 545 -20.43 6.80 -29.96
N ALA A 546 -20.63 5.78 -30.79
CA ALA A 546 -21.16 4.52 -30.28
C ALA A 546 -20.26 3.96 -29.19
N ILE A 547 -18.95 3.92 -29.43
CA ILE A 547 -18.06 3.32 -28.46
C ILE A 547 -18.10 4.08 -27.14
N LEU A 548 -17.94 5.41 -27.20
CA LEU A 548 -17.85 6.15 -25.94
C LEU A 548 -19.15 6.12 -25.17
N LEU A 549 -20.29 6.26 -25.85
CA LEU A 549 -21.56 6.20 -25.15
C LEU A 549 -21.77 4.84 -24.50
N SER A 550 -21.43 3.76 -25.21
CA SER A 550 -21.59 2.44 -24.61
C SER A 550 -20.70 2.28 -23.39
N LEU A 551 -19.46 2.78 -23.47
CA LEU A 551 -18.57 2.69 -22.33
C LEU A 551 -19.15 3.41 -21.12
N HIS A 552 -19.69 4.60 -21.32
CA HIS A 552 -20.20 5.34 -20.16
C HIS A 552 -21.47 4.69 -19.61
N GLN A 553 -22.32 4.15 -20.47
CA GLN A 553 -23.44 3.36 -19.95
C GLN A 553 -22.95 2.22 -19.08
N PHE A 554 -21.96 1.48 -19.55
CA PHE A 554 -21.45 0.37 -18.75
C PHE A 554 -20.93 0.87 -17.41
N TYR A 555 -20.07 1.88 -17.42
CA TYR A 555 -19.53 2.39 -16.16
C TYR A 555 -20.62 2.84 -15.21
N LEU A 556 -21.73 3.37 -15.72
CA LEU A 556 -22.84 3.75 -14.86
C LEU A 556 -23.62 2.55 -14.33
N SER A 557 -23.67 1.46 -15.08
CA SER A 557 -24.45 0.31 -14.63
C SER A 557 -23.70 -0.57 -13.65
N GLN A 558 -22.56 -0.11 -13.11
CA GLN A 558 -21.76 -0.90 -12.20
C GLN A 558 -21.32 -0.05 -11.03
N LYS A 559 -21.17 -0.68 -9.86
CA LYS A 559 -20.94 0.07 -8.63
C LYS A 559 -19.47 0.42 -8.44
N ASN A 560 -19.23 1.61 -7.91
CA ASN A 560 -17.94 2.01 -7.37
C ASN A 560 -16.90 2.29 -8.45
N ASN A 561 -17.27 2.27 -9.72
CA ASN A 561 -16.30 2.56 -10.76
C ASN A 561 -15.84 4.01 -10.64
N PRO A 562 -14.56 4.29 -10.89
CA PRO A 562 -14.03 5.64 -10.63
C PRO A 562 -14.18 6.62 -11.79
N VAL A 563 -14.81 6.24 -12.89
CA VAL A 563 -14.89 7.11 -14.06
C VAL A 563 -15.92 8.21 -13.81
N PRO A 564 -15.55 9.48 -13.84
CA PRO A 564 -16.55 10.54 -13.70
C PRO A 564 -17.60 10.45 -14.80
N SER A 565 -18.84 10.73 -14.43
CA SER A 565 -19.95 10.50 -15.35
C SER A 565 -20.33 11.74 -16.16
N PHE A 566 -19.35 12.33 -16.86
CA PHE A 566 -19.63 13.41 -17.79
C PHE A 566 -18.68 13.29 -18.98
N LEU A 567 -19.12 13.81 -20.13
CA LEU A 567 -18.36 13.67 -21.37
C LEU A 567 -18.39 14.97 -22.14
N ILE A 568 -17.23 15.36 -22.68
CA ILE A 568 -17.08 16.62 -23.42
C ILE A 568 -16.78 16.29 -24.87
N LEU A 569 -17.61 16.79 -25.78
CA LEU A 569 -17.44 16.59 -27.23
C LEU A 569 -17.20 17.95 -27.87
N ASP A 570 -15.99 18.16 -28.37
CA ASP A 570 -15.61 19.44 -28.96
C ASP A 570 -15.79 19.36 -30.48
N GLN A 571 -16.70 20.17 -31.00
CA GLN A 571 -16.86 20.33 -32.44
C GLN A 571 -17.07 18.97 -33.12
N PRO A 572 -18.21 18.32 -32.89
CA PRO A 572 -18.41 17.01 -33.50
C PRO A 572 -18.76 17.07 -34.97
N SER A 573 -19.41 18.14 -35.43
CA SER A 573 -19.98 18.17 -36.77
C SER A 573 -19.02 18.66 -37.85
N GLN A 574 -17.76 18.95 -37.51
CA GLN A 574 -16.84 19.47 -38.51
C GLN A 574 -16.62 18.50 -39.68
N VAL A 575 -16.83 17.20 -39.48
CA VAL A 575 -16.69 16.29 -40.61
C VAL A 575 -17.61 16.71 -41.73
N TYR A 576 -18.84 17.09 -41.41
CA TYR A 576 -19.73 17.76 -42.33
C TYR A 576 -19.30 19.22 -42.39
N PHE A 577 -19.72 19.91 -43.43
CA PHE A 577 -19.60 21.35 -43.41
C PHE A 577 -20.57 21.87 -42.36
N PRO A 578 -20.11 22.59 -41.32
CA PRO A 578 -20.99 22.93 -40.21
C PRO A 578 -22.25 23.66 -40.66
N GLU A 597 -29.76 17.65 -46.74
CA GLU A 597 -28.96 16.50 -47.17
C GLU A 597 -27.99 16.10 -46.07
N ASP A 598 -27.36 17.11 -45.45
CA ASP A 598 -26.52 16.90 -44.28
C ASP A 598 -27.25 17.16 -42.98
N VAL A 599 -28.40 17.84 -43.04
CA VAL A 599 -29.17 18.11 -41.83
C VAL A 599 -29.62 16.81 -41.19
N GLU A 600 -30.07 15.85 -42.00
CA GLU A 600 -30.62 14.62 -41.45
C GLU A 600 -29.58 13.87 -40.63
N ALA A 601 -28.35 13.77 -41.13
CA ALA A 601 -27.32 13.02 -40.42
C ALA A 601 -27.01 13.64 -39.06
N VAL A 602 -26.78 14.94 -39.03
CA VAL A 602 -26.47 15.60 -37.76
C VAL A 602 -27.66 15.49 -36.81
N ARG A 603 -28.87 15.61 -37.34
CA ARG A 603 -30.05 15.46 -36.51
C ARG A 603 -30.07 14.08 -35.87
N ARG A 604 -29.78 13.05 -36.66
CA ARG A 604 -29.78 11.70 -36.11
C ARG A 604 -28.71 11.53 -35.04
N ALA A 605 -27.55 12.13 -35.25
CA ALA A 605 -26.50 12.06 -34.24
C ALA A 605 -26.97 12.66 -32.92
N PHE A 606 -27.52 13.89 -32.98
CA PHE A 606 -27.98 14.54 -31.75
C PHE A 606 -29.11 13.76 -31.12
N LYS A 607 -29.98 13.17 -31.94
CA LYS A 607 -31.10 12.40 -31.41
C LYS A 607 -30.62 11.16 -30.66
N ALA A 608 -29.61 10.47 -31.20
CA ALA A 608 -29.05 9.32 -30.50
C ALA A 608 -28.42 9.74 -29.18
N MET A 609 -27.66 10.84 -29.20
CA MET A 609 -27.13 11.36 -27.94
C MET A 609 -28.24 11.59 -26.94
N GLY A 610 -29.33 12.23 -27.37
CA GLY A 610 -30.42 12.52 -26.46
C GLY A 610 -31.05 11.26 -25.90
N ASN A 611 -31.28 10.27 -26.76
CA ASN A 611 -31.89 9.03 -26.28
C ASN A 611 -31.02 8.39 -25.22
N VAL A 612 -29.71 8.31 -25.46
CA VAL A 612 -28.84 7.67 -24.48
C VAL A 612 -28.87 8.45 -23.18
N VAL A 613 -28.82 9.78 -23.25
CA VAL A 613 -28.75 10.56 -22.01
C VAL A 613 -30.06 10.48 -21.23
N ILE A 614 -31.20 10.47 -21.92
CA ILE A 614 -32.47 10.39 -21.22
C ILE A 614 -32.64 9.02 -20.58
N LYS A 615 -32.14 7.97 -21.24
CA LYS A 615 -32.27 6.64 -20.69
C LYS A 615 -31.51 6.46 -19.39
N GLU A 616 -30.57 7.35 -19.07
CA GLU A 616 -29.78 7.22 -17.85
C GLU A 616 -30.35 7.97 -16.66
N LYS A 617 -31.45 8.70 -16.84
CA LYS A 617 -32.17 9.32 -15.74
C LYS A 617 -31.24 10.17 -14.87
N GLY A 618 -30.69 11.22 -15.48
CA GLY A 618 -30.00 12.25 -14.75
C GLY A 618 -28.63 11.87 -14.24
N LYS A 619 -28.15 10.66 -14.51
CA LYS A 619 -26.86 10.24 -14.00
C LYS A 619 -25.72 10.49 -14.98
N LEU A 620 -26.01 10.90 -16.20
CA LEU A 620 -25.00 11.11 -17.23
C LEU A 620 -25.16 12.50 -17.84
N GLN A 621 -24.05 13.22 -17.95
CA GLN A 621 -24.04 14.57 -18.51
C GLN A 621 -23.15 14.63 -19.74
N LEU A 622 -23.61 15.33 -20.77
CA LEU A 622 -22.82 15.61 -21.96
C LEU A 622 -22.72 17.12 -22.17
N ILE A 623 -21.51 17.57 -22.48
CA ILE A 623 -21.24 18.97 -22.81
C ILE A 623 -20.68 18.99 -24.22
N VAL A 624 -21.38 19.68 -25.13
CA VAL A 624 -21.04 19.65 -26.54
C VAL A 624 -20.78 21.07 -27.01
N LEU A 625 -19.67 21.28 -27.70
CA LEU A 625 -19.36 22.56 -28.34
C LEU A 625 -19.50 22.38 -29.84
N ASP A 626 -20.35 23.18 -30.47
CA ASP A 626 -20.68 22.92 -31.87
C ASP A 626 -21.20 24.19 -32.51
N HIS A 627 -21.15 24.21 -33.84
CA HIS A 627 -21.67 25.33 -34.64
C HIS A 627 -23.06 25.08 -35.19
N ALA A 628 -23.53 23.85 -35.21
CA ALA A 628 -24.73 23.49 -35.95
C ALA A 628 -25.90 24.37 -35.51
N PRO A 629 -26.67 24.94 -36.44
CA PRO A 629 -27.70 25.90 -36.06
C PRO A 629 -28.82 25.27 -35.24
N ARG A 630 -29.71 26.12 -34.71
CA ARG A 630 -30.78 25.63 -33.84
C ARG A 630 -31.80 24.77 -34.57
N GLU A 631 -31.77 24.72 -35.90
CA GLU A 631 -32.79 23.99 -36.63
C GLU A 631 -32.52 22.49 -36.69
N VAL A 632 -31.35 22.03 -36.25
CA VAL A 632 -31.04 20.60 -36.28
C VAL A 632 -31.20 19.95 -34.92
N TRP A 633 -31.11 20.70 -33.83
CA TRP A 633 -31.28 20.14 -32.49
C TRP A 633 -32.35 20.86 -31.67
N GLY A 634 -33.31 21.51 -32.32
CA GLY A 634 -34.28 22.30 -31.61
C GLY A 634 -35.25 21.50 -30.76
N GLU A 635 -35.99 20.60 -31.39
CA GLU A 635 -37.13 19.94 -30.73
C GLU A 635 -36.82 18.50 -30.36
N ILE A 636 -35.59 18.22 -29.92
CA ILE A 636 -35.18 16.87 -29.54
C ILE A 636 -35.26 16.74 -28.04
N ASP A 637 -35.91 15.68 -27.57
CA ASP A 637 -36.06 15.46 -26.14
C ASP A 637 -34.70 15.23 -25.49
N GLY A 638 -34.51 15.82 -24.32
CA GLY A 638 -33.27 15.67 -23.59
C GLY A 638 -32.15 16.60 -24.00
N VAL A 639 -32.37 17.44 -25.02
CA VAL A 639 -31.35 18.36 -25.51
C VAL A 639 -31.75 19.78 -25.13
N VAL A 640 -30.80 20.54 -24.58
CA VAL A 640 -31.06 21.91 -24.18
C VAL A 640 -29.85 22.77 -24.51
N GLY A 641 -30.12 23.97 -24.98
CA GLY A 641 -29.07 24.93 -25.27
C GLY A 641 -29.55 26.35 -25.13
N LEU A 642 -28.81 27.17 -24.37
CA LEU A 642 -29.24 28.54 -24.14
C LEU A 642 -28.31 29.53 -24.83
N PRO A 643 -28.84 30.64 -25.36
CA PRO A 643 -28.03 31.53 -26.19
C PRO A 643 -27.06 32.38 -25.41
N GLU A 644 -27.10 32.36 -24.08
CA GLU A 644 -26.25 33.19 -23.25
C GLU A 644 -24.87 32.58 -23.04
N TRP A 645 -24.66 31.33 -23.43
CA TRP A 645 -23.45 30.60 -23.08
C TRP A 645 -22.29 30.84 -24.03
N ARG A 646 -22.47 31.61 -25.10
CA ARG A 646 -21.45 31.79 -26.12
C ARG A 646 -20.07 31.91 -25.50
N ASP A 647 -19.08 31.25 -26.08
CA ASP A 647 -17.76 31.09 -25.46
C ASP A 647 -16.70 31.73 -26.34
N GLY A 648 -15.46 31.48 -25.98
CA GLY A 648 -14.30 32.02 -26.69
C GLY A 648 -13.85 33.37 -26.19
N ILE A 649 -14.61 34.42 -26.52
CA ILE A 649 -14.33 35.76 -26.02
C ILE A 649 -15.59 36.29 -25.36
N LYS A 650 -16.73 36.08 -26.01
CA LYS A 650 -17.96 36.76 -25.62
C LYS A 650 -18.38 36.47 -24.19
N LEU A 651 -17.92 35.37 -23.58
CA LEU A 651 -18.29 35.09 -22.20
C LEU A 651 -17.78 36.16 -21.25
N VAL A 652 -16.74 36.90 -21.61
CA VAL A 652 -16.30 38.05 -20.84
C VAL A 652 -17.30 39.16 -21.11
N PRO A 653 -17.96 39.71 -20.08
CA PRO A 653 -18.89 40.82 -20.33
C PRO A 653 -18.18 41.98 -21.01
N MET A 654 -18.87 42.60 -21.96
CA MET A 654 -18.29 43.72 -22.68
C MET A 654 -17.92 44.87 -21.75
N GLU A 655 -18.59 44.98 -20.61
CA GLU A 655 -18.26 46.03 -19.66
C GLU A 655 -16.79 45.94 -19.25
N TRP A 656 -16.33 44.73 -18.95
CA TRP A 656 -14.93 44.55 -18.58
C TRP A 656 -14.02 44.81 -19.77
N LEU A 657 -14.41 44.36 -20.96
CA LEU A 657 -13.61 44.60 -22.15
C LEU A 657 -13.42 46.09 -22.41
N THR A 658 -14.39 46.92 -22.05
CA THR A 658 -14.28 48.36 -22.25
C THR A 658 -13.63 49.06 -21.08
N GLY A 659 -13.78 48.56 -19.86
CA GLY A 659 -13.19 49.18 -18.70
C GLY A 659 -11.69 48.94 -18.62
N VAL A 660 -11.25 47.81 -19.17
CA VAL A 660 -9.84 47.44 -19.15
C VAL A 660 -9.34 47.28 -20.58
N MET B 1 21.99 -2.27 -49.06
CA MET B 1 21.68 -3.43 -49.93
C MET B 1 21.17 -2.95 -51.28
N TYR B 2 21.83 -3.37 -52.35
CA TYR B 2 21.36 -3.05 -53.69
C TYR B 2 20.17 -3.94 -54.03
N PHE B 3 19.01 -3.32 -54.22
CA PHE B 3 17.79 -4.05 -54.55
C PHE B 3 16.86 -3.07 -55.22
N GLN B 4 16.41 -3.39 -56.43
CA GLN B 4 15.55 -2.50 -57.20
C GLN B 4 14.62 -3.33 -58.03
N ILE B 5 13.49 -2.75 -58.41
CA ILE B 5 12.46 -3.44 -59.19
C ILE B 5 12.59 -2.98 -60.63
N ARG B 6 12.83 -3.94 -61.52
CA ARG B 6 13.03 -3.62 -62.92
C ARG B 6 11.76 -3.81 -63.76
N GLY B 7 10.90 -4.76 -63.40
CA GLY B 7 9.73 -4.91 -64.24
C GLY B 7 8.66 -5.79 -63.63
N ILE B 8 7.47 -5.72 -64.24
CA ILE B 8 6.31 -6.53 -63.88
C ILE B 8 5.85 -7.27 -65.12
N ILE B 9 5.38 -8.50 -64.94
CA ILE B 9 4.97 -9.36 -66.04
C ILE B 9 3.72 -10.13 -65.63
N LEU B 10 2.84 -10.36 -66.61
CA LEU B 10 1.57 -11.05 -66.39
C LEU B 10 1.39 -12.10 -67.48
N TRP B 11 0.62 -13.15 -67.16
CA TRP B 11 0.23 -14.14 -68.15
C TRP B 11 -1.28 -14.27 -68.18
N PRO B 12 -1.88 -14.50 -69.35
CA PRO B 12 -3.33 -14.59 -69.42
C PRO B 12 -3.86 -15.82 -68.69
N ARG B 13 -5.08 -15.71 -68.18
CA ARG B 13 -5.72 -16.86 -67.56
C ARG B 13 -5.91 -17.97 -68.57
N ASN B 14 -6.30 -17.63 -69.79
CA ASN B 14 -6.36 -18.59 -70.89
C ASN B 14 -5.02 -18.55 -71.61
N LYS B 15 -4.35 -19.70 -71.67
CA LYS B 15 -3.01 -19.79 -72.25
C LYS B 15 -3.02 -19.75 -73.76
N ASN B 16 -3.47 -18.65 -74.35
CA ASN B 16 -3.61 -18.53 -75.80
C ASN B 16 -2.87 -17.33 -76.36
N PHE B 17 -2.20 -16.53 -75.53
CA PHE B 17 -1.60 -15.28 -75.98
C PHE B 17 -0.28 -15.06 -75.24
N LYS B 18 0.54 -14.18 -75.81
CA LYS B 18 1.84 -13.88 -75.23
C LYS B 18 1.67 -13.07 -73.95
N PRO B 19 2.66 -13.12 -73.05
CA PRO B 19 2.54 -12.37 -71.80
C PRO B 19 2.63 -10.86 -72.03
N HIS B 20 2.04 -10.12 -71.09
CA HIS B 20 2.13 -8.66 -71.09
C HIS B 20 3.38 -8.25 -70.31
N THR B 21 3.77 -6.97 -70.39
CA THR B 21 4.98 -6.53 -69.72
C THR B 21 4.98 -5.03 -69.44
N ILE B 22 5.54 -4.64 -68.30
CA ILE B 22 5.79 -3.25 -67.94
C ILE B 22 7.16 -3.18 -67.29
N ARG B 23 7.92 -2.15 -67.63
CA ARG B 23 9.30 -2.02 -67.14
C ARG B 23 9.59 -0.58 -66.77
N PHE B 24 10.22 -0.40 -65.61
CA PHE B 24 10.60 0.91 -65.12
C PHE B 24 12.07 1.16 -65.41
N GLU B 25 12.44 2.43 -65.48
CA GLU B 25 13.84 2.79 -65.58
C GLU B 25 14.52 2.55 -64.23
N LEU B 26 15.67 1.90 -64.27
CA LEU B 26 16.38 1.60 -63.04
C LEU B 26 17.14 2.84 -62.56
N GLY B 27 17.03 3.13 -61.27
CA GLY B 27 17.77 4.22 -60.69
C GLY B 27 17.21 5.60 -60.96
N LYS B 28 15.95 5.70 -61.37
CA LYS B 28 15.33 6.99 -61.64
C LYS B 28 13.91 7.01 -61.09
N VAL B 29 13.49 8.17 -60.60
CA VAL B 29 12.11 8.36 -60.17
C VAL B 29 11.20 7.97 -61.33
N ASN B 30 10.23 7.11 -61.07
CA ASN B 30 9.32 6.63 -62.10
C ASN B 30 7.90 7.03 -61.74
N VAL B 31 7.33 7.96 -62.51
CA VAL B 31 6.00 8.50 -62.25
C VAL B 31 5.01 7.77 -63.15
N ILE B 32 3.95 7.23 -62.55
CA ILE B 32 2.98 6.41 -63.27
C ILE B 32 1.64 7.12 -63.19
N SER B 33 1.33 7.90 -64.22
CA SER B 33 0.00 8.51 -64.30
C SER B 33 -1.04 7.46 -64.64
N GLY B 34 -2.30 7.80 -64.41
CA GLY B 34 -3.40 6.89 -64.69
C GLY B 34 -4.75 7.55 -64.59
N ALA B 35 -5.75 6.80 -64.14
CA ALA B 35 -7.10 7.33 -63.94
C ALA B 35 -7.50 7.12 -62.49
N SER B 36 -7.70 8.20 -61.77
CA SER B 36 -8.00 8.11 -60.35
C SER B 36 -9.40 7.55 -60.13
N ARG B 37 -9.58 6.82 -59.03
CA ARG B 37 -10.85 6.20 -58.68
C ARG B 37 -11.31 5.22 -59.76
N THR B 38 -10.36 4.48 -60.35
CA THR B 38 -10.66 3.47 -61.36
C THR B 38 -9.94 2.15 -61.06
N GLY B 39 -9.73 1.84 -59.80
CA GLY B 39 -9.00 0.64 -59.45
C GLY B 39 -7.57 0.62 -59.93
N LYS B 40 -6.99 1.81 -60.14
CA LYS B 40 -5.63 1.89 -60.67
C LYS B 40 -4.58 1.43 -59.66
N SER B 41 -4.98 1.20 -58.40
CA SER B 41 -4.04 0.71 -57.40
C SER B 41 -3.82 -0.78 -57.54
N ALA B 42 -3.09 -1.19 -58.58
CA ALA B 42 -2.77 -2.59 -58.79
C ALA B 42 -1.30 -2.89 -58.59
N VAL B 43 -0.42 -1.90 -58.80
CA VAL B 43 1.02 -2.15 -58.70
C VAL B 43 1.39 -2.61 -57.30
N ILE B 44 0.90 -1.89 -56.28
CA ILE B 44 1.22 -2.27 -54.90
C ILE B 44 0.66 -3.64 -54.55
N PRO B 45 -0.59 -3.96 -54.83
CA PRO B 45 -1.05 -5.34 -54.57
C PRO B 45 -0.22 -6.38 -55.28
N ILE B 46 0.14 -6.14 -56.54
CA ILE B 46 0.94 -7.13 -57.27
C ILE B 46 2.28 -7.33 -56.59
N ILE B 47 2.96 -6.23 -56.25
CA ILE B 47 4.28 -6.36 -55.64
C ILE B 47 4.18 -7.05 -54.30
N ASP B 48 3.19 -6.68 -53.48
CA ASP B 48 3.07 -7.30 -52.16
C ASP B 48 2.79 -8.79 -52.29
N TYR B 49 1.96 -9.18 -53.26
CA TYR B 49 1.68 -10.60 -53.43
C TYR B 49 2.91 -11.36 -53.92
N CYS B 50 3.63 -10.80 -54.90
CA CYS B 50 4.77 -11.51 -55.46
C CYS B 50 5.84 -11.77 -54.40
N LEU B 51 6.06 -10.85 -53.48
CA LEU B 51 7.10 -11.01 -52.49
C LEU B 51 6.68 -11.88 -51.31
N GLY B 52 5.65 -12.70 -51.48
CA GLY B 52 5.32 -13.70 -50.48
C GLY B 52 4.37 -13.27 -49.40
N ALA B 53 3.53 -12.26 -49.65
CA ALA B 53 2.54 -11.88 -48.67
C ALA B 53 1.59 -13.06 -48.42
N ASN B 54 1.13 -13.14 -47.17
CA ASN B 54 0.36 -14.30 -46.71
C ASN B 54 -1.04 -14.38 -47.32
N THR B 55 -1.56 -13.28 -47.87
CA THR B 55 -2.90 -13.27 -48.44
C THR B 55 -2.91 -12.44 -49.71
N CYS B 56 -3.67 -12.90 -50.70
CA CYS B 56 -3.77 -12.19 -51.97
C CYS B 56 -4.84 -11.12 -51.90
N SER B 57 -4.56 -9.98 -52.55
CA SER B 57 -5.53 -8.90 -52.64
C SER B 57 -5.58 -8.29 -54.03
N ILE B 58 -5.02 -8.95 -55.03
CA ILE B 58 -5.06 -8.39 -56.39
C ILE B 58 -6.51 -8.25 -56.82
N PRO B 59 -6.89 -7.20 -57.57
CA PRO B 59 -8.30 -7.07 -57.97
C PRO B 59 -8.81 -8.30 -58.69
N VAL B 60 -9.72 -9.03 -58.03
CA VAL B 60 -10.34 -10.18 -58.67
C VAL B 60 -11.27 -9.74 -59.78
N LYS B 61 -11.83 -8.54 -59.65
CA LYS B 61 -12.88 -8.09 -60.55
C LYS B 61 -12.37 -7.81 -61.96
N THR B 62 -11.15 -7.28 -62.09
CA THR B 62 -10.70 -6.83 -63.41
C THR B 62 -9.45 -7.53 -63.91
N ILE B 63 -8.43 -7.69 -63.06
CA ILE B 63 -7.12 -8.18 -63.48
C ILE B 63 -7.03 -9.70 -63.32
N ARG B 64 -7.28 -10.22 -62.12
CA ARG B 64 -7.30 -11.66 -61.93
C ARG B 64 -8.37 -12.32 -62.78
N LYS B 65 -9.35 -11.55 -63.25
CA LYS B 65 -10.40 -12.10 -64.11
C LYS B 65 -9.83 -12.61 -65.42
N TYR B 66 -8.68 -12.08 -65.85
CA TYR B 66 -8.09 -12.42 -67.14
C TYR B 66 -6.70 -13.03 -67.04
N CYS B 67 -6.06 -13.03 -65.88
CA CYS B 67 -4.71 -13.53 -65.73
C CYS B 67 -4.65 -14.50 -64.55
N GLU B 68 -3.68 -15.41 -64.61
CA GLU B 68 -3.58 -16.47 -63.61
C GLU B 68 -2.16 -16.62 -63.07
N TRP B 69 -1.17 -16.12 -63.81
CA TRP B 69 0.21 -16.12 -63.38
C TRP B 69 0.75 -14.69 -63.43
N PHE B 70 1.46 -14.30 -62.38
CA PHE B 70 2.04 -12.96 -62.29
C PHE B 70 3.50 -13.09 -61.92
N GLY B 71 4.24 -12.00 -62.04
CA GLY B 71 5.63 -12.03 -61.62
C GLY B 71 6.28 -10.67 -61.76
N ILE B 72 7.48 -10.58 -61.20
CA ILE B 72 8.28 -9.38 -61.24
C ILE B 72 9.74 -9.75 -61.43
N VAL B 73 10.46 -8.88 -62.13
CA VAL B 73 11.90 -9.03 -62.36
C VAL B 73 12.60 -7.95 -61.54
N VAL B 74 13.51 -8.40 -60.67
CA VAL B 74 14.23 -7.51 -59.75
C VAL B 74 15.72 -7.76 -59.92
N ALA B 75 16.48 -6.67 -59.98
CA ALA B 75 17.92 -6.74 -60.16
C ALA B 75 18.60 -6.56 -58.81
N THR B 76 19.25 -7.63 -58.33
CA THR B 76 19.92 -7.60 -57.04
C THR B 76 21.41 -7.82 -57.28
N GLU B 77 22.19 -7.66 -56.21
CA GLU B 77 23.63 -7.83 -56.33
C GLU B 77 24.02 -9.25 -56.72
N GLN B 78 23.20 -10.25 -56.38
CA GLN B 78 23.47 -11.62 -56.83
C GLN B 78 23.24 -11.80 -58.31
N GLY B 79 22.62 -10.83 -58.97
CA GLY B 79 22.30 -10.94 -60.39
C GLY B 79 20.92 -10.38 -60.69
N GLU B 80 20.09 -11.15 -61.38
CA GLU B 80 18.74 -10.71 -61.69
C GLU B 80 17.82 -11.90 -61.53
N LYS B 81 16.66 -11.67 -60.91
CA LYS B 81 15.74 -12.74 -60.57
C LYS B 81 14.33 -12.41 -61.04
N LEU B 82 13.68 -13.41 -61.62
CA LEU B 82 12.26 -13.35 -61.95
C LEU B 82 11.51 -14.21 -60.95
N LEU B 83 10.65 -13.58 -60.17
CA LEU B 83 9.83 -14.25 -59.15
C LEU B 83 8.38 -14.18 -59.61
N ALA B 84 7.74 -15.33 -59.76
CA ALA B 84 6.37 -15.38 -60.26
C ALA B 84 5.50 -16.21 -59.34
N ARG B 85 4.25 -15.78 -59.19
CA ARG B 85 3.28 -16.45 -58.35
C ARG B 85 2.04 -16.80 -59.16
N LYS B 86 1.26 -17.71 -58.61
CA LYS B 86 0.08 -18.27 -59.25
C LYS B 86 -1.18 -17.86 -58.49
N GLU B 87 -2.25 -17.62 -59.22
CA GLU B 87 -3.52 -17.17 -58.65
C GLU B 87 -4.64 -18.08 -59.14
N PRO B 88 -4.81 -19.24 -58.50
CA PRO B 88 -5.89 -20.14 -58.94
C PRO B 88 -7.27 -19.51 -58.87
N GLY B 89 -7.52 -18.68 -57.86
CA GLY B 89 -8.79 -18.00 -57.70
C GLY B 89 -9.74 -18.66 -56.74
N ASN B 90 -9.54 -19.94 -56.43
CA ASN B 90 -10.38 -20.66 -55.49
C ASN B 90 -9.88 -20.54 -54.05
N GLN B 91 -8.70 -19.97 -53.84
CA GLN B 91 -8.11 -19.85 -52.53
C GLN B 91 -7.55 -18.45 -52.34
N ARG B 92 -7.44 -18.03 -51.08
CA ARG B 92 -6.91 -16.71 -50.78
C ARG B 92 -5.43 -16.62 -51.18
N SER B 93 -4.66 -17.67 -50.92
CA SER B 93 -3.25 -17.67 -51.25
C SER B 93 -2.83 -19.09 -51.60
N THR B 94 -1.74 -19.20 -52.35
CA THR B 94 -1.21 -20.48 -52.78
C THR B 94 0.30 -20.52 -52.55
N THR B 95 0.83 -21.73 -52.39
CA THR B 95 2.25 -21.90 -52.13
C THR B 95 3.07 -22.02 -53.40
N ASP B 96 2.43 -22.23 -54.54
CA ASP B 96 3.14 -22.48 -55.79
C ASP B 96 3.69 -21.18 -56.37
N MET B 97 4.97 -21.20 -56.73
CA MET B 97 5.60 -20.10 -57.44
C MET B 97 6.71 -20.64 -58.33
N PHE B 98 7.18 -19.78 -59.22
CA PHE B 98 8.27 -20.09 -60.14
C PHE B 98 9.39 -19.07 -59.94
N VAL B 99 10.63 -19.53 -60.02
CA VAL B 99 11.80 -18.69 -59.83
C VAL B 99 12.75 -18.92 -60.98
N LEU B 100 13.35 -17.83 -61.48
CA LEU B 100 14.43 -17.95 -62.45
C LEU B 100 15.49 -16.92 -62.10
N GLU B 101 16.74 -17.26 -62.38
CA GLU B 101 17.86 -16.39 -62.05
C GLU B 101 18.84 -16.33 -63.22
N ALA B 102 19.59 -15.25 -63.29
CA ALA B 102 20.68 -15.15 -64.27
C ALA B 102 21.52 -13.93 -63.94
N GLU B 103 22.51 -13.66 -64.78
CA GLU B 103 23.22 -12.39 -64.71
C GLU B 103 22.38 -11.28 -65.34
N ASN B 104 21.57 -11.62 -66.31
CA ASN B 104 20.63 -10.69 -66.92
C ASN B 104 19.58 -11.49 -67.68
N ILE B 105 18.33 -11.40 -67.22
CA ILE B 105 17.27 -12.25 -67.76
C ILE B 105 16.48 -11.48 -68.80
N THR B 106 16.90 -11.58 -70.05
CA THR B 106 16.16 -10.97 -71.15
C THR B 106 15.04 -11.86 -71.67
N SER B 107 15.26 -13.17 -71.72
CA SER B 107 14.26 -14.10 -72.18
C SER B 107 13.12 -14.21 -71.16
N ILE B 108 11.93 -14.51 -71.66
CA ILE B 108 10.73 -14.65 -70.83
C ILE B 108 10.07 -15.97 -71.21
N PRO B 109 9.95 -16.93 -70.29
CA PRO B 109 9.24 -18.17 -70.62
C PRO B 109 7.80 -17.89 -71.01
N ILE B 110 7.29 -18.68 -71.95
CA ILE B 110 5.91 -18.52 -72.38
C ILE B 110 4.95 -19.21 -71.42
N ARG B 111 5.42 -20.25 -70.72
CA ARG B 111 4.60 -20.96 -69.75
C ARG B 111 5.42 -21.18 -68.49
N LEU B 112 4.72 -21.34 -67.37
CA LEU B 112 5.35 -21.47 -66.07
C LEU B 112 4.88 -22.74 -65.39
N GLU B 113 5.66 -23.18 -64.40
CA GLU B 113 5.36 -24.39 -63.66
C GLU B 113 5.94 -24.25 -62.26
N LYS B 114 5.45 -25.09 -61.34
CA LYS B 114 5.95 -25.09 -59.98
C LYS B 114 7.46 -25.27 -59.97
N ASN B 115 8.15 -24.32 -59.32
CA ASN B 115 9.60 -24.40 -59.17
C ASN B 115 10.10 -24.06 -57.78
N THR B 116 9.26 -23.49 -56.91
CA THR B 116 9.69 -23.15 -55.56
C THR B 116 8.46 -22.75 -54.74
N ASN B 117 8.53 -22.99 -53.43
CA ASN B 117 7.43 -22.69 -52.53
C ASN B 117 7.68 -21.38 -51.78
N VAL B 118 6.65 -20.94 -51.05
CA VAL B 118 6.76 -19.70 -50.28
C VAL B 118 7.86 -19.78 -49.25
N ILE B 119 7.95 -20.90 -48.53
CA ILE B 119 8.96 -21.01 -47.49
C ILE B 119 10.35 -20.89 -48.09
N ALA B 120 10.58 -21.54 -49.23
CA ALA B 120 11.89 -21.51 -49.85
C ALA B 120 12.26 -20.10 -50.29
N VAL B 121 11.33 -19.38 -50.93
CA VAL B 121 11.65 -18.04 -51.40
C VAL B 121 11.85 -17.10 -50.23
N LYS B 122 11.08 -17.28 -49.16
CA LYS B 122 11.29 -16.46 -47.97
C LYS B 122 12.66 -16.72 -47.36
N ARG B 123 13.08 -17.98 -47.32
CA ARG B 123 14.43 -18.29 -46.87
C ARG B 123 15.46 -17.63 -47.77
N MET B 124 15.25 -17.69 -49.08
CA MET B 124 16.18 -17.08 -50.03
C MET B 124 16.30 -15.58 -49.77
N LEU B 125 15.17 -14.92 -49.57
CA LEU B 125 15.18 -13.48 -49.35
C LEU B 125 15.85 -13.14 -48.02
N ASP B 126 15.50 -13.85 -46.96
CA ASP B 126 16.12 -13.62 -45.68
C ASP B 126 17.63 -13.80 -45.77
N ASP B 127 18.08 -14.83 -46.47
CA ASP B 127 19.51 -15.00 -46.70
C ASP B 127 20.07 -13.82 -47.48
N LEU B 128 19.36 -13.37 -48.51
CA LEU B 128 19.82 -12.26 -49.32
C LEU B 128 20.06 -11.02 -48.46
N ALA B 129 19.26 -10.85 -47.41
CA ALA B 129 19.49 -9.76 -46.48
C ALA B 129 20.74 -9.97 -45.63
N ASN B 130 21.34 -11.16 -45.69
CA ASN B 130 22.50 -11.48 -44.87
C ASN B 130 22.18 -11.39 -43.39
N LEU B 131 20.98 -11.84 -43.02
CA LEU B 131 20.56 -11.86 -41.62
C LEU B 131 20.95 -13.19 -40.98
N SER B 132 20.66 -13.33 -39.70
CA SER B 132 20.93 -14.54 -38.94
C SER B 132 19.64 -15.36 -38.83
N ASN B 133 19.69 -16.60 -39.30
CA ASN B 133 18.52 -17.47 -39.23
C ASN B 133 18.37 -18.04 -37.83
N ARG B 148 13.99 -11.63 -34.06
CA ARG B 148 15.08 -11.66 -35.04
C ARG B 148 14.60 -11.04 -36.35
N PRO B 149 15.44 -10.26 -37.02
CA PRO B 149 15.00 -9.56 -38.23
C PRO B 149 14.57 -10.52 -39.32
N ALA B 150 13.82 -9.99 -40.28
CA ALA B 150 13.36 -10.74 -41.43
C ALA B 150 13.12 -9.76 -42.57
N PHE B 151 12.86 -10.30 -43.76
CA PHE B 151 12.66 -9.42 -44.90
C PHE B 151 11.36 -8.65 -44.81
N ARG B 152 10.26 -9.34 -44.48
CA ARG B 152 8.97 -8.66 -44.42
C ARG B 152 8.99 -7.56 -43.36
N ASP B 153 9.69 -7.80 -42.26
CA ASP B 153 9.72 -6.81 -41.17
C ASP B 153 10.30 -5.49 -41.63
N LEU B 154 11.08 -5.49 -42.72
CA LEU B 154 11.69 -4.27 -43.22
C LEU B 154 10.79 -3.50 -44.17
N ALA B 155 9.56 -3.96 -44.39
CA ALA B 155 8.60 -3.27 -45.26
C ALA B 155 8.07 -2.00 -44.65
N ALA B 156 8.60 -1.53 -43.53
CA ALA B 156 8.15 -0.27 -42.95
C ALA B 156 8.93 0.92 -43.45
N PHE B 157 10.00 0.69 -44.22
CA PHE B 157 10.82 1.77 -44.75
C PHE B 157 10.68 1.93 -46.26
N THR B 158 9.77 1.20 -46.90
CA THR B 158 9.64 1.24 -48.35
C THR B 158 8.25 1.65 -48.82
N PHE B 159 7.19 1.09 -48.25
CA PHE B 159 5.84 1.46 -48.66
C PHE B 159 5.37 2.72 -47.97
N GLN B 160 4.50 3.47 -48.65
CA GLN B 160 3.82 4.63 -48.08
C GLN B 160 2.44 4.70 -48.72
N PRO B 161 1.46 4.00 -48.16
CA PRO B 161 0.14 3.97 -48.81
C PRO B 161 -0.50 5.34 -48.85
N GLN B 162 -1.69 5.43 -49.44
CA GLN B 162 -2.40 6.71 -49.49
C GLN B 162 -2.78 7.19 -48.10
N ASN B 163 -2.89 6.28 -47.14
CA ASN B 163 -3.31 6.63 -45.80
C ASN B 163 -2.19 7.25 -44.97
N VAL B 164 -0.94 7.17 -45.43
CA VAL B 164 0.20 7.43 -44.56
C VAL B 164 1.09 8.54 -45.14
N VAL B 165 0.99 8.77 -46.44
CA VAL B 165 1.94 9.65 -47.09
C VAL B 165 1.89 11.06 -46.52
N ALA B 166 0.70 11.55 -46.18
CA ALA B 166 0.55 12.88 -45.58
C ALA B 166 -0.33 12.80 -44.35
N ASN B 167 -0.05 11.81 -43.48
CA ASN B 167 -0.85 11.57 -42.29
C ASN B 167 -0.10 12.05 -41.07
N PRO B 168 -0.61 13.00 -40.28
CA PRO B 168 0.16 13.53 -39.15
C PRO B 168 0.18 12.64 -37.94
N ASP B 169 -0.55 11.53 -37.93
CA ASP B 169 -0.55 10.59 -36.81
C ASP B 169 0.41 9.44 -37.03
N VAL B 170 0.34 8.77 -38.17
CA VAL B 170 1.15 7.60 -38.47
C VAL B 170 2.28 8.03 -39.38
N LEU B 171 3.49 7.56 -39.07
CA LEU B 171 4.66 7.85 -39.89
C LEU B 171 5.08 6.67 -40.74
N PHE B 172 5.12 5.46 -40.19
CA PHE B 172 5.61 4.29 -40.90
C PHE B 172 4.47 3.32 -41.17
N PHE B 173 4.53 2.68 -42.33
CA PHE B 173 3.56 1.65 -42.66
C PHE B 173 3.67 0.47 -41.71
N LYS B 174 2.54 -0.19 -41.46
CA LYS B 174 2.50 -1.35 -40.55
C LYS B 174 2.98 -0.96 -39.15
N THR B 175 2.24 -0.05 -38.53
CA THR B 175 2.47 0.27 -37.12
C THR B 175 1.16 0.51 -36.39
N ASN B 176 0.03 0.01 -36.89
CA ASN B 176 -1.25 0.28 -36.26
C ASN B 176 -1.50 -0.63 -35.07
N THR B 177 -1.16 -1.92 -35.18
CA THR B 177 -1.40 -2.84 -34.09
C THR B 177 -0.31 -2.70 -33.03
N TYR B 178 -0.29 -3.66 -32.11
CA TYR B 178 0.66 -3.62 -31.00
C TYR B 178 1.92 -4.43 -31.32
N GLU B 179 1.74 -5.64 -31.84
CA GLU B 179 2.88 -6.49 -32.14
C GLU B 179 3.79 -5.85 -33.19
N HIS B 180 3.20 -5.24 -34.21
CA HIS B 180 4.00 -4.68 -35.28
C HIS B 180 4.89 -3.55 -34.78
N ARG B 181 4.33 -2.61 -34.03
CA ARG B 181 5.17 -1.54 -33.50
C ARG B 181 6.17 -2.07 -32.49
N GLU B 182 5.81 -3.12 -31.75
CA GLU B 182 6.78 -3.74 -30.86
C GLU B 182 7.97 -4.28 -31.64
N LYS B 183 7.73 -4.95 -32.76
CA LYS B 183 8.82 -5.46 -33.59
C LYS B 183 9.66 -4.32 -34.13
N LEU B 184 9.01 -3.28 -34.65
CA LEU B 184 9.74 -2.19 -35.27
C LEU B 184 10.62 -1.47 -34.27
N ARG B 185 10.13 -1.26 -33.06
CA ARG B 185 10.92 -0.65 -31.99
C ARG B 185 12.13 -1.49 -31.63
N LYS B 186 12.05 -2.80 -31.78
CA LYS B 186 13.21 -3.67 -31.60
C LYS B 186 14.16 -3.63 -32.79
N ILE B 187 13.64 -3.40 -33.99
CA ILE B 187 14.49 -3.43 -35.18
C ILE B 187 15.36 -2.18 -35.27
N PHE B 188 14.78 -0.99 -35.10
CA PHE B 188 15.57 0.23 -35.36
C PHE B 188 17.02 0.16 -34.89
N PRO B 189 17.35 -0.27 -33.68
CA PRO B 189 18.77 -0.29 -33.30
C PRO B 189 19.62 -1.11 -34.25
N TYR B 190 19.05 -2.17 -34.84
CA TYR B 190 19.82 -2.99 -35.76
C TYR B 190 20.01 -2.28 -37.10
N VAL B 191 18.95 -1.68 -37.64
CA VAL B 191 19.07 -1.01 -38.93
C VAL B 191 20.04 0.15 -38.86
N LEU B 192 20.00 0.93 -37.78
CA LEU B 192 20.90 2.07 -37.65
C LEU B 192 22.35 1.67 -37.55
N GLY B 193 22.66 0.37 -37.53
CA GLY B 193 24.04 -0.08 -37.46
C GLY B 193 24.66 0.07 -36.10
N ALA B 194 23.88 0.41 -35.08
CA ALA B 194 24.43 0.59 -33.74
C ALA B 194 24.93 -0.72 -33.15
N ILE B 195 24.15 -1.80 -33.26
CA ILE B 195 24.47 -3.06 -32.61
C ILE B 195 24.50 -4.15 -33.67
N THR B 196 25.55 -4.97 -33.63
CA THR B 196 25.68 -6.08 -34.55
C THR B 196 24.72 -7.21 -34.18
N SER B 197 24.66 -8.21 -35.06
CA SER B 197 23.70 -9.30 -34.85
C SER B 197 23.99 -10.09 -33.58
N GLU B 198 25.26 -10.44 -33.34
CA GLU B 198 25.57 -11.30 -32.21
C GLU B 198 25.26 -10.62 -30.88
N LEU B 199 25.55 -9.33 -30.76
CA LEU B 199 25.34 -8.65 -29.50
C LEU B 199 23.87 -8.63 -29.10
N MET B 200 22.95 -8.59 -30.06
CA MET B 200 21.55 -8.67 -29.69
C MET B 200 21.25 -10.00 -29.03
N ALA B 201 21.79 -11.09 -29.57
CA ALA B 201 21.60 -12.39 -28.93
C ALA B 201 22.21 -12.41 -27.53
N LYS B 202 23.39 -11.82 -27.37
CA LYS B 202 24.01 -11.79 -26.05
C LYS B 202 23.17 -11.01 -25.05
N GLN B 203 22.60 -9.89 -25.48
CA GLN B 203 21.88 -9.02 -24.56
C GLN B 203 20.64 -9.70 -23.99
N PHE B 204 19.98 -10.54 -24.77
CA PHE B 204 18.83 -11.27 -24.26
C PHE B 204 19.22 -12.16 -23.10
N GLU B 205 20.30 -12.91 -23.26
CA GLU B 205 20.81 -13.74 -22.17
C GLU B 205 21.19 -12.88 -20.97
N LEU B 206 21.85 -11.75 -21.21
CA LEU B 206 22.25 -10.90 -20.11
C LEU B 206 21.04 -10.44 -19.31
N ASN B 207 19.98 -10.03 -19.99
CA ASN B 207 18.78 -9.58 -19.29
C ASN B 207 18.15 -10.73 -18.50
N ARG B 208 18.08 -11.92 -19.10
CA ARG B 208 17.49 -13.05 -18.39
C ARG B 208 18.27 -13.34 -17.11
N ILE B 209 19.59 -13.37 -17.20
CA ILE B 209 20.41 -13.64 -16.02
C ILE B 209 20.26 -12.51 -15.00
N ARG B 210 20.16 -11.27 -15.48
CA ARG B 210 20.03 -10.14 -14.57
C ARG B 210 18.77 -10.28 -13.73
N LEU B 211 17.65 -10.66 -14.36
CA LEU B 211 16.42 -10.82 -13.59
C LEU B 211 16.42 -12.09 -12.75
N PHE B 212 17.18 -13.11 -13.14
CA PHE B 212 17.20 -14.35 -12.37
C PHE B 212 18.03 -14.22 -11.10
N LEU B 213 19.16 -13.52 -11.18
CA LEU B 213 20.09 -13.45 -10.06
C LEU B 213 19.42 -12.79 -8.85
N ARG B 214 18.64 -11.74 -9.09
CA ARG B 214 17.99 -11.05 -7.99
C ARG B 214 17.01 -11.98 -7.27
N ARG B 215 16.24 -12.75 -8.02
CA ARG B 215 15.34 -13.71 -7.40
C ARG B 215 16.12 -14.70 -6.55
N LYS B 216 17.21 -15.25 -7.10
CA LYS B 216 17.98 -16.21 -6.32
C LYS B 216 18.55 -15.59 -5.05
N GLU B 217 19.01 -14.35 -5.13
CA GLU B 217 19.51 -13.68 -3.94
C GLU B 217 18.40 -13.50 -2.91
N ARG B 218 17.19 -13.15 -3.36
CA ARG B 218 16.08 -13.02 -2.43
C ARG B 218 15.78 -14.35 -1.76
N GLU B 219 15.86 -15.45 -2.51
CA GLU B 219 15.64 -16.76 -1.89
C GLU B 219 16.73 -17.08 -0.87
N LEU B 220 17.99 -16.72 -1.17
CA LEU B 220 19.03 -16.87 -0.17
C LEU B 220 18.68 -16.13 1.11
N LYS B 221 18.32 -14.85 0.97
CA LYS B 221 18.00 -14.06 2.16
C LYS B 221 16.83 -14.64 2.93
N ASP B 222 15.81 -15.12 2.22
CA ASP B 222 14.69 -15.76 2.90
C ASP B 222 15.14 -16.99 3.68
N ALA B 223 15.99 -17.81 3.07
CA ALA B 223 16.42 -19.04 3.73
C ALA B 223 17.28 -18.75 4.95
N GLN B 224 18.07 -17.68 4.92
CA GLN B 224 19.02 -17.46 6.01
C GLN B 224 18.35 -17.15 7.34
N ASP B 225 17.08 -16.73 7.33
CA ASP B 225 16.43 -16.38 8.58
C ASP B 225 16.09 -17.63 9.39
N VAL B 226 15.80 -17.43 10.67
CA VAL B 226 15.46 -18.52 11.58
C VAL B 226 14.38 -18.05 12.54
N SER B 227 13.61 -18.98 13.09
CA SER B 227 12.47 -18.64 13.92
C SER B 227 12.93 -18.08 15.25
N ALA B 228 11.97 -17.89 16.16
CA ALA B 228 12.23 -17.22 17.42
C ALA B 228 12.78 -18.17 18.47
N GLN B 229 12.00 -19.19 18.84
CA GLN B 229 12.38 -20.02 19.97
C GLN B 229 13.75 -20.65 19.79
N TRP B 230 14.17 -20.88 18.54
CA TRP B 230 15.49 -21.43 18.30
C TRP B 230 16.60 -20.42 18.57
N LEU B 231 16.35 -19.13 18.32
CA LEU B 231 17.28 -18.12 18.82
C LEU B 231 17.27 -18.07 20.33
N ALA B 232 16.09 -18.19 20.92
CA ALA B 232 15.97 -18.10 22.38
C ALA B 232 16.79 -19.18 23.06
N ASP B 233 16.70 -20.42 22.57
CA ASP B 233 17.40 -21.51 23.21
C ASP B 233 18.91 -21.27 23.21
N LEU B 234 19.44 -20.87 22.05
CA LEU B 234 20.88 -20.63 21.95
C LEU B 234 21.31 -19.51 22.87
N LYS B 235 20.55 -18.41 22.89
CA LYS B 235 20.94 -17.30 23.75
C LYS B 235 20.88 -17.70 25.21
N SER B 236 19.86 -18.45 25.60
CA SER B 236 19.76 -18.90 26.99
C SER B 236 20.97 -19.75 27.37
N LYS B 237 21.32 -20.71 26.51
CA LYS B 237 22.45 -21.58 26.83
C LYS B 237 23.74 -20.78 26.93
N TYR B 238 23.97 -19.85 26.01
CA TYR B 238 25.19 -19.06 26.08
C TYR B 238 25.23 -18.23 27.35
N SER B 239 24.11 -17.61 27.71
CA SER B 239 24.10 -16.78 28.91
C SER B 239 24.37 -17.62 30.16
N GLU B 240 23.75 -18.81 30.25
CA GLU B 240 24.04 -19.69 31.37
C GLU B 240 25.51 -20.02 31.44
N ALA B 241 26.11 -20.37 30.29
CA ALA B 241 27.55 -20.66 30.28
C ALA B 241 28.34 -19.46 30.74
N GLN B 242 27.93 -18.26 30.35
CA GLN B 242 28.64 -17.06 30.76
C GLN B 242 28.59 -16.87 32.27
N GLU B 243 27.43 -17.12 32.88
CA GLU B 243 27.30 -16.88 34.32
C GLU B 243 28.28 -17.72 35.11
N LEU B 244 28.45 -18.99 34.74
CA LEU B 244 29.37 -19.86 35.44
C LEU B 244 30.81 -19.38 35.36
N GLY B 245 31.11 -18.49 34.41
CA GLY B 245 32.45 -17.99 34.23
C GLY B 245 33.29 -18.74 33.22
N LEU B 246 32.68 -19.54 32.35
CA LEU B 246 33.45 -20.28 31.37
C LEU B 246 33.91 -19.41 30.20
N VAL B 247 33.13 -18.39 29.83
CA VAL B 247 33.51 -17.54 28.69
C VAL B 247 33.45 -16.08 29.12
N PRO B 248 34.23 -15.25 28.45
CA PRO B 248 34.27 -13.83 28.83
C PRO B 248 33.02 -13.08 28.38
N LYS B 249 32.79 -11.93 29.01
CA LYS B 249 31.64 -11.11 28.70
C LYS B 249 31.77 -10.55 27.29
N PRO B 250 30.76 -10.72 26.42
CA PRO B 250 30.85 -10.12 25.08
C PRO B 250 30.46 -8.65 25.08
N GLN B 251 31.43 -7.78 24.81
CA GLN B 251 31.15 -6.34 24.77
C GLN B 251 30.24 -5.95 23.62
N GLU B 252 30.11 -6.80 22.60
CA GLU B 252 29.27 -6.51 21.45
C GLU B 252 28.40 -7.73 21.16
N GLN B 253 27.18 -7.47 20.72
CA GLN B 253 26.22 -8.54 20.47
C GLN B 253 26.75 -9.52 19.44
N LEU B 254 26.75 -10.80 19.78
CA LEU B 254 27.30 -11.82 18.91
C LEU B 254 26.24 -12.39 17.99
N SER B 255 26.69 -13.06 16.93
CA SER B 255 25.81 -13.77 16.02
C SER B 255 25.91 -15.27 16.27
N ARG B 256 25.02 -16.02 15.62
CA ARG B 256 24.97 -17.45 15.84
C ARG B 256 26.34 -18.09 15.60
N LYS B 257 27.07 -17.60 14.59
CA LYS B 257 28.37 -18.18 14.27
C LYS B 257 29.33 -18.06 15.44
N GLN B 258 29.46 -16.84 15.98
CA GLN B 258 30.39 -16.62 17.09
C GLN B 258 29.98 -17.45 18.30
N MET B 259 28.69 -17.48 18.61
CA MET B 259 28.23 -18.24 19.77
C MET B 259 28.56 -19.72 19.62
N ILE B 260 28.24 -20.29 18.45
CA ILE B 260 28.47 -21.72 18.27
C ILE B 260 29.97 -22.01 18.32
N SER B 261 30.79 -21.16 17.70
CA SER B 261 32.23 -21.39 17.74
C SER B 261 32.75 -21.35 19.17
N GLN B 262 32.33 -20.35 19.94
CA GLN B 262 32.81 -20.24 21.31
C GLN B 262 32.35 -21.42 22.15
N LEU B 263 31.11 -21.87 21.97
CA LEU B 263 30.63 -23.02 22.73
C LEU B 263 31.40 -24.28 22.37
N GLU B 264 31.69 -24.48 21.07
CA GLU B 264 32.49 -25.63 20.68
C GLU B 264 33.87 -25.56 21.30
N GLU B 265 34.47 -24.37 21.34
CA GLU B 265 35.74 -24.22 22.04
C GLU B 265 35.65 -24.60 23.51
N VAL B 266 34.58 -24.17 24.19
CA VAL B 266 34.41 -24.50 25.61
C VAL B 266 34.28 -26.00 25.79
N ILE B 267 33.48 -26.66 24.96
CA ILE B 267 33.24 -28.08 25.13
C ILE B 267 34.55 -28.85 25.04
N SER B 268 35.37 -28.53 24.05
CA SER B 268 36.58 -29.30 23.79
C SER B 268 37.64 -29.13 24.89
N ARG B 269 37.48 -28.16 25.79
CA ARG B 269 38.47 -27.97 26.83
C ARG B 269 38.65 -29.26 27.62
N THR B 270 39.90 -29.57 27.94
CA THR B 270 40.22 -30.77 28.70
C THR B 270 39.93 -30.63 30.19
N ASP B 271 40.01 -29.42 30.73
CA ASP B 271 39.80 -29.20 32.16
C ASP B 271 39.01 -27.93 32.41
N LEU B 272 37.82 -28.06 32.98
CA LEU B 272 36.99 -26.91 33.30
C LEU B 272 37.43 -26.30 34.63
N THR B 273 37.15 -25.01 34.79
CA THR B 273 37.51 -24.28 35.99
C THR B 273 36.46 -23.20 36.23
N LEU B 274 35.47 -23.51 37.04
CA LEU B 274 34.44 -22.54 37.35
C LEU B 274 35.02 -21.38 38.15
N LYS B 275 34.67 -20.16 37.77
CA LYS B 275 35.14 -18.96 38.45
C LYS B 275 33.97 -17.99 38.68
N VAL B 276 32.87 -18.53 39.21
CA VAL B 276 31.72 -17.69 39.53
C VAL B 276 32.15 -16.57 40.45
N THR B 277 31.61 -15.37 40.22
CA THR B 277 31.96 -14.22 41.03
C THR B 277 30.80 -13.22 40.97
N VAL B 278 30.72 -12.37 41.99
CA VAL B 278 29.61 -11.44 42.15
C VAL B 278 29.28 -10.74 40.84
N SER B 279 30.30 -10.34 40.08
CA SER B 279 30.04 -9.63 38.83
C SER B 279 29.23 -10.49 37.87
N THR B 280 29.60 -11.76 37.76
CA THR B 280 28.89 -12.65 36.84
C THR B 280 27.43 -12.81 37.24
N ILE B 281 27.17 -12.98 38.54
CA ILE B 281 25.78 -13.10 38.98
C ILE B 281 25.02 -11.83 38.69
N SER B 282 25.63 -10.67 38.99
CA SER B 282 24.93 -9.40 38.80
C SER B 282 24.57 -9.17 37.34
N ASP B 283 25.45 -9.59 36.42
CA ASP B 283 25.19 -9.34 35.01
C ASP B 283 23.91 -10.04 34.56
N ALA B 284 23.70 -11.29 34.99
CA ALA B 284 22.50 -12.01 34.60
C ALA B 284 21.24 -11.29 35.10
N LEU B 285 21.28 -10.78 36.33
CA LEU B 285 20.12 -10.07 36.84
C LEU B 285 19.87 -8.78 36.05
N SER B 286 20.93 -8.08 35.67
CA SER B 286 20.75 -6.89 34.84
C SER B 286 20.09 -7.25 33.51
N GLU B 287 20.54 -8.33 32.88
CA GLU B 287 19.89 -8.80 31.66
C GLU B 287 18.42 -9.10 31.93
N LEU B 288 18.12 -9.67 33.09
CA LEU B 288 16.73 -9.97 33.42
C LEU B 288 15.90 -8.69 33.48
N ASN B 289 16.45 -7.64 34.09
CA ASN B 289 15.73 -6.37 34.15
C ASN B 289 15.44 -5.83 32.75
N THR B 290 16.45 -5.88 31.88
CA THR B 290 16.23 -5.40 30.52
C THR B 290 15.13 -6.21 29.84
N LEU B 291 15.13 -7.52 30.04
CA LEU B 291 14.08 -8.34 29.46
C LEU B 291 12.71 -7.94 29.98
N GLU B 292 12.61 -7.67 31.28
CA GLU B 292 11.34 -7.20 31.83
C GLU B 292 10.85 -5.96 31.09
N SER B 293 11.72 -4.96 30.95
CA SER B 293 11.31 -3.71 30.32
C SER B 293 10.82 -3.97 28.90
N GLU B 294 11.60 -4.73 28.12
CA GLU B 294 11.21 -4.99 26.75
C GLU B 294 9.89 -5.73 26.66
N GLU B 295 9.67 -6.69 27.56
CA GLU B 295 8.40 -7.43 27.55
C GLU B 295 7.22 -6.49 27.78
N ARG B 296 7.33 -5.62 28.79
CA ARG B 296 6.19 -4.76 29.07
C ARG B 296 5.89 -3.85 27.88
N LEU B 297 6.93 -3.28 27.27
CA LEU B 297 6.74 -2.40 26.13
C LEU B 297 6.02 -3.13 24.99
N VAL B 298 6.56 -4.30 24.63
CA VAL B 298 5.98 -5.01 23.49
C VAL B 298 4.56 -5.46 23.79
N SER B 299 4.27 -5.84 25.03
CA SER B 299 2.91 -6.26 25.35
C SER B 299 1.93 -5.11 25.21
N ARG B 300 2.31 -3.91 25.66
CA ARG B 300 1.44 -2.76 25.48
C ARG B 300 1.16 -2.53 23.98
N GLU B 301 2.21 -2.56 23.17
CA GLU B 301 2.02 -2.31 21.74
C GLU B 301 1.11 -3.36 21.13
N LEU B 302 1.31 -4.63 21.50
CA LEU B 302 0.50 -5.70 20.94
C LEU B 302 -0.97 -5.52 21.31
N THR B 303 -1.23 -5.13 22.57
CA THR B 303 -2.61 -4.85 22.96
C THR B 303 -3.22 -3.76 22.10
N THR B 304 -2.47 -2.67 21.88
CA THR B 304 -3.00 -1.59 21.06
C THR B 304 -3.39 -2.08 19.67
N MET B 305 -2.47 -2.80 19.01
CA MET B 305 -2.78 -3.30 17.67
C MET B 305 -3.98 -4.23 17.68
N ARG B 306 -4.06 -5.11 18.68
CA ARG B 306 -5.16 -6.08 18.69
C ARG B 306 -6.51 -5.38 18.83
N HIS B 307 -6.60 -4.39 19.71
CA HIS B 307 -7.87 -3.68 19.83
C HIS B 307 -8.22 -2.93 18.56
N ARG B 308 -7.22 -2.26 17.96
CA ARG B 308 -7.46 -1.56 16.71
C ARG B 308 -8.04 -2.52 15.66
N LEU B 309 -7.42 -3.70 15.53
CA LEU B 309 -7.90 -4.69 14.57
C LEU B 309 -9.31 -5.13 14.90
N GLU B 310 -9.63 -5.33 16.18
CA GLU B 310 -10.98 -5.76 16.53
C GLU B 310 -12.02 -4.72 16.08
N GLU B 311 -11.74 -3.44 16.32
CA GLU B 311 -12.69 -2.41 15.90
C GLU B 311 -12.83 -2.38 14.39
N MET B 312 -11.72 -2.51 13.67
CA MET B 312 -11.79 -2.55 12.21
C MET B 312 -12.66 -3.70 11.74
N ASN B 313 -12.50 -4.87 12.37
CA ASN B 313 -13.31 -6.03 11.99
C ASN B 313 -14.79 -5.79 12.26
N ARG B 314 -15.12 -5.15 13.39
CA ARG B 314 -16.52 -4.88 13.68
C ARG B 314 -17.11 -3.93 12.64
N LEU B 315 -16.34 -2.92 12.23
CA LEU B 315 -16.82 -2.02 11.18
C LEU B 315 -17.00 -2.77 9.87
N ARG B 316 -16.13 -3.72 9.56
CA ARG B 316 -16.34 -4.55 8.37
C ARG B 316 -17.61 -5.39 8.49
N VAL B 317 -17.90 -5.91 9.69
CA VAL B 317 -19.14 -6.63 9.90
C VAL B 317 -20.32 -5.73 9.58
N GLY B 318 -20.25 -4.47 10.02
CA GLY B 318 -21.22 -3.48 9.60
C GLY B 318 -21.16 -3.14 8.13
N MET B 319 -20.06 -3.45 7.45
CA MET B 319 -19.88 -3.20 6.03
C MET B 319 -20.64 -4.19 5.16
N HIS B 320 -20.27 -5.47 5.26
CA HIS B 320 -20.71 -6.42 4.24
C HIS B 320 -22.12 -6.94 4.50
N GLN B 321 -22.47 -7.12 5.77
CA GLN B 321 -23.80 -7.63 6.11
C GLN B 321 -24.90 -6.57 5.95
N TYR B 322 -24.53 -5.31 5.77
CA TYR B 322 -25.52 -4.28 5.49
C TYR B 322 -25.96 -4.35 4.03
N GLU B 323 -25.01 -4.21 3.11
CA GLU B 323 -25.27 -4.40 1.69
C GLU B 323 -23.94 -4.63 0.98
N ASN B 324 -24.03 -5.16 -0.24
CA ASN B 324 -22.81 -5.49 -0.98
C ASN B 324 -21.93 -4.27 -1.23
N ALA B 325 -22.52 -3.08 -1.31
CA ALA B 325 -21.73 -1.88 -1.54
C ALA B 325 -20.82 -1.60 -0.34
N LEU B 326 -19.69 -0.95 -0.63
CA LEU B 326 -18.70 -0.63 0.39
C LEU B 326 -19.15 0.57 1.21
N LEU B 327 -20.15 0.33 2.06
CA LEU B 327 -20.68 1.34 2.97
C LEU B 327 -21.14 0.67 4.26
N MET B 328 -21.15 1.43 5.35
CA MET B 328 -21.34 0.88 6.68
C MET B 328 -22.78 1.04 7.15
N GLN B 329 -23.13 0.24 8.15
CA GLN B 329 -24.32 0.47 8.97
C GLN B 329 -23.86 0.77 10.39
N ARG B 330 -24.28 1.92 10.92
CA ARG B 330 -23.79 2.37 12.21
C ARG B 330 -24.92 3.06 12.95
N ASP B 331 -24.78 3.12 14.27
CA ASP B 331 -25.78 3.74 15.12
C ASP B 331 -25.51 5.23 15.25
N ARG B 332 -26.54 5.97 15.68
CA ARG B 332 -26.46 7.42 15.78
C ARG B 332 -26.19 7.82 17.23
N LEU B 333 -25.78 9.07 17.40
CA LEU B 333 -25.46 9.61 18.72
C LEU B 333 -26.72 9.90 19.54
N LYS B 334 -27.78 10.38 18.91
CA LYS B 334 -29.09 10.57 19.56
C LYS B 334 -28.98 11.16 20.96
N ILE B 335 -28.48 12.39 21.08
CA ILE B 335 -28.30 12.98 22.40
C ILE B 335 -29.64 13.13 23.11
N SER B 336 -30.65 13.65 22.41
CA SER B 336 -31.93 13.91 23.05
C SER B 336 -32.62 12.61 23.47
N GLY B 337 -32.63 11.62 22.58
CA GLY B 337 -33.23 10.34 22.94
C GLY B 337 -32.54 9.69 24.11
N TRP B 338 -31.21 9.74 24.13
CA TRP B 338 -30.46 9.14 25.23
C TRP B 338 -30.74 9.88 26.53
N LEU B 339 -30.83 11.21 26.48
CA LEU B 339 -31.19 11.98 27.66
C LEU B 339 -32.55 11.56 28.20
N LEU B 340 -33.56 11.56 27.34
CA LEU B 340 -34.91 11.27 27.81
C LEU B 340 -35.04 9.81 28.25
N SER B 341 -34.22 8.92 27.70
CA SER B 341 -34.25 7.52 28.13
C SER B 341 -33.60 7.36 29.51
N ASN B 342 -32.48 8.04 29.74
CA ASN B 342 -31.81 7.95 31.03
C ASN B 342 -32.62 8.58 32.16
N THR B 343 -33.57 9.46 31.83
CA THR B 343 -34.40 10.08 32.86
C THR B 343 -35.37 9.06 33.42
N ASN B 344 -35.48 9.01 34.75
CA ASN B 344 -36.39 8.12 35.44
C ASN B 344 -37.35 8.94 36.32
N ASP B 345 -38.31 8.25 36.91
CA ASP B 345 -39.29 8.90 37.76
C ASP B 345 -38.72 9.31 39.11
N GLU B 346 -37.60 8.72 39.53
CA GLU B 346 -36.99 9.08 40.81
C GLU B 346 -36.37 10.46 40.80
N SER B 347 -36.01 10.99 39.63
CA SER B 347 -35.38 12.29 39.53
C SER B 347 -35.80 12.95 38.23
N ASP B 348 -35.95 14.27 38.27
CA ASP B 348 -36.32 15.06 37.10
C ASP B 348 -35.12 15.55 36.31
N CYS B 349 -33.91 15.40 36.83
CA CYS B 349 -32.71 15.91 36.19
C CYS B 349 -31.69 14.80 36.01
N PRO B 350 -31.45 14.32 34.79
CA PRO B 350 -30.30 13.45 34.57
C PRO B 350 -29.00 14.05 35.06
N MET B 351 -28.87 15.37 34.99
CA MET B 351 -27.61 16.03 35.28
C MET B 351 -27.36 16.11 36.78
N CYS B 352 -28.26 16.75 37.52
CA CYS B 352 -28.05 17.02 38.93
C CYS B 352 -28.85 16.12 39.85
N GLY B 353 -29.82 15.38 39.34
CA GLY B 353 -30.62 14.50 40.18
C GLY B 353 -31.71 15.18 40.97
N SER B 354 -32.01 16.45 40.67
CA SER B 354 -33.05 17.17 41.39
C SER B 354 -34.43 16.61 41.04
N HIS B 355 -35.46 17.22 41.64
CA HIS B 355 -36.84 16.78 41.44
C HIS B 355 -37.74 18.00 41.52
N THR B 356 -38.23 18.45 40.35
CA THR B 356 -39.14 19.58 40.29
C THR B 356 -39.84 19.58 38.94
N ASP B 357 -41.12 19.95 38.94
CA ASP B 357 -41.87 19.98 37.69
C ASP B 357 -41.30 20.99 36.72
N SER B 358 -40.87 22.16 37.20
CA SER B 358 -40.21 23.13 36.34
C SER B 358 -38.96 22.52 35.71
N ALA B 359 -38.23 21.70 36.47
CA ALA B 359 -37.09 21.01 35.90
C ALA B 359 -37.52 20.06 34.79
N LYS B 360 -38.65 19.38 34.97
CA LYS B 360 -39.17 18.50 33.93
C LYS B 360 -39.49 19.29 32.67
N GLN B 361 -40.14 20.44 32.82
CA GLN B 361 -40.50 21.25 31.66
C GLN B 361 -39.25 21.78 30.94
N LYS B 362 -38.26 22.24 31.71
CA LYS B 362 -37.02 22.71 31.09
C LYS B 362 -36.32 21.58 30.36
N LEU B 363 -36.30 20.39 30.96
CA LEU B 363 -35.69 19.23 30.30
C LEU B 363 -36.40 18.93 29.00
N GLN B 364 -37.74 18.97 29.01
CA GLN B 364 -38.50 18.70 27.78
C GLN B 364 -38.19 19.74 26.71
N ALA B 365 -38.14 21.03 27.08
CA ALA B 365 -37.87 22.07 26.11
C ALA B 365 -36.47 21.91 25.51
N LEU B 366 -35.47 21.67 26.35
CA LEU B 366 -34.11 21.49 25.86
C LEU B 366 -34.02 20.26 24.96
N VAL B 367 -34.70 19.18 25.35
CA VAL B 367 -34.72 17.97 24.54
C VAL B 367 -35.32 18.27 23.18
N GLN B 368 -36.42 19.02 23.14
CA GLN B 368 -37.06 19.32 21.86
C GLN B 368 -36.15 20.16 20.97
N ARG B 369 -35.49 21.16 21.56
CA ARG B 369 -34.60 22.00 20.75
C ARG B 369 -33.43 21.18 20.21
N LEU B 370 -32.80 20.37 21.07
CA LEU B 370 -31.69 19.54 20.61
C LEU B 370 -32.14 18.54 19.56
N SER B 371 -33.34 17.98 19.71
CA SER B 371 -33.87 17.06 18.71
C SER B 371 -34.16 17.77 17.40
N ASP B 372 -34.60 19.03 17.46
CA ASP B 372 -34.76 19.80 16.24
C ASP B 372 -33.43 20.00 15.53
N VAL B 373 -32.38 20.31 16.29
CA VAL B 373 -31.06 20.45 15.69
C VAL B 373 -30.62 19.12 15.07
N GLU B 374 -30.87 18.02 15.78
CA GLU B 374 -30.53 16.70 15.27
C GLU B 374 -31.28 16.40 13.97
N ALA B 375 -32.57 16.74 13.92
CA ALA B 375 -33.35 16.52 12.72
C ALA B 375 -32.82 17.34 11.56
N ALA B 376 -32.43 18.60 11.84
CA ALA B 376 -31.87 19.43 10.78
C ALA B 376 -30.60 18.81 10.22
N VAL B 377 -29.67 18.43 11.10
CA VAL B 377 -28.41 17.86 10.61
C VAL B 377 -28.66 16.54 9.89
N GLY B 378 -29.59 15.72 10.39
CA GLY B 378 -29.93 14.49 9.69
C GLY B 378 -30.50 14.73 8.32
N ALA B 379 -31.34 15.76 8.19
CA ALA B 379 -31.77 16.18 6.86
C ALA B 379 -30.58 16.56 5.99
N ASP B 380 -29.60 17.24 6.57
CA ASP B 380 -28.36 17.51 5.84
C ASP B 380 -27.64 16.21 5.51
N ALA B 381 -27.45 15.35 6.51
CA ALA B 381 -26.68 14.12 6.36
C ALA B 381 -27.58 12.89 6.22
N HIS B 382 -28.04 12.60 5.01
CA HIS B 382 -28.78 11.38 4.74
C HIS B 382 -27.99 10.38 3.89
N LYS B 383 -27.01 10.84 3.13
CA LYS B 383 -26.33 9.97 2.19
C LYS B 383 -25.44 8.96 2.91
N GLU B 384 -25.08 7.90 2.21
CA GLU B 384 -24.33 6.80 2.81
C GLU B 384 -22.90 7.24 3.11
N VAL B 385 -22.18 6.37 3.82
CA VAL B 385 -20.83 6.67 4.29
C VAL B 385 -19.90 5.55 3.85
N PRO B 386 -19.51 5.50 2.58
CA PRO B 386 -18.57 4.47 2.13
C PRO B 386 -17.19 4.68 2.75
N ALA B 387 -16.44 3.59 2.89
CA ALA B 387 -15.11 3.66 3.49
C ALA B 387 -14.36 2.38 3.14
N ALA B 388 -13.14 2.53 2.60
CA ALA B 388 -12.27 1.42 2.28
C ALA B 388 -10.96 1.60 3.02
N PHE B 389 -10.60 0.60 3.82
CA PHE B 389 -9.41 0.66 4.66
C PHE B 389 -8.69 -0.69 4.66
N ASP B 390 -8.52 -1.27 3.47
CA ASP B 390 -7.82 -2.54 3.34
C ASP B 390 -6.33 -2.39 3.64
N ARG B 391 -5.72 -1.27 3.24
CA ARG B 391 -4.30 -1.08 3.51
C ARG B 391 -4.00 -1.18 5.00
N GLU B 392 -4.77 -0.49 5.83
CA GLU B 392 -4.54 -0.55 7.26
C GLU B 392 -4.76 -1.96 7.79
N LEU B 393 -5.79 -2.63 7.30
CA LEU B 393 -6.07 -3.99 7.77
C LEU B 393 -4.89 -4.91 7.50
N GLN B 394 -4.35 -4.88 6.28
CA GLN B 394 -3.21 -5.71 5.97
C GLN B 394 -2.01 -5.36 6.84
N ARG B 395 -1.70 -4.07 6.96
CA ARG B 395 -0.53 -3.69 7.74
C ARG B 395 -0.67 -4.17 9.18
N VAL B 396 -1.82 -3.91 9.79
CA VAL B 396 -2.04 -4.30 11.19
C VAL B 396 -1.88 -5.80 11.33
N THR B 397 -2.48 -6.57 10.43
CA THR B 397 -2.34 -8.02 10.52
C THR B 397 -0.88 -8.44 10.40
N THR B 398 -0.07 -7.66 9.69
CA THR B 398 1.35 -7.97 9.63
C THR B 398 2.04 -7.74 10.97
N GLU B 399 1.93 -6.51 11.51
CA GLU B 399 2.68 -6.26 12.74
C GLU B 399 2.15 -7.09 13.91
N VAL B 400 0.90 -7.54 13.86
CA VAL B 400 0.42 -8.38 14.96
C VAL B 400 1.28 -9.64 15.08
N ALA B 401 1.48 -10.34 13.97
CA ALA B 401 2.33 -11.53 13.99
C ALA B 401 3.78 -11.16 14.28
N ASN B 402 4.27 -10.11 13.63
CA ASN B 402 5.68 -9.76 13.81
C ASN B 402 5.98 -9.43 15.26
N ALA B 403 5.00 -8.95 16.02
CA ALA B 403 5.24 -8.63 17.42
C ALA B 403 4.95 -9.82 18.33
N THR B 404 3.98 -10.66 17.95
CA THR B 404 3.71 -11.86 18.73
C THR B 404 4.94 -12.74 18.80
N GLU B 405 5.63 -12.90 17.67
CA GLU B 405 6.83 -13.72 17.66
C GLU B 405 7.87 -13.20 18.66
N ARG B 406 8.13 -11.90 18.61
CA ARG B 406 9.14 -11.31 19.47
C ARG B 406 8.75 -11.42 20.94
N LEU B 407 7.47 -11.24 21.24
CA LEU B 407 7.00 -11.38 22.62
C LEU B 407 7.23 -12.80 23.12
N ARG B 408 6.90 -13.79 22.29
CA ARG B 408 7.13 -15.17 22.71
C ARG B 408 8.60 -15.43 22.98
N ALA B 409 9.46 -14.92 22.10
CA ALA B 409 10.90 -15.10 22.31
C ALA B 409 11.33 -14.51 23.64
N ILE B 410 10.89 -13.28 23.92
CA ILE B 410 11.33 -12.61 25.15
C ILE B 410 10.85 -13.37 26.38
N GLN B 411 9.59 -13.81 26.37
CA GLN B 411 9.07 -14.54 27.52
C GLN B 411 9.86 -15.83 27.74
N SER B 412 10.13 -16.57 26.66
CA SER B 412 10.86 -17.81 26.80
C SER B 412 12.26 -17.55 27.36
N ARG B 413 12.92 -16.50 26.90
CA ARG B 413 14.24 -16.20 27.43
C ARG B 413 14.16 -15.87 28.92
N LYS B 414 13.14 -15.10 29.32
CA LYS B 414 13.06 -14.65 30.71
C LYS B 414 12.79 -15.81 31.66
N ARG B 415 11.98 -16.78 31.23
CA ARG B 415 11.58 -17.84 32.14
C ARG B 415 12.78 -18.59 32.69
N THR B 416 13.78 -18.87 31.84
CA THR B 416 14.93 -19.63 32.30
C THR B 416 15.76 -18.81 33.30
N LEU B 417 16.07 -17.56 32.96
CA LEU B 417 16.80 -16.72 33.89
C LEU B 417 16.12 -16.69 35.24
N THR B 418 14.80 -16.52 35.27
CA THR B 418 14.13 -16.41 36.55
C THR B 418 14.06 -17.74 37.28
N SER B 419 13.89 -18.85 36.55
CA SER B 419 13.79 -20.15 37.21
C SER B 419 15.14 -20.68 37.66
N ARG B 420 16.23 -20.03 37.27
CA ARG B 420 17.53 -20.45 37.78
C ARG B 420 17.77 -19.97 39.21
N SER B 421 16.72 -19.52 39.90
CA SER B 421 16.80 -19.18 41.31
C SER B 421 15.89 -20.01 42.20
N LYS B 422 15.05 -20.87 41.62
CA LYS B 422 14.16 -21.73 42.35
C LYS B 422 14.94 -22.95 42.86
N GLU B 423 14.21 -24.00 43.25
CA GLU B 423 14.83 -25.25 43.66
C GLU B 423 15.72 -25.84 42.58
N ALA B 424 15.45 -25.53 41.31
CA ALA B 424 16.09 -26.23 40.20
C ALA B 424 17.61 -26.04 40.22
N ARG B 425 18.08 -24.99 40.89
CA ARG B 425 19.50 -24.67 40.92
C ARG B 425 20.04 -24.62 42.34
N GLU B 426 19.54 -25.49 43.23
CA GLU B 426 20.14 -25.60 44.54
C GLU B 426 21.53 -26.21 44.46
N GLN B 427 21.79 -26.97 43.41
CA GLN B 427 23.01 -27.77 43.29
C GLN B 427 23.79 -27.51 42.03
N GLN B 428 23.36 -26.58 41.17
CA GLN B 428 24.04 -26.35 39.90
C GLN B 428 25.39 -25.69 40.07
N PHE B 429 25.56 -24.83 41.08
CA PHE B 429 26.80 -24.09 41.23
C PHE B 429 27.97 -24.97 41.63
N SER B 430 27.73 -26.23 41.97
CA SER B 430 28.82 -27.12 42.34
C SER B 430 29.68 -27.45 41.13
N THR B 431 30.87 -27.97 41.39
CA THR B 431 31.79 -28.33 40.32
C THR B 431 31.43 -29.66 39.65
N ARG B 432 30.42 -30.37 40.16
CA ARG B 432 30.04 -31.66 39.59
C ARG B 432 28.93 -31.55 38.56
N ARG B 433 27.78 -31.01 38.93
CA ARG B 433 26.64 -30.98 38.02
C ARG B 433 26.84 -30.04 36.86
N ALA B 434 27.81 -29.12 36.94
CA ALA B 434 28.15 -28.33 35.76
C ALA B 434 28.43 -29.23 34.57
N GLU B 435 29.04 -30.39 34.82
CA GLU B 435 29.24 -31.35 33.74
C GLU B 435 27.95 -31.63 32.99
N ARG B 436 26.87 -31.94 33.69
CA ARG B 436 25.63 -32.23 33.00
C ARG B 436 25.23 -31.09 32.07
N PHE B 437 25.49 -29.85 32.48
CA PHE B 437 25.17 -28.72 31.60
C PHE B 437 25.90 -28.86 30.27
N ILE B 438 27.20 -29.15 30.31
CA ILE B 438 27.92 -29.41 29.07
C ILE B 438 27.30 -30.60 28.36
N GLY B 439 26.92 -31.63 29.10
CA GLY B 439 26.31 -32.79 28.48
C GLY B 439 25.05 -32.44 27.73
N ASN B 440 24.49 -31.26 27.97
CA ASN B 440 23.39 -30.77 27.16
C ASN B 440 23.89 -29.91 26.01
N VAL B 441 24.81 -28.99 26.29
CA VAL B 441 25.23 -28.04 25.26
C VAL B 441 25.74 -28.77 24.04
N GLU B 442 26.59 -29.78 24.22
CA GLU B 442 27.15 -30.46 23.06
C GLU B 442 26.09 -31.26 22.32
N SER B 443 25.04 -31.69 23.00
CA SER B 443 23.93 -32.31 22.29
C SER B 443 23.12 -31.27 21.53
N ALA B 444 22.81 -30.15 22.17
CA ALA B 444 21.94 -29.16 21.56
C ALA B 444 22.53 -28.64 20.26
N LEU B 445 23.84 -28.38 20.23
CA LEU B 445 24.45 -27.82 19.03
C LEU B 445 24.19 -28.72 17.83
N GLU B 446 23.96 -30.01 18.05
CA GLU B 446 23.74 -30.90 16.92
C GLU B 446 22.62 -30.40 16.03
N LEU B 447 21.66 -29.67 16.61
CA LEU B 447 20.58 -29.07 15.83
C LEU B 447 20.86 -27.64 15.44
N HIS B 448 21.59 -26.88 16.26
CA HIS B 448 21.75 -25.45 16.00
C HIS B 448 22.67 -25.20 14.81
N ARG B 449 23.70 -26.02 14.63
CA ARG B 449 24.54 -25.87 13.45
C ARG B 449 23.73 -26.13 12.18
N LYS B 450 22.71 -26.96 12.26
CA LYS B 450 21.94 -27.32 11.08
C LYS B 450 20.97 -26.23 10.65
N LEU B 451 20.62 -25.31 11.55
CA LEU B 451 19.58 -24.33 11.26
C LEU B 451 20.16 -23.05 10.68
N GLY B 452 19.40 -22.44 9.77
CA GLY B 452 19.73 -21.13 9.28
C GLY B 452 21.04 -21.02 8.54
N SER B 453 21.39 -22.00 7.72
CA SER B 453 22.62 -21.94 6.95
C SER B 453 22.48 -22.80 5.71
N ASP B 454 23.09 -22.34 4.63
CA ASP B 454 23.16 -23.09 3.39
C ASP B 454 24.33 -22.57 2.57
N SER B 455 24.94 -23.47 1.80
CA SER B 455 26.08 -23.12 0.96
C SER B 455 25.74 -23.06 -0.52
N GLU B 456 24.89 -23.99 -0.99
CA GLU B 456 24.60 -24.06 -2.41
C GLU B 456 24.12 -22.71 -2.95
N LEU B 457 23.22 -22.06 -2.22
CA LEU B 457 22.72 -20.76 -2.69
C LEU B 457 23.84 -19.74 -2.78
N VAL B 458 24.79 -19.77 -1.84
CA VAL B 458 25.90 -18.82 -1.88
C VAL B 458 26.71 -19.02 -3.14
N GLU B 459 27.03 -20.27 -3.46
CA GLU B 459 27.80 -20.55 -4.66
C GLU B 459 27.04 -20.14 -5.91
N GLU B 460 25.73 -20.43 -5.96
CA GLU B 460 24.95 -20.02 -7.10
C GLU B 460 24.96 -18.52 -7.28
N VAL B 461 24.82 -17.78 -6.17
CA VAL B 461 24.82 -16.33 -6.25
C VAL B 461 26.15 -15.82 -6.77
N ARG B 462 27.25 -16.35 -6.24
CA ARG B 462 28.57 -15.91 -6.70
C ARG B 462 28.75 -16.20 -8.18
N LYS B 463 28.36 -17.40 -8.61
CA LYS B 463 28.50 -17.77 -10.02
C LYS B 463 27.68 -16.83 -10.91
N LEU B 464 26.43 -16.57 -10.53
CA LEU B 464 25.60 -15.70 -11.34
C LEU B 464 26.19 -14.31 -11.41
N LYS B 465 26.71 -13.80 -10.28
CA LYS B 465 27.31 -12.48 -10.31
C LYS B 465 28.50 -12.45 -11.26
N GLU B 466 29.32 -13.50 -11.25
CA GLU B 466 30.49 -13.50 -12.12
C GLU B 466 30.09 -13.58 -13.60
N MET B 467 29.08 -14.39 -13.92
CA MET B 467 28.57 -14.41 -15.29
C MET B 467 28.05 -13.04 -15.70
N VAL B 468 27.33 -12.37 -14.80
CA VAL B 468 26.83 -11.04 -15.10
C VAL B 468 27.98 -10.11 -15.42
N GLN B 469 29.03 -10.16 -14.61
CA GLN B 469 30.17 -9.28 -14.85
C GLN B 469 30.80 -9.57 -16.21
N THR B 470 30.95 -10.85 -16.56
CA THR B 470 31.55 -11.20 -17.84
C THR B 470 30.73 -10.67 -19.01
N LEU B 471 29.42 -10.93 -18.98
CA LEU B 471 28.57 -10.47 -20.09
C LEU B 471 28.56 -8.96 -20.18
N GLU B 472 28.50 -8.27 -19.04
CA GLU B 472 28.50 -6.81 -19.07
C GLU B 472 29.80 -6.28 -19.66
N LYS B 473 30.93 -6.90 -19.30
CA LYS B 473 32.19 -6.48 -19.90
C LYS B 473 32.22 -6.74 -21.39
N GLU B 474 31.62 -7.84 -21.84
CA GLU B 474 31.61 -8.13 -23.27
C GLU B 474 30.76 -7.13 -24.06
N LEU B 475 29.53 -6.88 -23.62
CA LEU B 475 28.63 -6.06 -24.44
C LEU B 475 29.06 -4.59 -24.46
N ARG B 476 29.35 -4.02 -23.29
CA ARG B 476 29.73 -2.61 -23.23
C ARG B 476 28.63 -1.72 -23.82
N GLU B 477 27.49 -1.66 -23.14
CA GLU B 477 26.28 -1.05 -23.69
C GLU B 477 26.40 0.45 -23.91
N LYS B 478 27.55 1.06 -23.67
CA LYS B 478 27.70 2.48 -23.99
C LYS B 478 27.89 2.70 -25.48
N ASP B 479 28.56 1.77 -26.17
CA ASP B 479 28.84 1.94 -27.58
C ASP B 479 27.56 2.03 -28.38
N VAL B 480 26.58 1.17 -28.07
CA VAL B 480 25.34 1.17 -28.83
C VAL B 480 24.64 2.52 -28.71
N GLU B 481 24.55 3.04 -27.48
CA GLU B 481 23.89 4.33 -27.29
C GLU B 481 24.64 5.43 -28.01
N LEU B 482 25.97 5.45 -27.90
CA LEU B 482 26.75 6.49 -28.56
C LEU B 482 26.52 6.47 -30.07
N ARG B 483 26.66 5.30 -30.69
CA ARG B 483 26.49 5.20 -32.13
C ARG B 483 25.08 5.56 -32.54
N LYS B 484 24.08 5.12 -31.78
CA LYS B 484 22.70 5.45 -32.12
C LYS B 484 22.49 6.95 -32.10
N ASN B 485 23.01 7.62 -31.06
CA ASN B 485 22.83 9.06 -30.98
C ASN B 485 23.50 9.76 -32.16
N GLN B 486 24.72 9.34 -32.52
CA GLN B 486 25.40 9.98 -33.64
C GLN B 486 24.64 9.77 -34.95
N ALA B 487 24.14 8.56 -35.16
CA ALA B 487 23.38 8.29 -36.39
C ALA B 487 22.12 9.16 -36.43
N LEU B 488 21.43 9.27 -35.30
CA LEU B 488 20.24 10.11 -35.26
C LEU B 488 20.60 11.57 -35.56
N ARG B 489 21.73 12.02 -35.06
CA ARG B 489 22.17 13.38 -35.36
C ARG B 489 22.38 13.55 -36.86
N VAL B 490 23.02 12.59 -37.51
CA VAL B 490 23.27 12.69 -38.94
C VAL B 490 21.95 12.73 -39.70
N ILE B 491 21.02 11.86 -39.34
CA ILE B 491 19.74 11.81 -40.05
C ILE B 491 18.99 13.12 -39.88
N ASN B 492 18.96 13.66 -38.66
CA ASN B 492 18.29 14.93 -38.43
C ASN B 492 18.92 16.04 -39.24
N ALA B 493 20.26 16.07 -39.30
CA ALA B 493 20.92 17.11 -40.08
C ALA B 493 20.55 17.03 -41.55
N GLN B 494 20.56 15.82 -42.11
CA GLN B 494 20.21 15.68 -43.52
C GLN B 494 18.77 16.10 -43.76
N ALA B 495 17.86 15.71 -42.88
CA ALA B 495 16.47 16.10 -43.06
C ALA B 495 16.32 17.62 -43.02
N GLY B 496 17.01 18.26 -42.08
CA GLY B 496 16.96 19.71 -42.01
C GLY B 496 17.47 20.37 -43.27
N ASN B 497 18.57 19.84 -43.82
CA ASN B 497 19.08 20.38 -45.07
C ASN B 497 18.09 20.18 -46.22
N ILE B 498 17.42 19.03 -46.26
CA ILE B 498 16.49 18.76 -47.35
C ILE B 498 15.29 19.68 -47.26
N LEU B 499 14.81 19.96 -46.06
CA LEU B 499 13.56 20.70 -45.92
C LEU B 499 13.63 22.09 -46.55
N GLN B 500 14.83 22.62 -46.79
CA GLN B 500 14.94 23.98 -47.30
C GLN B 500 14.25 24.13 -48.65
N GLY B 501 14.25 23.08 -49.45
CA GLY B 501 13.67 23.15 -50.78
C GLY B 501 12.18 22.93 -50.85
N LEU B 502 11.50 22.73 -49.73
CA LEU B 502 10.09 22.41 -49.72
C LEU B 502 9.28 23.56 -49.12
N ASP B 503 7.95 23.37 -49.11
CA ASP B 503 7.02 24.41 -48.67
C ASP B 503 6.45 24.02 -47.32
N VAL B 504 6.85 24.74 -46.27
CA VAL B 504 6.40 24.51 -44.91
C VAL B 504 6.17 25.85 -44.24
N GLU B 505 5.52 25.81 -43.08
CA GLU B 505 5.20 27.03 -42.35
C GLU B 505 6.45 27.72 -41.82
N ASP B 506 7.46 26.96 -41.42
CA ASP B 506 8.68 27.53 -40.87
C ASP B 506 9.84 26.64 -41.29
N PRO B 507 10.56 27.01 -42.36
CA PRO B 507 11.64 26.16 -42.86
C PRO B 507 12.94 26.26 -42.08
N SER B 508 12.95 26.87 -40.90
CA SER B 508 14.16 27.03 -40.11
C SER B 508 14.19 26.17 -38.86
N ALA B 509 13.05 25.80 -38.31
CA ALA B 509 13.01 25.05 -37.06
C ALA B 509 13.54 23.64 -37.27
N PRO B 510 14.55 23.19 -36.52
CA PRO B 510 15.04 21.82 -36.70
C PRO B 510 14.03 20.80 -36.23
N ILE B 511 14.11 19.61 -36.83
CA ILE B 511 13.23 18.50 -36.50
C ILE B 511 14.06 17.42 -35.83
N SER B 512 13.37 16.55 -35.09
CA SER B 512 14.00 15.43 -34.43
C SER B 512 13.15 14.18 -34.67
N LEU B 513 13.80 13.02 -34.64
CA LEU B 513 13.13 11.75 -34.82
C LEU B 513 13.08 11.04 -33.47
N GLU B 514 11.88 10.63 -33.07
CA GLU B 514 11.68 9.89 -31.82
C GLU B 514 11.44 8.42 -32.16
N ILE B 515 12.29 7.56 -31.63
CA ILE B 515 12.23 6.13 -31.92
C ILE B 515 11.13 5.47 -31.11
N ASN B 516 11.21 5.55 -29.79
CA ASN B 516 10.21 4.90 -28.95
C ASN B 516 8.80 5.35 -29.31
N ASP B 517 8.63 6.65 -29.57
CA ASP B 517 7.34 7.16 -30.03
C ASP B 517 7.06 6.84 -31.49
N LEU B 518 8.09 6.57 -32.28
CA LEU B 518 7.93 6.29 -33.70
C LEU B 518 7.29 7.48 -34.42
N THR B 519 7.89 8.65 -34.29
CA THR B 519 7.31 9.82 -34.94
C THR B 519 8.33 10.94 -35.01
N ILE B 520 7.87 12.12 -35.38
CA ILE B 520 8.71 13.30 -35.52
C ILE B 520 8.37 14.26 -34.39
N LYS B 521 9.30 15.17 -34.11
CA LYS B 521 9.05 16.24 -33.15
C LYS B 521 9.70 17.50 -33.68
N VAL B 522 8.88 18.51 -33.95
CA VAL B 522 9.36 19.79 -34.46
C VAL B 522 9.68 20.68 -33.28
N LEU B 523 10.94 21.09 -33.15
CA LEU B 523 11.39 21.87 -32.00
C LEU B 523 10.93 23.31 -32.17
N GLY B 524 9.91 23.69 -31.41
CA GLY B 524 9.36 25.02 -31.49
C GLY B 524 10.15 26.03 -30.68
N ASP B 525 9.65 27.26 -30.68
CA ASP B 525 10.34 28.35 -30.00
C ASP B 525 10.44 28.09 -28.49
N GLU B 526 9.32 27.72 -27.87
CA GLU B 526 9.30 27.37 -26.46
C GLU B 526 8.84 25.95 -26.20
N ARG B 527 7.99 25.38 -27.05
CA ARG B 527 7.47 24.04 -26.86
C ARG B 527 7.71 23.22 -28.13
N ASP B 528 8.15 21.98 -27.95
CA ASP B 528 8.37 21.07 -29.06
C ASP B 528 7.08 20.31 -29.33
N ASP B 529 6.64 20.34 -30.59
CA ASP B 529 5.32 19.85 -30.97
C ASP B 529 5.45 18.59 -31.81
N TYR B 530 4.63 17.58 -31.50
CA TYR B 530 4.52 16.42 -32.37
C TYR B 530 3.80 16.80 -33.66
N LEU B 531 3.98 15.98 -34.69
CA LEU B 531 3.32 16.24 -35.95
C LEU B 531 1.80 16.15 -35.84
N SER B 532 1.28 15.52 -34.79
CA SER B 532 -0.16 15.38 -34.65
C SER B 532 -0.83 16.73 -34.43
N GLU B 533 -0.25 17.57 -33.58
CA GLU B 533 -0.90 18.80 -33.15
C GLU B 533 -0.54 20.00 -34.02
N ILE B 534 -0.20 19.79 -35.29
CA ILE B 534 0.07 20.87 -36.24
C ILE B 534 -0.81 20.67 -37.46
N GLY B 535 -1.50 21.73 -37.87
CA GLY B 535 -2.39 21.71 -39.00
C GLY B 535 -1.66 22.00 -40.30
N SER B 536 -2.38 22.63 -41.23
CA SER B 536 -1.83 22.98 -42.54
C SER B 536 -1.35 21.72 -43.26
N GLY B 537 -2.33 20.87 -43.59
CA GLY B 537 -2.07 19.54 -44.07
C GLY B 537 -0.94 19.41 -45.08
N SER B 538 -0.64 20.47 -45.81
CA SER B 538 0.46 20.41 -46.78
C SER B 538 1.81 20.26 -46.11
N ASN B 539 1.93 20.60 -44.83
CA ASN B 539 3.23 20.50 -44.16
C ASN B 539 3.59 19.05 -43.86
N TRP B 540 2.59 18.21 -43.61
CA TRP B 540 2.87 16.82 -43.28
C TRP B 540 3.53 16.10 -44.45
N LEU B 541 3.11 16.40 -45.66
CA LEU B 541 3.76 15.79 -46.82
C LEU B 541 5.23 16.16 -46.88
N SER B 542 5.54 17.43 -46.63
CA SER B 542 6.95 17.84 -46.64
C SER B 542 7.74 17.13 -45.56
N TYR B 543 7.17 17.01 -44.36
CA TYR B 543 7.91 16.34 -43.29
C TYR B 543 8.15 14.87 -43.63
N HIS B 544 7.13 14.18 -44.14
CA HIS B 544 7.31 12.80 -44.54
C HIS B 544 8.41 12.66 -45.58
N LEU B 545 8.37 13.48 -46.63
CA LEU B 545 9.39 13.39 -47.66
C LEU B 545 10.78 13.59 -47.07
N ALA B 546 10.93 14.65 -46.26
CA ALA B 546 12.25 14.94 -45.70
C ALA B 546 12.77 13.74 -44.92
N ILE B 547 11.98 13.22 -43.99
CA ILE B 547 12.48 12.16 -43.12
C ILE B 547 12.80 10.91 -43.91
N LEU B 548 11.89 10.48 -44.77
CA LEU B 548 12.13 9.23 -45.49
C LEU B 548 13.34 9.34 -46.41
N LEU B 549 13.46 10.44 -47.15
CA LEU B 549 14.60 10.56 -48.05
C LEU B 549 15.90 10.64 -47.26
N SER B 550 15.91 11.32 -46.12
CA SER B 550 17.13 11.35 -45.31
C SER B 550 17.50 9.95 -44.86
N LEU B 551 16.52 9.16 -44.42
CA LEU B 551 16.84 7.80 -43.96
C LEU B 551 17.40 6.96 -45.09
N HIS B 552 16.80 7.04 -46.28
CA HIS B 552 17.31 6.23 -47.39
C HIS B 552 18.68 6.70 -47.86
N GLN B 553 18.96 8.01 -47.79
CA GLN B 553 20.30 8.46 -48.11
C GLN B 553 21.31 7.97 -47.07
N PHE B 554 20.88 7.82 -45.82
CA PHE B 554 21.79 7.29 -44.81
C PHE B 554 22.06 5.81 -45.02
N TYR B 555 21.04 5.03 -45.33
CA TYR B 555 21.24 3.58 -45.43
C TYR B 555 22.28 3.23 -46.48
N LEU B 556 22.36 3.99 -47.57
CA LEU B 556 23.39 3.74 -48.56
C LEU B 556 24.77 4.20 -48.11
N SER B 557 24.84 5.11 -47.14
CA SER B 557 26.12 5.63 -46.66
C SER B 557 26.89 4.63 -45.83
N GLN B 558 26.29 3.49 -45.48
CA GLN B 558 26.92 2.47 -44.67
C GLN B 558 27.30 1.28 -45.53
N LYS B 559 27.79 0.23 -44.88
CA LYS B 559 28.21 -1.00 -45.54
C LYS B 559 27.37 -2.15 -45.03
N ASN B 560 26.83 -2.96 -45.94
CA ASN B 560 26.06 -4.14 -45.61
C ASN B 560 24.84 -3.78 -44.75
N ASN B 561 23.95 -2.99 -45.34
CA ASN B 561 22.72 -2.64 -44.64
C ASN B 561 21.57 -3.53 -45.13
N PRO B 562 20.64 -3.95 -44.27
CA PRO B 562 19.59 -4.86 -44.74
C PRO B 562 18.52 -4.20 -45.59
N VAL B 563 18.19 -2.95 -45.34
CA VAL B 563 17.03 -2.31 -45.97
C VAL B 563 17.22 -2.30 -47.48
N PRO B 564 16.27 -2.81 -48.26
CA PRO B 564 16.39 -2.69 -49.71
C PRO B 564 16.39 -1.23 -50.14
N SER B 565 17.10 -0.96 -51.23
CA SER B 565 17.24 0.42 -51.70
C SER B 565 16.21 0.75 -52.76
N PHE B 566 14.95 0.88 -52.38
CA PHE B 566 13.92 1.42 -53.26
C PHE B 566 12.76 1.88 -52.40
N LEU B 567 11.95 2.77 -52.96
CA LEU B 567 10.86 3.40 -52.21
C LEU B 567 9.64 3.54 -53.11
N ILE B 568 8.46 3.45 -52.52
CA ILE B 568 7.20 3.54 -53.25
C ILE B 568 6.34 4.59 -52.57
N LEU B 569 5.81 5.52 -53.36
CA LEU B 569 4.91 6.55 -52.86
C LEU B 569 3.61 6.49 -53.63
N ASP B 570 2.50 6.68 -52.94
CA ASP B 570 1.17 6.61 -53.53
C ASP B 570 0.49 7.96 -53.39
N GLN B 571 0.29 8.64 -54.52
CA GLN B 571 -0.45 9.90 -54.56
C GLN B 571 0.05 10.89 -53.50
N PRO B 572 1.30 11.32 -53.60
CA PRO B 572 1.79 12.35 -52.66
C PRO B 572 1.07 13.68 -52.81
N SER B 573 0.40 13.91 -53.93
CA SER B 573 -0.18 15.22 -54.22
C SER B 573 -1.65 15.34 -53.85
N GLN B 574 -2.20 14.38 -53.10
CA GLN B 574 -3.63 14.41 -52.81
C GLN B 574 -4.04 15.59 -51.96
N VAL B 575 -3.09 16.30 -51.34
CA VAL B 575 -3.42 17.51 -50.60
C VAL B 575 -3.52 18.73 -51.49
N TYR B 576 -3.44 18.54 -52.81
CA TYR B 576 -3.43 19.61 -53.80
C TYR B 576 -4.37 19.25 -54.95
N PHE B 577 -5.65 19.02 -54.62
CA PHE B 577 -6.60 18.42 -55.55
C PHE B 577 -6.26 18.81 -56.99
N PRO B 578 -6.11 17.84 -57.91
CA PRO B 578 -5.65 18.12 -59.28
C PRO B 578 -6.47 19.20 -60.00
N GLU B 597 0.57 28.88 -55.98
CA GLU B 597 -0.51 27.97 -56.33
C GLU B 597 -0.04 26.52 -56.20
N ASP B 598 -0.97 25.59 -56.37
CA ASP B 598 -0.65 24.18 -56.25
C ASP B 598 0.39 23.75 -57.29
N VAL B 599 0.22 24.22 -58.53
CA VAL B 599 1.14 23.82 -59.59
C VAL B 599 2.54 24.34 -59.32
N GLU B 600 2.67 25.32 -58.43
CA GLU B 600 3.98 25.81 -58.04
C GLU B 600 4.57 25.06 -56.86
N ALA B 601 3.72 24.44 -56.03
CA ALA B 601 4.23 23.70 -54.88
C ALA B 601 4.59 22.28 -55.26
N VAL B 602 3.75 21.62 -56.06
CA VAL B 602 4.00 20.23 -56.41
C VAL B 602 5.36 20.09 -57.08
N ARG B 603 5.70 21.04 -57.95
CA ARG B 603 6.95 20.92 -58.70
C ARG B 603 8.15 20.98 -57.78
N ARG B 604 8.06 21.74 -56.69
CA ARG B 604 9.16 21.78 -55.73
C ARG B 604 9.45 20.40 -55.17
N ALA B 605 8.40 19.71 -54.71
CA ALA B 605 8.60 18.37 -54.14
C ALA B 605 9.15 17.43 -55.20
N PHE B 606 8.60 17.47 -56.41
CA PHE B 606 9.09 16.55 -57.43
C PHE B 606 10.56 16.80 -57.73
N LYS B 607 10.97 18.06 -57.83
CA LYS B 607 12.36 18.31 -58.18
C LYS B 607 13.29 18.01 -57.01
N ALA B 608 12.82 18.13 -55.78
CA ALA B 608 13.64 17.69 -54.65
C ALA B 608 13.84 16.17 -54.69
N MET B 609 12.77 15.42 -54.99
CA MET B 609 12.91 13.98 -55.16
C MET B 609 13.94 13.67 -56.24
N GLY B 610 13.84 14.35 -57.38
CA GLY B 610 14.78 14.12 -58.46
C GLY B 610 16.21 14.43 -58.06
N ASN B 611 16.41 15.53 -57.34
CA ASN B 611 17.75 15.88 -56.90
C ASN B 611 18.33 14.79 -56.01
N VAL B 612 17.53 14.30 -55.06
CA VAL B 612 18.04 13.26 -54.16
C VAL B 612 18.40 12.01 -54.96
N VAL B 613 17.54 11.61 -55.89
CA VAL B 613 17.87 10.42 -56.67
C VAL B 613 19.16 10.63 -57.45
N ILE B 614 19.31 11.79 -58.09
CA ILE B 614 20.50 12.04 -58.89
C ILE B 614 21.74 11.99 -58.02
N LYS B 615 21.64 12.50 -56.80
CA LYS B 615 22.80 12.54 -55.92
C LYS B 615 23.27 11.16 -55.46
N GLU B 616 22.66 10.07 -55.91
CA GLU B 616 23.00 8.73 -55.45
C GLU B 616 23.42 7.80 -56.57
N LYS B 617 23.94 8.35 -57.67
CA LYS B 617 24.56 7.54 -58.72
C LYS B 617 23.67 6.36 -59.13
N GLY B 618 22.37 6.55 -59.10
CA GLY B 618 21.46 5.52 -59.56
C GLY B 618 21.33 4.33 -58.65
N LYS B 619 21.84 4.41 -57.41
CA LYS B 619 21.68 3.30 -56.47
C LYS B 619 20.29 3.24 -55.86
N LEU B 620 19.55 4.35 -55.89
CA LEU B 620 18.24 4.45 -55.26
C LEU B 620 17.17 4.60 -56.34
N GLN B 621 16.08 3.85 -56.20
CA GLN B 621 14.96 3.93 -57.13
C GLN B 621 13.70 4.31 -56.37
N LEU B 622 12.92 5.22 -56.95
CA LEU B 622 11.62 5.59 -56.44
C LEU B 622 10.55 5.30 -57.48
N ILE B 623 9.42 4.79 -57.00
CA ILE B 623 8.23 4.63 -57.82
C ILE B 623 7.15 5.51 -57.22
N VAL B 624 6.42 6.23 -58.07
CA VAL B 624 5.37 7.13 -57.63
C VAL B 624 4.11 6.80 -58.42
N LEU B 625 3.01 6.58 -57.70
CA LEU B 625 1.70 6.42 -58.31
C LEU B 625 0.97 7.73 -58.08
N ASP B 626 0.96 8.58 -59.11
CA ASP B 626 0.43 9.92 -58.99
C ASP B 626 -0.39 10.22 -60.23
N HIS B 627 -1.21 11.28 -60.12
CA HIS B 627 -2.09 11.70 -61.20
C HIS B 627 -2.06 13.21 -61.44
N ALA B 628 -0.95 13.87 -61.14
CA ALA B 628 -0.82 15.28 -61.46
C ALA B 628 -0.64 15.45 -62.97
N PRO B 629 -0.91 16.64 -63.52
CA PRO B 629 -0.73 16.83 -64.97
C PRO B 629 0.72 16.67 -65.38
N ARG B 630 0.91 16.18 -66.60
CA ARG B 630 2.27 15.95 -67.10
C ARG B 630 3.09 17.24 -67.14
N GLU B 631 2.43 18.39 -67.20
CA GLU B 631 3.15 19.65 -67.26
C GLU B 631 3.82 20.03 -65.95
N VAL B 632 3.50 19.33 -64.86
CA VAL B 632 4.10 19.65 -63.57
C VAL B 632 5.52 19.09 -63.45
N TRP B 633 5.84 18.05 -64.20
CA TRP B 633 7.13 17.39 -64.10
C TRP B 633 7.60 17.00 -65.49
N GLY B 634 8.66 16.19 -65.55
CA GLY B 634 9.23 15.72 -66.78
C GLY B 634 10.44 16.51 -67.23
N GLU B 635 10.45 17.82 -66.97
CA GLU B 635 11.57 18.67 -67.37
C GLU B 635 12.69 18.67 -66.34
N ILE B 636 12.53 17.94 -65.24
CA ILE B 636 13.51 18.00 -64.17
C ILE B 636 14.55 16.89 -64.36
N ASP B 637 15.71 17.08 -63.74
CA ASP B 637 16.77 16.08 -63.80
C ASP B 637 16.42 14.88 -62.93
N GLY B 638 16.54 13.69 -63.50
CA GLY B 638 16.33 12.47 -62.76
C GLY B 638 14.93 11.90 -62.77
N VAL B 639 13.95 12.64 -63.30
CA VAL B 639 12.56 12.21 -63.32
C VAL B 639 12.27 11.60 -64.68
N VAL B 640 11.46 10.55 -64.69
CA VAL B 640 11.09 9.85 -65.91
C VAL B 640 9.61 9.50 -65.85
N GLY B 641 8.92 9.67 -66.98
CA GLY B 641 7.54 9.24 -67.09
C GLY B 641 7.18 8.97 -68.54
N LEU B 642 6.63 7.79 -68.82
CA LEU B 642 6.33 7.44 -70.19
C LEU B 642 4.82 7.40 -70.41
N PRO B 643 4.36 7.62 -71.65
CA PRO B 643 2.92 7.61 -71.90
C PRO B 643 2.23 6.31 -71.54
N GLU B 644 2.93 5.19 -71.63
CA GLU B 644 2.38 3.90 -71.20
C GLU B 644 2.48 3.82 -69.69
N TRP B 645 2.32 2.63 -69.13
CA TRP B 645 2.25 2.39 -67.69
C TRP B 645 0.87 2.71 -67.13
N ARG B 646 -0.12 2.89 -67.98
CA ARG B 646 -1.48 3.09 -67.50
C ARG B 646 -1.94 1.86 -66.74
N ASP B 647 -2.52 2.09 -65.56
CA ASP B 647 -2.91 1.01 -64.67
C ASP B 647 -4.42 1.06 -64.46
N GLY B 648 -4.93 0.07 -63.73
CA GLY B 648 -6.36 -0.13 -63.60
C GLY B 648 -6.84 -1.16 -64.61
N ILE B 649 -8.09 -1.02 -65.07
CA ILE B 649 -8.57 -1.92 -66.11
C ILE B 649 -7.73 -1.79 -67.38
N LYS B 650 -7.21 -0.59 -67.66
CA LYS B 650 -6.35 -0.38 -68.80
C LYS B 650 -4.99 -1.05 -68.65
N LEU B 651 -4.70 -1.61 -67.47
CA LEU B 651 -3.52 -2.45 -67.33
C LEU B 651 -3.56 -3.64 -68.27
N VAL B 652 -4.72 -4.30 -68.35
CA VAL B 652 -4.88 -5.49 -69.19
C VAL B 652 -4.80 -5.07 -70.65
N PRO B 653 -4.14 -5.84 -71.52
CA PRO B 653 -4.15 -5.50 -72.95
C PRO B 653 -5.54 -5.57 -73.54
N MET B 654 -5.80 -4.71 -74.52
CA MET B 654 -7.07 -4.73 -75.23
C MET B 654 -7.26 -6.02 -76.02
N GLU B 655 -6.18 -6.68 -76.45
CA GLU B 655 -6.31 -7.97 -77.09
C GLU B 655 -7.10 -8.94 -76.22
N TRP B 656 -6.91 -8.87 -74.91
CA TRP B 656 -7.63 -9.69 -73.95
C TRP B 656 -8.96 -9.02 -73.65
N LEU B 657 -9.68 -9.38 -72.59
CA LEU B 657 -10.98 -8.81 -72.23
C LEU B 657 -12.13 -9.40 -73.04
N THR B 658 -11.83 -10.26 -74.01
CA THR B 658 -12.90 -10.92 -74.77
C THR B 658 -12.79 -12.44 -74.63
N GLY B 659 -11.63 -13.00 -74.91
CA GLY B 659 -11.45 -14.44 -74.91
C GLY B 659 -10.48 -14.95 -73.87
N VAL B 660 -10.34 -14.21 -72.77
CA VAL B 660 -9.45 -14.62 -71.69
C VAL B 660 -10.19 -14.54 -70.36
N TRP C 243 21.89 -10.63 68.08
CA TRP C 243 21.39 -9.80 69.22
C TRP C 243 21.09 -8.37 68.77
N TYR C 244 21.92 -7.87 67.86
CA TYR C 244 21.74 -6.54 67.27
C TYR C 244 21.52 -6.59 65.77
N LYS C 245 22.23 -7.47 65.07
CA LYS C 245 22.02 -7.60 63.63
C LYS C 245 20.63 -8.17 63.32
N ALA C 246 20.14 -9.09 64.15
CA ALA C 246 18.80 -9.60 63.95
C ALA C 246 17.76 -8.50 64.12
N TYR C 247 17.91 -7.66 65.14
CA TYR C 247 16.92 -6.62 65.39
C TYR C 247 16.96 -5.55 64.30
N VAL C 248 18.16 -5.11 63.90
CA VAL C 248 18.25 -4.13 62.83
C VAL C 248 17.68 -4.72 61.54
N GLN C 249 17.95 -6.01 61.28
CA GLN C 249 17.37 -6.65 60.11
C GLN C 249 15.85 -6.64 60.17
N LYS C 250 15.28 -6.98 61.33
CA LYS C 250 13.83 -7.04 61.43
C LYS C 250 13.20 -5.66 61.25
N ILE C 251 13.81 -4.62 61.85
CA ILE C 251 13.23 -3.29 61.67
C ILE C 251 13.38 -2.82 60.24
N ASP C 252 14.50 -3.15 59.57
CA ASP C 252 14.63 -2.83 58.17
C ASP C 252 13.57 -3.54 57.34
N ARG C 253 13.30 -4.80 57.68
CA ARG C 253 12.25 -5.54 57.00
C ARG C 253 10.89 -4.87 57.19
N GLN C 254 10.59 -4.45 58.42
CA GLN C 254 9.32 -3.79 58.67
C GLN C 254 9.21 -2.48 57.88
N MET C 255 10.28 -1.70 57.87
CA MET C 255 10.27 -0.44 57.13
C MET C 255 10.06 -0.68 55.65
N VAL C 256 10.82 -1.62 55.07
CA VAL C 256 10.72 -1.88 53.64
C VAL C 256 9.34 -2.41 53.29
N LEU C 257 8.81 -3.32 54.10
CA LEU C 257 7.56 -3.99 53.76
C LEU C 257 6.35 -3.09 53.94
N SER C 258 6.32 -2.29 54.99
CA SER C 258 5.10 -1.60 55.42
C SER C 258 5.37 -0.09 55.51
N SER C 259 5.28 0.60 54.39
CA SER C 259 5.34 2.06 54.42
C SER C 259 4.43 2.74 53.40
N ARG C 260 3.61 2.00 52.64
CA ARG C 260 2.85 2.57 51.54
C ARG C 260 1.44 2.01 51.54
N ALA C 261 0.52 2.74 50.92
CA ALA C 261 -0.87 2.31 50.76
C ALA C 261 -1.58 3.33 49.87
N GLN C 262 -2.83 3.01 49.51
CA GLN C 262 -3.61 3.95 48.71
C GLN C 262 -3.74 5.29 49.41
N ALA C 263 -3.95 5.28 50.71
CA ALA C 263 -3.98 6.48 51.53
C ALA C 263 -3.32 6.15 52.86
N PRO C 264 -2.05 6.55 53.08
CA PRO C 264 -1.37 6.17 54.33
C PRO C 264 -2.21 6.51 55.55
N VAL C 265 -2.67 5.46 56.24
CA VAL C 265 -3.56 5.65 57.37
C VAL C 265 -2.77 6.19 58.55
N LYS C 266 -3.25 7.28 59.15
CA LYS C 266 -2.55 7.89 60.26
C LYS C 266 -2.40 6.95 61.45
N GLU C 267 -3.28 5.95 61.58
CA GLU C 267 -3.10 4.93 62.61
C GLU C 267 -1.87 4.09 62.33
N LYS C 268 -1.55 3.86 61.05
CA LYS C 268 -0.39 3.08 60.65
C LYS C 268 0.72 3.98 60.08
N ALA C 269 0.73 5.26 60.47
CA ALA C 269 1.75 6.18 60.02
C ALA C 269 2.97 6.19 60.93
N GLN C 270 2.76 6.41 62.24
CA GLN C 270 3.87 6.34 63.19
C GLN C 270 4.29 4.90 63.45
N GLU C 271 3.39 3.94 63.26
CA GLU C 271 3.67 2.52 63.40
C GLU C 271 3.60 1.86 62.03
N TYR C 272 4.28 0.72 61.90
CA TYR C 272 4.48 0.06 60.61
C TYR C 272 3.64 -1.21 60.49
N LEU C 273 2.40 -1.15 60.94
CA LEU C 273 1.51 -2.30 60.79
C LEU C 273 1.41 -2.65 59.30
N PRO C 274 1.66 -3.90 58.92
CA PRO C 274 1.56 -4.25 57.49
C PRO C 274 0.14 -4.11 56.98
N ASP C 275 0.04 -3.79 55.69
CA ASP C 275 -1.26 -3.60 55.05
C ASP C 275 -2.01 -4.92 55.02
N LYS C 276 -3.26 -4.85 54.55
CA LYS C 276 -4.14 -6.01 54.64
C LYS C 276 -3.61 -7.18 53.82
N PHE C 277 -3.09 -6.92 52.62
CA PHE C 277 -2.65 -8.00 51.75
C PHE C 277 -1.38 -8.66 52.29
N VAL C 278 -0.41 -7.86 52.73
CA VAL C 278 0.79 -8.42 53.31
C VAL C 278 0.46 -9.18 54.59
N GLN C 279 -0.49 -8.68 55.37
CA GLN C 279 -0.92 -9.41 56.55
C GLN C 279 -1.55 -10.75 56.16
N GLN C 280 -2.41 -10.75 55.15
CA GLN C 280 -3.02 -12.00 54.71
C GLN C 280 -1.96 -12.97 54.23
N LEU C 281 -0.86 -12.46 53.68
CA LEU C 281 0.24 -13.35 53.30
C LEU C 281 0.95 -13.90 54.53
N GLU C 282 1.21 -13.05 55.52
CA GLU C 282 1.91 -13.50 56.72
C GLU C 282 1.05 -14.44 57.56
N ILE C 283 -0.26 -14.46 57.36
CA ILE C 283 -1.10 -15.42 58.04
C ILE C 283 -0.68 -16.85 57.68
N ILE C 284 -0.47 -17.11 56.39
CA ILE C 284 0.03 -18.41 55.95
C ILE C 284 1.54 -18.52 56.10
N GLY C 285 2.23 -17.44 56.42
CA GLY C 285 3.66 -17.51 56.68
C GLY C 285 4.51 -17.77 55.46
N LEU C 286 4.24 -17.11 54.34
CA LEU C 286 5.10 -17.23 53.18
C LEU C 286 6.48 -16.67 53.50
N PRO C 287 7.53 -17.15 52.84
CA PRO C 287 8.87 -16.62 53.08
C PRO C 287 8.93 -15.13 52.78
N TYR C 288 10.08 -14.55 53.11
CA TYR C 288 10.28 -13.11 52.97
C TYR C 288 10.34 -12.68 51.50
N GLU C 289 11.14 -13.37 50.70
CA GLU C 289 11.30 -12.96 49.31
C GLU C 289 9.99 -13.04 48.55
N GLU C 290 9.12 -13.99 48.88
CA GLU C 290 7.83 -14.05 48.22
C GLU C 290 6.99 -12.81 48.55
N ILE C 291 7.09 -12.33 49.79
CA ILE C 291 6.40 -11.09 50.15
C ILE C 291 6.95 -9.93 49.32
N LEU C 292 8.27 -9.86 49.14
CA LEU C 292 8.80 -8.80 48.30
C LEU C 292 8.26 -8.89 46.88
N GLY C 293 8.19 -10.11 46.33
CA GLY C 293 7.62 -10.26 45.00
C GLY C 293 6.19 -9.76 44.93
N ALA C 294 5.39 -10.08 45.95
CA ALA C 294 4.01 -9.62 45.97
C ALA C 294 3.92 -8.10 45.99
N ILE C 295 4.77 -7.47 46.81
CA ILE C 295 4.76 -6.01 46.86
C ILE C 295 5.07 -5.42 45.49
N SER C 296 6.09 -5.97 44.83
CA SER C 296 6.44 -5.44 43.50
C SER C 296 5.28 -5.63 42.53
N ASP C 297 4.61 -6.79 42.57
CA ASP C 297 3.48 -7.01 41.68
C ASP C 297 2.40 -5.96 41.90
N TYR C 298 2.05 -5.70 43.15
CA TYR C 298 1.02 -4.72 43.44
C TYR C 298 1.39 -3.34 42.93
N LEU C 299 2.62 -2.90 43.21
CA LEU C 299 3.03 -1.56 42.76
C LEU C 299 3.01 -1.45 41.23
N MET C 300 3.54 -2.45 40.55
CA MET C 300 3.60 -2.38 39.09
C MET C 300 2.21 -2.40 38.48
N ALA C 301 1.30 -3.19 39.03
CA ALA C 301 -0.06 -3.18 38.52
C ALA C 301 -0.70 -1.82 38.69
N SER C 302 -0.49 -1.17 39.85
CA SER C 302 -1.04 0.16 40.03
C SER C 302 -0.50 1.13 38.97
N PHE C 303 0.80 1.09 38.73
CA PHE C 303 1.36 1.99 37.73
C PHE C 303 0.78 1.72 36.35
N ASP C 304 0.62 0.44 35.99
CA ASP C 304 0.09 0.12 34.67
C ASP C 304 -1.33 0.65 34.51
N ARG C 305 -2.17 0.49 35.53
CA ARG C 305 -3.52 1.01 35.42
C ARG C 305 -3.50 2.52 35.28
N THR C 306 -2.67 3.21 36.06
CA THR C 306 -2.57 4.65 35.93
C THR C 306 -2.21 5.05 34.50
N ASP C 307 -1.20 4.39 33.93
CA ASP C 307 -0.74 4.75 32.59
C ASP C 307 -1.82 4.50 31.55
N TRP C 308 -2.44 3.33 31.59
CA TRP C 308 -3.47 3.03 30.59
C TRP C 308 -4.61 4.02 30.67
N ALA C 309 -5.02 4.40 31.88
CA ALA C 309 -6.05 5.44 31.98
C ALA C 309 -5.55 6.75 31.41
N ALA C 310 -4.29 7.12 31.69
CA ALA C 310 -3.77 8.40 31.23
C ALA C 310 -3.52 8.43 29.74
N ARG C 311 -3.59 7.30 29.04
CA ARG C 311 -3.51 7.29 27.59
C ARG C 311 -4.88 7.32 26.92
N GLY C 312 -5.96 7.28 27.69
CA GLY C 312 -7.28 7.24 27.10
C GLY C 312 -7.67 5.92 26.48
N GLU C 313 -6.84 4.89 26.66
CA GLU C 313 -7.14 3.58 26.10
C GLU C 313 -8.20 2.83 26.89
N VAL C 314 -8.45 3.23 28.14
CA VAL C 314 -9.40 2.55 29.02
C VAL C 314 -10.24 3.59 29.74
N ASP C 315 -11.38 3.14 30.25
CA ASP C 315 -12.33 4.02 30.92
C ASP C 315 -12.81 3.34 32.19
N GLU C 316 -13.85 3.91 32.81
CA GLU C 316 -14.36 3.36 34.06
C GLU C 316 -14.99 1.99 33.86
N THR C 317 -15.89 1.85 32.89
CA THR C 317 -16.66 0.62 32.76
C THR C 317 -15.81 -0.59 32.40
N SER C 318 -14.58 -0.38 31.95
CA SER C 318 -13.75 -1.50 31.53
C SER C 318 -13.45 -2.45 32.69
N PHE C 319 -13.15 -1.89 33.87
CA PHE C 319 -12.64 -2.71 34.97
C PHE C 319 -13.73 -3.46 35.73
N ASP C 320 -14.99 -3.09 35.57
CA ASP C 320 -16.05 -3.69 36.40
C ASP C 320 -16.27 -5.16 36.04
N ASP C 321 -16.30 -5.47 34.74
CA ASP C 321 -16.46 -6.86 34.34
C ASP C 321 -15.29 -7.69 34.85
N LEU C 322 -14.08 -7.14 34.77
CA LEU C 322 -12.91 -7.84 35.30
C LEU C 322 -13.06 -8.08 36.80
N ASP C 323 -13.52 -7.08 37.54
CA ASP C 323 -13.68 -7.22 38.97
C ASP C 323 -14.67 -8.32 39.31
N THR C 324 -15.85 -8.30 38.67
CA THR C 324 -16.85 -9.33 38.97
C THR C 324 -16.37 -10.71 38.56
N ALA C 325 -15.64 -10.80 37.44
CA ALA C 325 -15.09 -12.08 37.01
C ALA C 325 -14.10 -12.61 38.05
N LEU C 326 -13.23 -11.74 38.56
CA LEU C 326 -12.30 -12.18 39.59
C LEU C 326 -13.04 -12.66 40.83
N GLN C 327 -14.07 -11.93 41.25
CA GLN C 327 -14.82 -12.33 42.43
C GLN C 327 -15.45 -13.70 42.23
N ARG C 328 -16.13 -13.90 41.10
CA ARG C 328 -16.81 -15.17 40.86
C ARG C 328 -15.81 -16.32 40.77
N THR C 329 -14.69 -16.10 40.07
CA THR C 329 -13.69 -17.15 39.97
C THR C 329 -13.12 -17.50 41.33
N TRP C 330 -12.81 -16.49 42.14
CA TRP C 330 -12.24 -16.79 43.45
C TRP C 330 -13.23 -17.54 44.33
N LYS C 331 -14.51 -17.19 44.24
CA LYS C 331 -15.52 -17.97 44.97
C LYS C 331 -15.51 -19.43 44.54
N ASN C 332 -15.54 -19.67 43.23
CA ASN C 332 -15.58 -21.05 42.76
C ASN C 332 -14.33 -21.82 43.20
N LYS C 333 -13.16 -21.22 43.04
CA LYS C 333 -11.93 -21.92 43.40
C LYS C 333 -11.81 -22.11 44.91
N GLN C 334 -12.29 -21.14 45.69
CA GLN C 334 -12.32 -21.32 47.14
C GLN C 334 -13.19 -22.51 47.53
N ARG C 335 -14.38 -22.60 46.94
CA ARG C 335 -15.26 -23.72 47.23
C ARG C 335 -14.60 -25.04 46.83
N ILE C 336 -13.98 -25.08 45.65
CA ILE C 336 -13.36 -26.31 45.17
C ILE C 336 -12.22 -26.72 46.08
N CYS C 337 -11.37 -25.76 46.46
CA CYS C 337 -10.25 -26.08 47.34
C CYS C 337 -10.73 -26.58 48.70
N GLY C 338 -11.76 -25.94 49.25
CA GLY C 338 -12.30 -26.42 50.51
C GLY C 338 -12.85 -27.83 50.39
N LEU C 339 -13.56 -28.11 49.30
CA LEU C 339 -14.13 -29.45 49.12
C LEU C 339 -13.05 -30.50 48.97
N THR C 340 -12.01 -30.20 48.19
CA THR C 340 -11.05 -31.23 47.81
C THR C 340 -10.09 -31.59 48.93
N HIS C 341 -9.61 -30.61 49.70
CA HIS C 341 -8.52 -30.84 50.65
C HIS C 341 -8.88 -30.29 52.02
N SER C 342 -10.10 -30.56 52.48
CA SER C 342 -10.50 -30.12 53.80
C SER C 342 -9.66 -30.75 54.90
N GLU C 343 -9.03 -31.89 54.63
CA GLU C 343 -8.30 -32.62 55.66
C GLU C 343 -6.97 -31.96 56.01
N LYS C 344 -6.36 -31.24 55.08
CA LYS C 344 -5.02 -30.70 55.30
C LYS C 344 -5.04 -29.61 56.35
N SER C 345 -3.85 -29.33 56.90
CA SER C 345 -3.71 -28.24 57.84
C SER C 345 -4.14 -26.94 57.17
N GLU C 346 -4.68 -26.03 57.99
CA GLU C 346 -5.32 -24.85 57.43
C GLU C 346 -4.32 -23.98 56.67
N GLN C 347 -3.11 -23.79 57.20
CA GLN C 347 -2.11 -23.04 56.47
C GLN C 347 -1.76 -23.71 55.16
N ASP C 348 -1.80 -25.04 55.12
CA ASP C 348 -1.59 -25.73 53.85
C ASP C 348 -2.68 -25.38 52.86
N GLN C 349 -3.93 -25.29 53.32
CA GLN C 349 -5.01 -24.86 52.44
C GLN C 349 -4.76 -23.45 51.93
N GLY C 350 -4.27 -22.57 52.82
CA GLY C 350 -3.95 -21.22 52.38
C GLY C 350 -2.88 -21.20 51.30
N LYS C 351 -1.79 -21.94 51.52
CA LYS C 351 -0.75 -22.03 50.50
C LYS C 351 -1.33 -22.53 49.19
N LEU C 352 -2.13 -23.59 49.26
CA LEU C 352 -2.74 -24.13 48.05
C LEU C 352 -3.50 -23.06 47.31
N LEU C 353 -4.56 -22.53 47.94
CA LEU C 353 -5.39 -21.55 47.25
C LEU C 353 -4.56 -20.40 46.71
N TYR C 354 -3.61 -19.91 47.50
CA TYR C 354 -2.76 -18.81 47.07
C TYR C 354 -2.02 -19.17 45.78
N PHE C 355 -1.60 -20.43 45.66
CA PHE C 355 -0.78 -20.79 44.50
C PHE C 355 -1.60 -21.31 43.32
N GLU C 356 -2.87 -21.68 43.51
CA GLU C 356 -3.68 -22.05 42.35
C GLU C 356 -4.40 -20.82 41.77
N CYS C 357 -4.91 -19.94 42.64
CA CYS C 357 -5.68 -18.81 42.13
C CYS C 357 -4.86 -17.97 41.14
N MET C 358 -3.56 -17.85 41.37
CA MET C 358 -2.72 -17.00 40.53
C MET C 358 -2.41 -17.63 39.18
N GLN C 359 -2.19 -18.94 39.13
CA GLN C 359 -1.80 -19.59 37.88
C GLN C 359 -2.93 -19.66 36.87
N PHE C 360 -4.17 -19.82 37.32
CA PHE C 360 -5.28 -19.94 36.39
C PHE C 360 -5.50 -18.63 35.63
N ASN C 361 -5.83 -18.76 34.36
CA ASN C 361 -6.10 -17.59 33.52
C ASN C 361 -7.46 -16.99 33.86
N ILE C 362 -7.67 -15.77 33.39
CA ILE C 362 -8.92 -15.06 33.64
C ILE C 362 -9.38 -14.42 32.34
N PRO C 363 -10.66 -14.50 31.98
CA PRO C 363 -11.13 -13.89 30.73
C PRO C 363 -11.10 -12.37 30.80
N LEU C 364 -10.91 -11.74 29.64
CA LEU C 364 -10.89 -10.28 29.53
C LEU C 364 -10.87 -9.92 28.05
N GLN C 365 -10.71 -8.63 27.79
CA GLN C 365 -10.89 -8.09 26.44
C GLN C 365 -9.72 -8.49 25.55
N ALA C 366 -9.69 -7.92 24.34
CA ALA C 366 -8.63 -8.17 23.38
C ALA C 366 -7.36 -7.47 23.89
N MET C 367 -6.61 -8.19 24.70
CA MET C 367 -5.50 -7.61 25.45
C MET C 367 -4.42 -8.66 25.66
N SER C 368 -3.22 -8.20 25.99
CA SER C 368 -2.10 -9.09 26.27
C SER C 368 -1.53 -8.75 27.62
N PRO C 369 -2.17 -9.14 28.73
CA PRO C 369 -1.67 -8.75 30.04
C PRO C 369 -0.31 -9.37 30.32
N PRO C 370 0.69 -8.58 30.68
CA PRO C 370 1.98 -9.17 31.07
C PRO C 370 1.81 -10.03 32.31
N SER C 371 2.92 -10.66 32.72
CA SER C 371 2.87 -11.63 33.82
C SER C 371 2.45 -10.97 35.13
N HIS C 372 2.94 -9.75 35.38
CA HIS C 372 2.78 -9.10 36.67
C HIS C 372 1.54 -8.25 36.77
N PHE C 373 0.48 -8.52 36.01
CA PHE C 373 -0.74 -7.74 36.12
C PHE C 373 -1.76 -8.40 37.04
N ILE C 374 -2.21 -9.61 36.70
CA ILE C 374 -3.26 -10.25 37.50
C ILE C 374 -2.87 -10.35 38.96
N PRO C 375 -1.65 -10.72 39.32
CA PRO C 375 -1.30 -10.73 40.75
C PRO C 375 -1.52 -9.39 41.44
N GLY C 376 -1.21 -8.29 40.76
CA GLY C 376 -1.42 -6.99 41.38
C GLY C 376 -2.88 -6.67 41.61
N CYS C 377 -3.75 -6.99 40.66
CA CYS C 377 -5.18 -6.82 40.88
C CYS C 377 -5.68 -7.69 42.02
N TYR C 378 -5.20 -8.93 42.09
CA TYR C 378 -5.60 -9.78 43.22
C TYR C 378 -5.11 -9.20 44.54
N HIS C 379 -3.92 -8.62 44.57
CA HIS C 379 -3.41 -8.03 45.80
C HIS C 379 -4.23 -6.80 46.20
N ILE C 380 -4.66 -5.99 45.23
CA ILE C 380 -5.53 -4.87 45.55
C ILE C 380 -6.84 -5.38 46.13
N LEU C 381 -7.42 -6.40 45.51
CA LEU C 381 -8.67 -6.97 46.03
C LEU C 381 -8.47 -7.47 47.46
N ALA C 382 -7.35 -8.15 47.71
CA ALA C 382 -7.08 -8.65 49.06
C ALA C 382 -6.95 -7.51 50.05
N ASP C 383 -6.29 -6.42 49.65
CA ASP C 383 -6.13 -5.28 50.54
C ASP C 383 -7.48 -4.75 51.01
N SER C 384 -8.53 -4.97 50.23
CA SER C 384 -9.87 -4.54 50.58
C SER C 384 -10.67 -5.62 51.30
N LEU C 385 -10.06 -6.76 51.59
CA LEU C 385 -10.74 -7.85 52.29
C LEU C 385 -11.97 -8.32 51.51
N ALA C 386 -11.85 -8.32 50.18
CA ALA C 386 -12.86 -8.95 49.34
C ALA C 386 -12.51 -10.38 48.97
N VAL C 387 -11.22 -10.71 48.98
CA VAL C 387 -10.74 -12.07 48.78
C VAL C 387 -9.67 -12.34 49.82
N GLY C 388 -9.39 -13.62 50.06
CA GLY C 388 -8.48 -14.02 51.10
C GLY C 388 -7.75 -15.29 50.74
N TRP C 389 -6.64 -15.53 51.44
CA TRP C 389 -5.81 -16.71 51.26
C TRP C 389 -6.01 -17.70 52.40
N HIS C 390 -7.18 -17.68 53.00
CA HIS C 390 -7.52 -18.52 54.14
C HIS C 390 -9.04 -18.48 54.30
N PRO C 391 -9.74 -19.62 54.38
CA PRO C 391 -11.20 -19.58 54.37
C PRO C 391 -11.77 -18.75 55.51
N ASN C 392 -11.08 -18.75 56.64
CA ASN C 392 -11.47 -17.93 57.78
C ASN C 392 -10.39 -16.87 58.02
N TYR C 393 -9.89 -16.27 56.93
CA TYR C 393 -8.91 -15.20 57.07
C TYR C 393 -9.43 -14.09 57.95
N THR C 394 -10.74 -13.87 57.95
CA THR C 394 -11.32 -12.74 58.67
C THR C 394 -11.11 -12.88 60.17
N THR C 395 -11.32 -14.09 60.71
CA THR C 395 -11.13 -14.31 62.13
C THR C 395 -9.68 -14.14 62.54
N GLN C 396 -8.76 -14.72 61.78
CA GLN C 396 -7.34 -14.52 62.07
C GLN C 396 -6.98 -13.04 61.97
N LEU C 397 -7.68 -12.30 61.12
CA LEU C 397 -7.39 -10.88 60.98
C LEU C 397 -7.89 -10.09 62.20
N LYS C 398 -9.07 -10.42 62.71
CA LYS C 398 -9.44 -9.86 64.01
C LYS C 398 -8.42 -10.21 65.08
N ASN C 399 -7.94 -11.46 65.10
CA ASN C 399 -6.95 -11.83 66.10
C ASN C 399 -5.69 -10.98 65.96
N LYS C 400 -5.24 -10.76 64.71
CA LYS C 400 -4.05 -9.96 64.50
C LYS C 400 -4.25 -8.51 64.91
N LYS C 401 -5.38 -7.89 64.55
CA LYS C 401 -5.59 -6.50 64.97
C LYS C 401 -5.64 -6.41 66.49
N VAL C 402 -6.27 -7.40 67.14
CA VAL C 402 -6.17 -7.48 68.60
C VAL C 402 -4.72 -7.67 69.02
N ALA C 403 -3.99 -8.54 68.32
CA ALA C 403 -2.58 -8.76 68.60
C ALA C 403 -1.76 -7.53 68.25
N MET D 1 -11.39 0.91 44.05
CA MET D 1 -10.10 0.18 44.13
C MET D 1 -9.53 -0.04 42.73
N LEU D 2 -10.28 -0.73 41.87
CA LEU D 2 -9.89 -0.96 40.50
C LEU D 2 -10.33 0.16 39.57
N ALA D 3 -10.70 1.32 40.11
CA ALA D 3 -11.07 2.47 39.30
C ALA D 3 -10.50 3.78 39.81
N ARG D 4 -9.78 3.76 40.94
CA ARG D 4 -9.29 5.01 41.51
C ARG D 4 -8.36 5.73 40.55
N GLU D 5 -7.46 4.99 39.91
CA GLU D 5 -6.53 5.62 39.00
C GLU D 5 -7.26 6.31 37.85
N ALA D 6 -8.18 5.60 37.21
CA ALA D 6 -8.92 6.20 36.10
C ALA D 6 -9.74 7.39 36.57
N GLN D 7 -10.45 7.25 37.69
CA GLN D 7 -11.28 8.35 38.17
C GLN D 7 -10.45 9.58 38.48
N ASN D 8 -9.21 9.39 38.93
CA ASN D 8 -8.37 10.54 39.18
C ASN D 8 -7.79 11.13 37.90
N ILE D 9 -7.51 10.29 36.89
CA ILE D 9 -6.86 10.79 35.69
C ILE D 9 -7.85 11.35 34.69
N GLN D 10 -9.14 11.03 34.81
CA GLN D 10 -10.16 11.51 33.89
C GLN D 10 -11.29 12.19 34.64
N ASN D 11 -10.96 13.05 35.59
CA ASN D 11 -11.91 13.77 36.39
C ASN D 11 -12.54 14.92 35.61
N PRO D 12 -13.83 15.19 35.83
CA PRO D 12 -14.49 16.26 35.05
C PRO D 12 -13.99 17.66 35.37
N ALA D 13 -13.31 17.85 36.49
CA ALA D 13 -12.78 19.18 36.80
C ALA D 13 -11.69 19.60 35.81
N LEU D 14 -11.23 18.69 34.96
CA LEU D 14 -10.34 19.05 33.86
C LEU D 14 -11.11 19.22 32.56
N GLY D 15 -12.10 18.37 32.34
CA GLY D 15 -12.93 18.51 31.15
C GLY D 15 -13.64 19.85 31.12
N ALA D 16 -14.01 20.37 32.29
CA ALA D 16 -14.64 21.68 32.34
C ALA D 16 -13.72 22.76 31.79
N ALA D 17 -12.46 22.77 32.24
CA ALA D 17 -11.52 23.75 31.71
C ALA D 17 -11.29 23.56 30.22
N LEU D 18 -11.19 22.31 29.77
CA LEU D 18 -10.97 22.08 28.34
C LEU D 18 -12.13 22.63 27.51
N VAL D 19 -13.37 22.37 27.94
CA VAL D 19 -14.51 22.89 27.20
C VAL D 19 -14.56 24.41 27.28
N TRP D 20 -14.18 24.99 28.42
CA TRP D 20 -14.16 26.45 28.50
C TRP D 20 -13.20 27.03 27.47
N ARG D 21 -11.99 26.47 27.37
CA ARG D 21 -11.06 26.97 26.36
C ARG D 21 -11.56 26.73 24.95
N PHE D 22 -12.21 25.59 24.71
CA PHE D 22 -12.73 25.34 23.37
C PHE D 22 -13.76 26.37 22.96
N CYS D 23 -14.71 26.70 23.84
CA CYS D 23 -15.70 27.71 23.48
C CYS D 23 -15.06 29.08 23.32
N CYS D 24 -14.14 29.44 24.22
CA CYS D 24 -13.51 30.75 24.11
C CYS D 24 -12.70 30.88 22.83
N GLY D 25 -12.18 29.77 22.31
CA GLY D 25 -11.48 29.80 21.03
C GLY D 25 -12.39 29.68 19.83
N TYR D 26 -13.57 29.11 20.00
CA TYR D 26 -14.52 29.02 18.90
C TYR D 26 -15.16 30.36 18.62
N VAL D 27 -15.52 31.10 19.67
CA VAL D 27 -16.18 32.40 19.44
C VAL D 27 -15.24 33.35 18.73
N LYS D 28 -13.94 33.27 18.98
CA LYS D 28 -13.02 34.26 18.45
C LYS D 28 -13.00 34.26 16.92
N THR D 29 -12.95 33.09 16.29
CA THR D 29 -12.85 33.00 14.84
C THR D 29 -14.18 32.77 14.16
N ASN D 30 -15.28 32.73 14.91
CA ASN D 30 -16.58 32.62 14.26
C ASN D 30 -16.86 33.87 13.45
N ARG D 31 -17.61 33.71 12.36
CA ARG D 31 -17.84 34.82 11.45
C ARG D 31 -18.63 35.94 12.10
N VAL D 32 -19.64 35.61 12.90
CA VAL D 32 -20.48 36.62 13.54
C VAL D 32 -20.40 36.48 15.05
N SER D 33 -19.30 35.88 15.54
CA SER D 33 -19.03 35.78 16.97
C SER D 33 -20.14 35.05 17.72
N ALA D 34 -20.83 34.14 17.05
CA ALA D 34 -21.84 33.34 17.71
C ALA D 34 -21.19 32.14 18.40
N PRO D 35 -21.59 31.82 19.63
CA PRO D 35 -21.02 30.66 20.32
C PRO D 35 -21.48 29.36 19.68
N PRO D 36 -20.78 28.27 19.92
CA PRO D 36 -20.92 27.07 19.09
C PRO D 36 -22.21 26.32 19.38
N PRO D 37 -22.63 25.43 18.48
CA PRO D 37 -23.80 24.59 18.77
C PRO D 37 -23.50 23.61 19.88
N LEU D 38 -24.56 23.11 20.49
CA LEU D 38 -24.41 22.18 21.60
C LEU D 38 -23.73 20.87 21.23
N PRO D 39 -24.09 20.20 20.13
CA PRO D 39 -23.50 18.89 19.86
C PRO D 39 -21.98 18.90 19.76
N PHE D 40 -21.39 19.96 19.22
CA PHE D 40 -19.94 19.99 19.04
C PHE D 40 -19.20 19.95 20.36
N LEU D 41 -19.87 20.29 21.47
CA LEU D 41 -19.20 20.23 22.77
C LEU D 41 -18.81 18.81 23.14
N PHE D 42 -19.54 17.81 22.64
CA PHE D 42 -19.23 16.42 22.93
C PHE D 42 -17.98 15.91 22.22
N LEU D 43 -17.41 16.67 21.29
CA LEU D 43 -16.27 16.22 20.52
C LEU D 43 -14.95 16.81 21.01
N VAL D 44 -14.93 17.41 22.20
CA VAL D 44 -13.69 18.01 22.69
C VAL D 44 -12.82 16.95 23.35
N LEU D 45 -13.32 16.34 24.42
CA LEU D 45 -12.51 15.36 25.14
C LEU D 45 -12.16 14.15 24.29
N PRO D 46 -13.09 13.54 23.55
CA PRO D 46 -12.73 12.36 22.76
C PRO D 46 -11.61 12.59 21.77
N ILE D 47 -11.14 13.81 21.60
CA ILE D 47 -10.02 14.11 20.71
C ILE D 47 -8.80 14.58 21.49
N ILE D 48 -9.00 15.31 22.58
CA ILE D 48 -7.87 15.88 23.31
C ILE D 48 -7.35 14.91 24.36
N LEU D 49 -8.22 14.07 24.93
CA LEU D 49 -7.82 13.10 25.94
C LEU D 49 -7.50 11.73 25.34
N HIS D 50 -7.08 11.69 24.08
CA HIS D 50 -6.60 10.47 23.44
C HIS D 50 -5.30 10.80 22.73
N GLN D 51 -4.22 10.13 23.12
CA GLN D 51 -2.89 10.57 22.72
C GLN D 51 -2.70 10.53 21.22
N GLU D 52 -3.13 9.45 20.57
CA GLU D 52 -2.83 9.28 19.15
C GLU D 52 -3.47 10.37 18.29
N THR D 53 -4.57 10.95 18.75
CA THR D 53 -5.20 12.05 18.00
C THR D 53 -4.67 13.40 18.45
N SER D 54 -4.34 13.52 19.74
CA SER D 54 -3.79 14.77 20.24
C SER D 54 -2.47 15.09 19.56
N GLU D 55 -1.67 14.07 19.26
CA GLU D 55 -0.42 14.32 18.55
C GLU D 55 -0.69 14.91 17.16
N PHE D 56 -1.66 14.34 16.45
CA PHE D 56 -2.02 14.90 15.14
C PHE D 56 -2.45 16.35 15.29
N VAL D 57 -3.30 16.65 16.28
CA VAL D 57 -3.74 18.03 16.48
C VAL D 57 -2.54 18.91 16.79
N LYS D 58 -1.52 18.37 17.44
CA LYS D 58 -0.37 19.17 17.84
C LYS D 58 0.54 19.45 16.65
N ARG D 59 0.64 18.52 15.70
CA ARG D 59 1.63 18.65 14.64
C ARG D 59 1.27 19.76 13.66
N THR D 60 0.14 19.63 12.99
CA THR D 60 -0.26 20.61 11.98
C THR D 60 -0.59 21.93 12.67
N TYR D 61 0.11 23.00 12.30
CA TYR D 61 0.01 24.26 13.00
C TYR D 61 -1.22 25.04 12.54
N LYS D 62 -1.41 26.22 13.13
CA LYS D 62 -2.74 26.85 13.15
C LYS D 62 -3.30 27.09 11.76
N SER D 63 -2.51 27.66 10.86
CA SER D 63 -3.03 28.11 9.58
C SER D 63 -3.26 26.98 8.59
N SER D 64 -3.20 25.74 9.03
CA SER D 64 -3.45 24.60 8.14
C SER D 64 -4.92 24.29 7.96
N GLY D 65 -5.75 24.59 8.95
CA GLY D 65 -7.17 24.32 8.83
C GLY D 65 -7.52 22.90 9.21
N LEU D 66 -8.82 22.68 9.45
CA LEU D 66 -9.27 21.36 9.86
C LEU D 66 -9.03 20.31 8.78
N ARG D 67 -9.02 20.72 7.52
CA ARG D 67 -8.90 19.76 6.43
C ARG D 67 -7.55 19.04 6.48
N ALA D 68 -6.48 19.77 6.77
CA ALA D 68 -5.17 19.13 6.87
C ALA D 68 -5.13 18.13 8.02
N PHE D 69 -5.70 18.49 9.17
CA PHE D 69 -5.75 17.58 10.30
C PHE D 69 -6.49 16.30 9.92
N ALA D 70 -7.63 16.45 9.25
CA ALA D 70 -8.36 15.27 8.81
C ALA D 70 -7.55 14.44 7.82
N ALA D 71 -6.84 15.11 6.90
CA ALA D 71 -6.13 14.39 5.85
C ALA D 71 -4.92 13.63 6.38
N LYS D 72 -4.28 14.13 7.44
CA LYS D 72 -3.10 13.43 7.96
C LYS D 72 -3.39 11.97 8.27
N PHE D 73 -4.62 11.65 8.67
CA PHE D 73 -4.94 10.28 9.07
C PHE D 73 -4.83 9.32 7.89
N GLY D 74 -5.22 9.75 6.69
CA GLY D 74 -5.21 8.90 5.52
C GLY D 74 -3.91 8.89 4.75
N ASP D 75 -2.88 9.59 5.23
CA ASP D 75 -1.63 9.67 4.50
C ASP D 75 -1.02 8.28 4.34
N SER D 76 -0.39 8.04 3.19
CA SER D 76 0.19 6.73 2.92
C SER D 76 1.33 6.42 3.89
N SER D 77 2.16 7.40 4.21
CA SER D 77 3.29 7.19 5.11
C SER D 77 2.86 6.95 6.55
N VAL D 78 1.59 7.17 6.88
CA VAL D 78 1.07 7.01 8.23
C VAL D 78 0.02 5.90 8.30
N SER D 79 -0.97 5.95 7.41
CA SER D 79 -1.94 4.88 7.26
C SER D 79 -2.69 4.62 8.57
N LYS D 80 -3.46 5.63 8.97
CA LYS D 80 -4.31 5.55 10.15
C LYS D 80 -5.72 6.04 9.85
N GLN D 81 -6.27 5.67 8.70
CA GLN D 81 -7.60 6.11 8.33
C GLN D 81 -8.68 5.52 9.23
N ASP D 82 -8.34 4.50 10.03
CA ASP D 82 -9.36 3.89 10.88
C ASP D 82 -9.65 4.72 12.11
N LEU D 83 -8.66 5.45 12.64
CA LEU D 83 -8.90 6.26 13.83
C LEU D 83 -9.92 7.36 13.57
N LEU D 84 -9.98 7.86 12.34
CA LEU D 84 -10.94 8.89 12.01
C LEU D 84 -12.36 8.42 12.31
N PHE D 85 -12.69 7.21 11.88
CA PHE D 85 -14.03 6.68 12.15
C PHE D 85 -14.21 6.38 13.63
N GLN D 86 -13.15 5.95 14.32
CA GLN D 86 -13.25 5.63 15.74
C GLN D 86 -13.44 6.86 16.62
N ILE D 87 -13.13 8.05 16.10
CA ILE D 87 -13.39 9.26 16.88
C ILE D 87 -14.85 9.32 17.30
N HIS D 88 -15.76 9.08 16.37
CA HIS D 88 -17.18 9.14 16.69
C HIS D 88 -17.58 8.08 17.70
N GLU D 89 -17.08 6.86 17.55
CA GLU D 89 -17.42 5.80 18.50
C GLU D 89 -16.95 6.15 19.90
N ARG D 90 -15.71 6.63 20.01
CA ARG D 90 -15.19 7.04 21.31
C ARG D 90 -15.99 8.18 21.89
N SER D 91 -16.42 9.13 21.06
CA SER D 91 -17.27 10.21 21.55
C SER D 91 -18.58 9.67 22.09
N ILE D 92 -19.17 8.69 21.43
CA ILE D 92 -20.36 8.05 21.99
C ILE D 92 -20.03 7.45 23.35
N ARG D 93 -18.89 6.76 23.45
CA ARG D 93 -18.59 6.01 24.66
C ARG D 93 -18.52 6.91 25.89
N TRP D 94 -18.14 8.17 25.71
CA TRP D 94 -17.85 9.07 26.84
C TRP D 94 -18.91 10.15 26.99
N ARG D 95 -20.18 9.79 26.85
CA ARG D 95 -21.22 10.79 26.99
C ARG D 95 -21.30 11.35 28.41
N GLN D 96 -21.28 10.47 29.42
CA GLN D 96 -21.46 10.93 30.79
C GLN D 96 -20.31 11.81 31.26
N LEU D 97 -19.08 11.46 30.90
CA LEU D 97 -17.94 12.24 31.34
C LEU D 97 -18.02 13.67 30.81
N SER D 98 -18.28 13.83 29.52
CA SER D 98 -18.39 15.16 28.95
C SER D 98 -19.60 15.90 29.52
N LEU D 99 -20.68 15.16 29.78
CA LEU D 99 -21.85 15.79 30.39
C LEU D 99 -21.52 16.39 31.74
N ARG D 100 -20.82 15.63 32.59
CA ARG D 100 -20.44 16.16 33.89
C ARG D 100 -19.48 17.33 33.75
N SER D 101 -18.56 17.25 32.79
CA SER D 101 -17.65 18.37 32.58
C SER D 101 -18.42 19.63 32.23
N ILE D 102 -19.42 19.52 31.36
CA ILE D 102 -20.24 20.67 31.01
C ILE D 102 -20.97 21.20 32.23
N GLU D 103 -21.52 20.30 33.04
CA GLU D 103 -22.22 20.73 34.25
C GLU D 103 -21.31 21.57 35.13
N LEU D 104 -20.11 21.05 35.44
CA LEU D 104 -19.18 21.81 36.25
C LEU D 104 -18.79 23.11 35.57
N ALA D 105 -18.69 23.11 34.25
CA ALA D 105 -18.29 24.32 33.54
C ALA D 105 -19.32 25.43 33.74
N VAL D 106 -20.60 25.12 33.54
CA VAL D 106 -21.63 26.14 33.69
C VAL D 106 -21.79 26.52 35.16
N ALA D 107 -21.83 25.54 36.06
CA ALA D 107 -22.07 25.82 37.47
C ALA D 107 -20.97 26.67 38.09
N SER D 108 -19.81 26.76 37.46
CA SER D 108 -18.72 27.59 37.95
C SER D 108 -18.71 28.97 37.31
N ASP D 109 -19.72 29.29 36.49
CA ASP D 109 -19.76 30.56 35.77
C ASP D 109 -18.61 30.65 34.76
N LEU D 110 -18.42 29.58 33.99
CA LEU D 110 -17.52 29.57 32.85
C LEU D 110 -18.26 29.57 31.52
N LEU D 111 -19.46 28.98 31.49
CA LEU D 111 -20.31 29.00 30.32
C LEU D 111 -21.73 29.29 30.75
N LYS D 112 -22.48 30.01 29.91
CA LYS D 112 -23.90 30.24 30.10
C LYS D 112 -24.66 29.44 29.05
N LEU D 113 -25.42 28.44 29.49
CA LEU D 113 -26.20 27.61 28.58
C LEU D 113 -27.50 28.35 28.26
N GLN D 114 -27.55 28.99 27.10
CA GLN D 114 -28.75 29.69 26.69
C GLN D 114 -29.84 28.68 26.35
N ASP D 115 -31.08 29.15 26.33
CA ASP D 115 -32.19 28.28 25.95
C ASP D 115 -32.32 28.25 24.44
N GLY D 116 -31.21 27.96 23.76
CA GLY D 116 -31.18 27.91 22.31
C GLY D 116 -30.24 26.85 21.78
N SER D 117 -29.94 25.84 22.61
CA SER D 117 -28.96 24.81 22.26
C SER D 117 -27.60 25.44 21.97
N ASP D 118 -27.25 26.44 22.77
CA ASP D 118 -26.02 27.21 22.55
C ASP D 118 -25.45 27.61 23.91
N VAL D 119 -24.14 27.85 23.94
CA VAL D 119 -23.43 28.09 25.20
C VAL D 119 -22.50 29.28 25.00
N ILE D 120 -22.79 30.38 25.69
CA ILE D 120 -21.96 31.58 25.62
C ILE D 120 -20.75 31.40 26.53
N PRO D 121 -19.52 31.50 26.02
CA PRO D 121 -18.36 31.47 26.90
C PRO D 121 -18.19 32.80 27.61
N LEU D 122 -17.39 32.79 28.68
CA LEU D 122 -17.20 33.94 29.54
C LEU D 122 -15.73 34.32 29.59
N SER D 123 -15.47 35.62 29.70
CA SER D 123 -14.11 36.12 29.85
C SER D 123 -13.84 36.51 31.30
N LYS D 124 -12.68 37.12 31.55
CA LYS D 124 -12.35 37.70 32.84
C LYS D 124 -12.08 36.65 33.91
N THR D 125 -11.48 35.52 33.55
CA THR D 125 -11.10 34.50 34.51
C THR D 125 -9.81 33.84 34.04
N LYS D 126 -8.88 33.61 34.96
CA LYS D 126 -7.59 33.01 34.62
C LYS D 126 -7.10 32.17 35.79
N ALA D 127 -6.61 30.97 35.49
CA ALA D 127 -6.02 30.10 36.50
C ALA D 127 -4.51 30.34 36.60
N ARG D 128 -3.90 29.74 37.61
CA ARG D 128 -2.48 29.91 37.83
C ARG D 128 -1.95 28.74 38.67
N GLY D 129 -0.67 28.43 38.47
CA GLY D 129 -0.02 27.36 39.19
C GLY D 129 -0.21 25.98 38.63
N LEU D 130 -0.73 25.85 37.41
CA LEU D 130 -0.99 24.54 36.84
C LEU D 130 0.31 23.90 36.37
N SER D 131 0.22 22.60 36.03
CA SER D 131 1.37 21.85 35.56
C SER D 131 1.61 22.10 34.08
N ASP D 132 2.84 21.81 33.64
CA ASP D 132 3.17 22.02 32.25
C ASP D 132 2.37 21.12 31.32
N GLU D 133 2.14 19.87 31.73
CA GLU D 133 1.49 18.92 30.84
C GLU D 133 0.10 19.38 30.45
N VAL D 134 -0.72 19.76 31.44
CA VAL D 134 -2.07 20.24 31.14
C VAL D 134 -2.00 21.56 30.39
N LYS D 135 -0.98 22.37 30.67
CA LYS D 135 -0.81 23.65 30.00
C LYS D 135 -0.59 23.51 28.50
N THR D 136 -0.49 22.28 27.99
CA THR D 136 -0.50 22.03 26.56
C THR D 136 -1.83 21.51 26.06
N LEU D 137 -2.53 20.71 26.87
CA LEU D 137 -3.89 20.32 26.50
C LEU D 137 -4.79 21.54 26.38
N MET D 138 -4.59 22.54 27.25
CA MET D 138 -5.41 23.74 27.16
C MET D 138 -5.22 24.42 25.81
N ASP D 139 -3.98 24.63 25.39
CA ASP D 139 -3.73 25.30 24.11
C ASP D 139 -4.20 24.43 22.95
N LEU D 140 -4.09 23.12 23.06
CA LEU D 140 -4.63 22.26 22.00
C LEU D 140 -6.14 22.43 21.88
N ALA D 141 -6.83 22.50 23.02
CA ALA D 141 -8.27 22.73 22.97
C ALA D 141 -8.60 24.06 22.33
N GLU D 142 -7.85 25.11 22.68
CA GLU D 142 -8.09 26.42 22.07
C GLU D 142 -7.88 26.38 20.57
N LYS D 143 -6.79 25.74 20.12
CA LYS D 143 -6.53 25.65 18.69
C LYS D 143 -7.65 24.88 17.98
N LEU D 144 -8.11 23.78 18.59
CA LEU D 144 -9.18 23.02 17.97
C LEU D 144 -10.44 23.85 17.85
N GLY D 145 -10.76 24.63 18.88
CA GLY D 145 -11.91 25.51 18.78
C GLY D 145 -11.76 26.52 17.66
N SER D 146 -10.58 27.13 17.55
CA SER D 146 -10.36 28.07 16.45
C SER D 146 -10.58 27.40 15.10
N TRP D 147 -10.06 26.18 14.93
CA TRP D 147 -10.28 25.47 13.68
C TRP D 147 -11.75 25.24 13.43
N PHE D 148 -12.50 24.83 14.45
CA PHE D 148 -13.93 24.61 14.27
C PHE D 148 -14.65 25.89 13.88
N GLY D 149 -14.14 27.05 14.33
CA GLY D 149 -14.86 28.29 14.10
C GLY D 149 -14.99 28.65 12.63
N GLU D 150 -13.91 28.49 11.87
CA GLU D 150 -13.86 29.00 10.51
C GLU D 150 -14.83 28.32 9.56
N LEU D 151 -15.41 27.18 9.94
CA LEU D 151 -16.22 26.38 9.04
C LEU D 151 -17.67 26.36 9.50
N SER D 152 -18.51 25.69 8.71
CA SER D 152 -19.91 25.51 9.05
C SER D 152 -20.16 24.08 9.52
N ILE D 153 -21.41 23.82 9.88
CA ILE D 153 -21.77 22.52 10.44
C ILE D 153 -21.55 21.41 9.42
N HIS D 154 -22.08 21.59 8.21
CA HIS D 154 -22.04 20.52 7.22
C HIS D 154 -20.59 20.17 6.88
N GLU D 155 -19.75 21.18 6.70
CA GLU D 155 -18.35 20.91 6.34
C GLU D 155 -17.63 20.16 7.44
N VAL D 156 -17.85 20.54 8.70
CA VAL D 156 -17.19 19.84 9.81
C VAL D 156 -17.67 18.40 9.88
N VAL D 157 -18.97 18.18 9.75
CA VAL D 157 -19.52 16.83 9.81
C VAL D 157 -18.93 15.97 8.70
N THR D 158 -18.81 16.52 7.50
CA THR D 158 -18.20 15.75 6.42
C THR D 158 -16.73 15.50 6.67
N THR D 159 -16.01 16.47 7.25
CA THR D 159 -14.56 16.33 7.38
C THR D 159 -14.21 15.31 8.47
N LEU D 160 -14.87 15.36 9.61
CA LEU D 160 -14.59 14.43 10.69
C LEU D 160 -15.43 13.16 10.60
N LYS D 161 -16.28 13.04 9.58
CA LYS D 161 -17.09 11.85 9.38
C LYS D 161 -17.87 11.51 10.66
N VAL D 162 -18.42 12.53 11.27
CA VAL D 162 -19.27 12.37 12.44
C VAL D 162 -20.70 12.17 11.97
N LYS D 163 -21.55 11.66 12.87
CA LYS D 163 -22.98 11.51 12.61
C LYS D 163 -23.72 12.04 13.84
N LEU D 164 -24.36 13.19 13.67
CA LEU D 164 -25.14 13.79 14.75
C LEU D 164 -26.63 13.57 14.51
#